data_6YRA
#
_entry.id   6YRA
#
_cell.length_a   195.377
_cell.length_b   167.367
_cell.length_c   87.965
_cell.angle_alpha   90.00
_cell.angle_beta   90.00
_cell.angle_gamma   90.00
#
_symmetry.space_group_name_H-M   'P 21 21 2'
#
loop_
_entity.id
_entity.type
_entity.pdbx_description
1 polymer Hydantoinase
2 polymer 5-oxoprolinase
3 non-polymer 'ZINC ION'
#
loop_
_entity_poly.entity_id
_entity_poly.type
_entity_poly.pdbx_seq_one_letter_code
_entity_poly.pdbx_strand_id
1 'polypeptide(L)'
;MNTVDPITLAVVRGALETAQREMTLTLEKTSRSSVFNLAHDYSNALFDHLPEMILQGQDIPIHLGSLIPAMKCVAGFFGD
EIAEGDVIYHNDPAYMGSHILDCCMYKPVFYKGELVFWTVCKGHLTDIGGPVPAGYNPDAKEIYAEGLRIPPVKLWAQGQ
RREDVINLLLTNMRARAYQEGDLNAQYGACSVGERHLIELLDRYGVDQVRACITELKDMADRHMRALLRDVPDGFYSGTA
ILEDSGHGLGELSITAQVEIRGDEAHVLIESPPQVPYFINSYAGNSISGVYLGLMMFAQVPPPYNEGLYRCVSVDLGPSG
TLCNAQEPAPHVNCTTTPMETLADAVRLALEQAAPERVTASWGHASGINIAGHDPRNNNDEYVTMVLASVISGAGANKAM
DGWPACGPLCCFGALMSGDIELLEYSYPVLIHRYSLMTDSGGAGEFRGGSGTRLELEPLKHAMTVVGFGEGRQLPTAGAA
GAKNVLLEPKLGRLIHRHVDGEEDHYIQNTLLTAQPGERVINVNPGGGGYGDPLRRPLATVLADVRNGLVSIDGARLEYG
VVIDGNGQLDEAATHAHRAAH
;
B,D
2 'polypeptide(L)'
;MSKQQYRLGIDAGGTFTDFILADHQGNVQLFKAPSTPHDGTLAIRNGLAQIADALGRTPAEIIADCDLCINGTTVALNAL
IEKTGVKVGLLCTDGHEDSLEIRLGHKEDGHRYDATYPPAHMLVPRHLRRPIGGRIISDGSEFSPLDEAAIHAAIDYFRE
QQVQAVAISFVWSVRNPSHEQRAMAMVRAALPDVFVCSGHEVFPQIREYTRTSTTVVNAYLSPVMGRYIERIDALFEELG
AQQPTRYFQSNGGLAPGVVMRERAVNAINSGPASAPQAGLCVAQPFGIDNVITVDMGGTSFDITLSKGGRTNFSKDSDFL
RYRIGVPMIQVETLGAGGGSIAHLDDFGMLQVGPRSAGANPGPVCYGKGGVEPTVTDANLALGYLADGALLGGSIRLNRQ
AAIDAIRSKIAEPLGISVERAAVGIITLVNLSMVSGIRRVSIERGYDPRDFALIGAGGAAGMHVMRLAEEIGSKVVLIPK
VASGLCAFGQILSDIRYDQLTTLPMRLDDEFVDLEQLNQALQQLRERGMTNLRDDGFGGDNRIECQYSLEIRYLGQIHEC
SVELSCDRLDRSSLAALRESFHQRHKALFSYSEPNSPVELVNLECSVIARLQRPPMPELATPLKATAAIPAGHRPMLFNA
QDDWQDTPVYNGDRIEVGQIIQGPCVIEEATTNILVPPGWRVSLDPSATYELTPGH
;
A,C
#
# COMPACT_ATOMS: atom_id res chain seq x y z
N ASN A 2 -5.51 41.39 -24.24
CA ASN A 2 -5.02 42.60 -24.91
C ASN A 2 -4.49 43.63 -23.92
N THR A 3 -4.80 43.47 -22.63
CA THR A 3 -4.22 44.30 -21.59
C THR A 3 -2.97 43.69 -20.97
N VAL A 4 -2.25 42.88 -21.74
CA VAL A 4 -1.06 42.17 -21.28
C VAL A 4 0.15 42.97 -21.73
N ASP A 5 0.88 43.53 -20.80
CA ASP A 5 2.09 44.29 -21.12
C ASP A 5 3.21 43.38 -21.61
N PRO A 6 3.76 43.59 -22.80
CA PRO A 6 4.77 42.66 -23.34
C PRO A 6 6.02 42.55 -22.48
N ILE A 7 6.58 43.68 -22.05
CA ILE A 7 7.75 43.64 -21.17
C ILE A 7 7.47 42.76 -19.96
N THR A 8 6.35 43.03 -19.29
CA THR A 8 6.01 42.27 -18.10
C THR A 8 5.64 40.83 -18.44
N LEU A 9 5.10 40.60 -19.64
CA LEU A 9 4.90 39.23 -20.12
C LEU A 9 6.21 38.45 -20.14
N ALA A 10 7.23 39.00 -20.81
CA ALA A 10 8.53 38.33 -20.85
C ALA A 10 9.12 38.19 -19.47
N VAL A 11 8.94 39.19 -18.61
CA VAL A 11 9.45 39.12 -17.24
C VAL A 11 8.81 37.93 -16.51
N VAL A 12 7.48 37.80 -16.63
CA VAL A 12 6.78 36.71 -15.96
C VAL A 12 7.27 35.35 -16.44
N ARG A 13 7.30 35.17 -17.77
CA ARG A 13 7.75 33.88 -18.30
C ARG A 13 9.20 33.58 -17.88
N GLY A 14 10.08 34.59 -17.89
CA GLY A 14 11.46 34.37 -17.49
C GLY A 14 11.63 34.05 -16.01
N ALA A 15 10.88 34.74 -15.15
CA ALA A 15 10.88 34.39 -13.73
C ALA A 15 10.45 32.95 -13.51
N LEU A 16 9.44 32.51 -14.25
CA LEU A 16 9.02 31.11 -14.17
C LEU A 16 10.15 30.17 -14.60
N GLU A 17 10.86 30.53 -15.67
CA GLU A 17 12.00 29.73 -16.11
C GLU A 17 13.06 29.63 -15.01
N THR A 18 13.24 30.73 -14.28
CA THR A 18 14.21 30.72 -13.18
C THR A 18 13.80 29.76 -12.08
N ALA A 19 12.54 29.83 -11.65
CA ALA A 19 12.05 28.92 -10.61
C ALA A 19 12.14 27.47 -11.05
N GLN A 20 11.82 27.19 -12.32
CA GLN A 20 11.93 25.83 -12.83
C GLN A 20 13.35 25.31 -12.70
N ARG A 21 14.34 26.12 -13.09
CA ARG A 21 15.72 25.68 -12.93
C ARG A 21 16.02 25.43 -11.46
N GLU A 22 15.56 26.32 -10.57
CA GLU A 22 15.82 26.18 -9.14
C GLU A 22 15.36 24.82 -8.62
N MET A 23 14.11 24.45 -8.96
CA MET A 23 13.58 23.15 -8.51
C MET A 23 14.36 21.99 -9.13
N THR A 24 14.55 22.05 -10.44
CA THR A 24 15.25 20.98 -11.14
C THR A 24 16.63 20.75 -10.56
N LEU A 25 17.28 21.80 -10.06
CA LEU A 25 18.61 21.66 -9.47
C LEU A 25 18.54 21.05 -8.08
N THR A 26 17.54 21.48 -7.29
CA THR A 26 17.26 20.84 -6.00
C THR A 26 17.22 19.32 -6.15
N LEU A 27 16.47 18.82 -7.13
CA LEU A 27 16.50 17.37 -7.36
C LEU A 27 17.80 16.90 -8.01
N GLU A 28 18.35 17.67 -8.95
CA GLU A 28 19.47 17.21 -9.77
C GLU A 28 20.67 16.81 -8.93
N LYS A 29 20.92 17.52 -7.84
CA LYS A 29 22.13 17.17 -7.11
C LYS A 29 21.88 16.30 -5.87
N THR A 30 20.62 16.07 -5.49
CA THR A 30 20.29 15.25 -4.33
C THR A 30 19.44 14.01 -4.58
N SER A 31 18.76 13.89 -5.72
CA SER A 31 17.67 12.93 -5.80
C SER A 31 18.11 11.49 -6.02
N ARG A 32 19.38 11.24 -6.35
CA ARG A 32 19.94 9.93 -6.64
C ARG A 32 19.40 9.36 -7.95
N SER A 33 18.58 10.12 -8.67
CA SER A 33 18.04 9.71 -9.97
C SER A 33 18.88 10.32 -11.07
N SER A 34 20.19 10.34 -10.85
CA SER A 34 21.17 10.78 -11.83
C SER A 34 22.02 9.64 -12.35
N VAL A 35 22.54 8.77 -11.47
CA VAL A 35 23.22 7.57 -11.94
C VAL A 35 22.83 6.32 -11.16
N PHE A 36 22.01 6.46 -10.10
CA PHE A 36 21.59 5.31 -9.30
C PHE A 36 20.10 5.02 -9.39
N ASN A 37 19.23 5.97 -9.07
CA ASN A 37 17.85 5.80 -9.49
C ASN A 37 17.82 6.05 -10.99
N LEU A 38 16.71 5.75 -11.65
CA LEU A 38 16.70 5.93 -13.10
C LEU A 38 17.02 7.38 -13.43
N ALA A 39 18.01 7.55 -14.30
CA ALA A 39 18.67 8.84 -14.48
C ALA A 39 17.77 9.84 -15.21
N HIS A 40 17.41 10.92 -14.52
CA HIS A 40 16.67 12.04 -15.12
C HIS A 40 15.29 11.61 -15.60
N ASP A 41 14.76 10.59 -14.94
CA ASP A 41 13.40 10.08 -15.13
C ASP A 41 12.41 10.96 -14.38
N TYR A 42 12.46 12.27 -14.63
CA TYR A 42 11.61 13.20 -13.91
C TYR A 42 11.51 14.53 -14.64
N SER A 43 10.45 15.27 -14.33
CA SER A 43 10.26 16.64 -14.76
C SER A 43 9.37 17.35 -13.76
N ASN A 44 9.79 18.53 -13.32
CA ASN A 44 9.01 19.36 -12.41
C ASN A 44 8.23 20.40 -13.20
N ALA A 45 7.00 20.67 -12.76
CA ALA A 45 6.12 21.48 -13.59
C ALA A 45 5.17 22.33 -12.76
N LEU A 46 4.78 23.46 -13.33
CA LEU A 46 3.87 24.42 -12.72
C LEU A 46 2.54 24.36 -13.45
N PHE A 47 1.45 24.20 -12.70
CA PHE A 47 0.11 24.02 -13.24
C PHE A 47 -0.79 25.12 -12.70
N ASP A 48 -1.96 25.32 -13.29
CA ASP A 48 -2.72 26.53 -12.98
C ASP A 48 -3.72 26.32 -11.85
N HIS A 49 -4.33 27.43 -11.43
CA HIS A 49 -5.50 27.44 -10.54
C HIS A 49 -6.52 26.38 -10.93
N LEU A 50 -6.92 26.39 -12.16
CA LEU A 50 -7.57 25.24 -12.74
C LEU A 50 -6.53 24.36 -13.42
N PRO A 51 -6.71 23.04 -13.43
CA PRO A 51 -5.58 22.15 -13.71
C PRO A 51 -5.06 22.24 -15.14
N GLU A 52 -4.32 23.31 -15.45
CA GLU A 52 -3.67 23.45 -16.75
C GLU A 52 -2.19 23.77 -16.55
N MET A 53 -1.33 23.09 -17.31
CA MET A 53 0.11 23.25 -17.13
C MET A 53 0.52 24.56 -17.77
N ILE A 54 1.17 25.42 -16.99
CA ILE A 54 1.54 26.77 -17.43
C ILE A 54 2.98 26.80 -17.92
N LEU A 55 3.81 25.89 -17.41
CA LEU A 55 5.18 25.79 -17.89
C LEU A 55 5.75 24.45 -17.45
N GLN A 56 6.30 23.71 -18.41
CA GLN A 56 7.17 22.57 -18.11
C GLN A 56 8.53 22.85 -18.72
N GLY A 57 9.57 22.76 -17.90
CA GLY A 57 10.88 22.76 -18.47
C GLY A 57 11.15 21.34 -18.94
N GLN A 58 10.56 20.96 -20.07
CA GLN A 58 10.61 19.58 -20.49
C GLN A 58 12.05 19.24 -20.84
N ASP A 59 12.73 18.60 -19.90
CA ASP A 59 14.07 18.12 -20.14
C ASP A 59 14.07 16.70 -20.68
N ILE A 60 13.20 15.83 -20.19
CA ILE A 60 13.07 14.47 -20.68
C ILE A 60 11.62 14.26 -21.13
N PRO A 61 11.38 13.66 -22.29
CA PRO A 61 10.01 13.55 -22.81
C PRO A 61 9.20 12.39 -22.25
N ILE A 62 9.79 11.52 -21.44
CA ILE A 62 8.96 10.53 -20.76
C ILE A 62 7.90 11.19 -19.88
N HIS A 63 8.04 12.50 -19.65
CA HIS A 63 7.09 13.34 -18.94
C HIS A 63 6.59 14.45 -19.86
N LEU A 64 6.25 14.07 -21.09
CA LEU A 64 5.80 15.01 -22.11
C LEU A 64 4.27 15.13 -22.08
N GLY A 65 3.58 14.02 -22.29
CA GLY A 65 2.13 14.01 -22.27
C GLY A 65 1.60 13.26 -21.07
N SER A 66 2.51 12.82 -20.20
CA SER A 66 2.11 12.13 -18.98
C SER A 66 1.62 13.07 -17.89
N LEU A 67 1.96 14.37 -17.98
CA LEU A 67 1.57 15.33 -16.97
C LEU A 67 0.28 16.08 -17.28
N ILE A 68 -0.12 16.20 -18.54
CA ILE A 68 -1.30 17.01 -18.86
C ILE A 68 -2.54 16.40 -18.20
N PRO A 69 -2.97 15.16 -18.52
CA PRO A 69 -4.10 14.62 -17.76
C PRO A 69 -3.67 13.94 -16.47
N ALA A 70 -2.61 14.45 -15.83
CA ALA A 70 -2.27 14.04 -14.48
C ALA A 70 -3.03 14.85 -13.44
N MET A 71 -2.96 16.17 -13.56
CA MET A 71 -3.69 17.07 -12.68
C MET A 71 -5.19 16.98 -12.85
N LYS A 72 -5.67 16.52 -14.00
CA LYS A 72 -7.10 16.37 -14.19
C LYS A 72 -7.71 15.56 -13.04
N CYS A 73 -7.25 14.33 -12.86
CA CYS A 73 -7.88 13.48 -11.85
C CYS A 73 -7.43 13.76 -10.43
N VAL A 74 -6.17 14.17 -10.24
CA VAL A 74 -5.72 14.54 -8.89
C VAL A 74 -6.50 15.74 -8.38
N ALA A 75 -6.44 16.84 -9.11
CA ALA A 75 -7.10 18.06 -8.67
C ALA A 75 -8.63 17.96 -8.74
N GLY A 76 -9.17 17.17 -9.68
CA GLY A 76 -10.61 17.06 -9.79
C GLY A 76 -11.25 16.10 -8.81
N PHE A 77 -10.51 15.12 -8.30
CA PHE A 77 -11.10 14.29 -7.27
C PHE A 77 -11.14 15.02 -5.93
N PHE A 78 -10.20 15.96 -5.71
CA PHE A 78 -10.23 16.83 -4.53
C PHE A 78 -10.76 18.18 -4.98
N GLY A 79 -12.09 18.28 -5.05
CA GLY A 79 -12.71 19.49 -5.56
C GLY A 79 -12.41 20.74 -4.76
N ASP A 80 -12.98 20.85 -3.57
CA ASP A 80 -12.69 21.98 -2.69
C ASP A 80 -11.85 21.61 -1.49
N GLU A 81 -11.67 20.33 -1.19
CA GLU A 81 -11.23 19.90 0.13
C GLU A 81 -9.72 19.71 0.21
N ILE A 82 -8.98 20.75 -0.14
CA ILE A 82 -7.55 20.87 0.15
C ILE A 82 -7.31 22.29 0.68
N ALA A 83 -6.15 22.49 1.29
CA ALA A 83 -5.83 23.79 1.89
C ALA A 83 -4.33 24.02 1.88
N GLU A 84 -3.95 25.24 2.22
CA GLU A 84 -2.53 25.61 2.24
C GLU A 84 -1.76 24.73 3.19
N GLY A 85 -0.66 24.17 2.69
CA GLY A 85 0.18 23.28 3.46
C GLY A 85 0.04 21.82 3.11
N ASP A 86 -0.95 21.47 2.29
CA ASP A 86 -1.20 20.07 1.95
C ASP A 86 -0.34 19.67 0.77
N VAL A 87 -0.24 18.36 0.56
CA VAL A 87 0.33 17.78 -0.65
C VAL A 87 -0.45 16.52 -0.95
N ILE A 88 -0.62 16.23 -2.24
CA ILE A 88 -1.19 14.97 -2.68
C ILE A 88 -0.06 14.20 -3.32
N TYR A 89 -0.13 12.88 -3.22
CA TYR A 89 0.96 12.03 -3.68
C TYR A 89 0.40 10.84 -4.43
N HIS A 90 0.98 10.55 -5.59
CA HIS A 90 0.53 9.37 -6.31
C HIS A 90 1.52 8.97 -7.39
N ASN A 91 1.35 7.75 -7.87
CA ASN A 91 2.04 7.25 -9.03
C ASN A 91 1.13 6.39 -9.90
N ASP A 92 -0.11 6.17 -9.48
CA ASP A 92 -0.91 5.12 -10.08
C ASP A 92 -1.37 5.56 -11.47
N PRO A 93 -1.38 4.66 -12.43
CA PRO A 93 -2.02 4.97 -13.73
C PRO A 93 -3.51 4.65 -13.70
N ALA A 94 -4.29 5.50 -13.04
CA ALA A 94 -5.74 5.39 -13.13
C ALA A 94 -6.23 5.97 -14.44
N TYR A 95 -5.99 7.26 -14.65
CA TYR A 95 -6.22 7.92 -15.93
C TYR A 95 -5.00 8.75 -16.30
N MET A 96 -3.83 8.42 -15.77
CA MET A 96 -2.68 9.30 -15.82
C MET A 96 -1.43 8.49 -15.52
N GLY A 97 -0.33 9.16 -15.22
CA GLY A 97 0.67 8.49 -14.41
C GLY A 97 1.77 7.87 -15.23
N SER A 98 2.91 7.70 -14.58
CA SER A 98 4.05 7.07 -15.21
C SER A 98 4.03 5.59 -14.82
N HIS A 99 5.04 4.85 -15.26
CA HIS A 99 5.25 3.55 -14.65
C HIS A 99 5.42 3.77 -13.16
N ILE A 100 4.80 2.92 -12.35
CA ILE A 100 4.57 3.24 -10.95
C ILE A 100 5.82 3.41 -10.11
N LEU A 101 7.02 3.09 -10.62
CA LEU A 101 8.22 3.52 -9.92
C LEU A 101 8.42 5.03 -9.95
N ASP A 102 7.86 5.71 -10.95
CA ASP A 102 7.92 7.17 -10.97
C ASP A 102 6.74 7.64 -10.14
N CYS A 103 7.02 8.16 -8.95
CA CYS A 103 5.96 8.69 -8.10
C CYS A 103 6.17 10.19 -7.94
N CYS A 104 5.11 10.88 -7.55
CA CYS A 104 5.24 12.33 -7.51
C CYS A 104 4.32 12.98 -6.48
N MET A 105 4.74 14.18 -6.12
CA MET A 105 4.18 15.03 -5.09
C MET A 105 3.57 16.27 -5.72
N TYR A 106 2.45 16.71 -5.16
CA TYR A 106 1.67 17.82 -5.69
C TYR A 106 1.40 18.79 -4.56
N LYS A 107 1.79 20.05 -4.73
CA LYS A 107 1.47 21.04 -3.72
C LYS A 107 0.72 22.20 -4.36
N PRO A 108 -0.45 22.55 -3.85
CA PRO A 108 -1.17 23.73 -4.33
C PRO A 108 -0.79 24.99 -3.57
N VAL A 109 -0.74 26.11 -4.29
CA VAL A 109 -0.29 27.38 -3.73
C VAL A 109 -1.50 28.25 -3.45
N PHE A 110 -1.59 28.73 -2.21
CA PHE A 110 -2.65 29.63 -1.76
C PHE A 110 -2.11 31.03 -1.51
N TYR A 111 -2.97 32.01 -1.81
CA TYR A 111 -2.59 33.41 -1.78
C TYR A 111 -3.81 34.20 -1.31
N LYS A 112 -3.77 34.64 -0.06
CA LYS A 112 -4.82 35.45 0.56
C LYS A 112 -6.21 34.81 0.42
N GLY A 113 -6.25 33.48 0.31
CA GLY A 113 -7.49 32.73 0.18
C GLY A 113 -7.84 32.19 -1.20
N GLU A 114 -7.09 32.52 -2.24
CA GLU A 114 -7.34 31.88 -3.53
C GLU A 114 -6.27 30.86 -3.87
N LEU A 115 -6.67 29.84 -4.62
CA LEU A 115 -5.80 28.83 -5.20
C LEU A 115 -5.25 29.36 -6.52
N VAL A 116 -3.93 29.50 -6.64
CA VAL A 116 -3.35 30.21 -7.77
C VAL A 116 -2.68 29.24 -8.75
N PHE A 117 -1.98 28.23 -8.25
CA PHE A 117 -1.29 27.27 -9.11
C PHE A 117 -0.80 26.10 -8.28
N TRP A 118 -0.50 25.01 -8.98
CA TRP A 118 0.07 23.80 -8.40
C TRP A 118 1.53 23.65 -8.78
N THR A 119 2.29 23.06 -7.87
CA THR A 119 3.67 22.68 -8.12
C THR A 119 3.77 21.16 -8.09
N VAL A 120 4.39 20.57 -9.12
CA VAL A 120 4.48 19.12 -9.23
C VAL A 120 5.95 18.71 -9.34
N CYS A 121 6.35 17.77 -8.49
CA CYS A 121 7.74 17.35 -8.31
C CYS A 121 7.86 15.83 -8.40
N LYS A 122 8.28 15.33 -9.56
CA LYS A 122 8.45 13.89 -9.76
C LYS A 122 9.93 13.49 -9.70
N GLY A 123 10.13 12.19 -9.50
CA GLY A 123 11.44 11.57 -9.44
C GLY A 123 11.32 10.06 -9.46
N HIS A 124 12.29 9.40 -10.08
CA HIS A 124 12.27 7.95 -10.21
C HIS A 124 12.83 7.33 -8.94
N LEU A 125 12.13 6.35 -8.40
CA LEU A 125 12.50 5.78 -7.11
C LEU A 125 13.23 4.46 -7.30
N THR A 126 13.93 4.05 -6.24
CA THR A 126 14.68 2.81 -6.28
C THR A 126 13.78 1.60 -6.43
N ASP A 127 12.82 1.44 -5.52
CA ASP A 127 11.92 0.30 -5.53
C ASP A 127 10.50 0.73 -5.19
N ILE A 128 9.54 -0.07 -5.65
CA ILE A 128 8.12 0.17 -5.39
C ILE A 128 7.45 -1.00 -4.67
N GLY A 129 8.09 -2.16 -4.59
CA GLY A 129 7.58 -3.26 -3.79
C GLY A 129 7.09 -4.49 -4.51
N GLY A 130 7.48 -4.71 -5.75
CA GLY A 130 7.23 -5.95 -6.43
C GLY A 130 8.13 -7.06 -5.92
N PRO A 131 7.73 -8.32 -6.17
CA PRO A 131 8.63 -9.44 -5.87
C PRO A 131 10.00 -9.32 -6.51
N VAL A 132 10.13 -8.48 -7.54
CA VAL A 132 11.40 -8.25 -8.23
C VAL A 132 11.97 -6.92 -7.76
N PRO A 133 13.21 -6.89 -7.26
CA PRO A 133 13.76 -5.63 -6.73
C PRO A 133 13.78 -4.51 -7.74
N ALA A 134 13.77 -4.83 -9.03
CA ALA A 134 13.77 -3.80 -10.05
C ALA A 134 12.46 -3.04 -10.13
N GLY A 135 11.39 -3.60 -9.56
CA GLY A 135 10.05 -3.13 -9.85
C GLY A 135 9.59 -3.55 -11.23
N TYR A 136 10.55 -3.81 -12.12
CA TYR A 136 10.35 -4.26 -13.49
C TYR A 136 10.29 -5.79 -13.42
N ASN A 137 9.08 -6.33 -13.29
CA ASN A 137 8.84 -7.75 -12.96
C ASN A 137 8.26 -8.56 -14.11
N PRO A 138 9.02 -9.48 -14.72
CA PRO A 138 8.48 -10.20 -15.89
C PRO A 138 7.27 -11.07 -15.58
N ASP A 139 7.17 -11.63 -14.37
CA ASP A 139 6.01 -12.42 -14.00
C ASP A 139 4.85 -11.50 -13.73
N ALA A 140 3.97 -11.33 -14.73
CA ALA A 140 2.83 -10.43 -14.62
C ALA A 140 1.52 -11.17 -14.39
N LYS A 141 1.53 -12.33 -13.74
CA LYS A 141 0.29 -12.97 -13.32
C LYS A 141 -0.54 -11.99 -12.52
N GLU A 142 -1.86 -11.96 -12.79
CA GLU A 142 -2.83 -11.25 -11.95
C GLU A 142 -2.29 -9.86 -11.63
N ILE A 143 -2.23 -9.01 -12.64
CA ILE A 143 -1.14 -8.06 -12.88
C ILE A 143 -0.63 -7.38 -11.60
N TYR A 144 -1.35 -7.56 -10.49
CA TYR A 144 -0.98 -7.00 -9.18
C TYR A 144 0.40 -7.45 -8.72
N ALA A 145 1.08 -8.28 -9.51
CA ALA A 145 2.43 -8.73 -9.17
C ALA A 145 3.48 -7.64 -9.28
N GLU A 146 3.15 -6.46 -9.79
CA GLU A 146 4.20 -5.54 -10.19
C GLU A 146 4.73 -4.69 -9.03
N GLY A 147 3.86 -4.21 -8.15
CA GLY A 147 4.31 -3.36 -7.07
C GLY A 147 3.17 -2.59 -6.43
N LEU A 148 3.56 -1.64 -5.59
CA LEU A 148 2.63 -0.83 -4.81
C LEU A 148 2.10 0.33 -5.63
N ARG A 149 0.78 0.38 -5.82
CA ARG A 149 0.12 1.48 -6.51
C ARG A 149 -0.42 2.48 -5.50
N ILE A 150 -0.22 3.77 -5.78
CA ILE A 150 -0.64 4.84 -4.86
C ILE A 150 -1.64 5.76 -5.55
N PRO A 151 -2.92 5.69 -5.20
CA PRO A 151 -3.88 6.73 -5.62
C PRO A 151 -3.59 8.05 -4.93
N PRO A 152 -4.31 9.12 -5.28
CA PRO A 152 -4.22 10.37 -4.50
C PRO A 152 -4.40 10.18 -3.01
N VAL A 153 -3.31 10.39 -2.27
CA VAL A 153 -3.32 10.37 -0.82
C VAL A 153 -2.48 11.55 -0.33
N LYS A 154 -2.97 12.24 0.69
CA LYS A 154 -2.19 13.33 1.26
C LYS A 154 -1.09 12.77 2.15
N LEU A 155 0.14 13.19 1.88
CA LEU A 155 1.27 12.86 2.73
C LEU A 155 1.74 14.06 3.53
N TRP A 156 1.33 15.26 3.16
CA TRP A 156 1.35 16.41 4.04
C TRP A 156 -0.05 17.01 4.09
N ALA A 157 -0.41 17.55 5.24
CA ALA A 157 -1.72 18.18 5.43
C ALA A 157 -1.54 19.44 6.24
N GLN A 158 -1.77 20.60 5.61
CA GLN A 158 -1.72 21.91 6.26
C GLN A 158 -0.46 22.06 7.09
N GLY A 159 0.66 21.63 6.53
CA GLY A 159 1.95 21.86 7.13
C GLY A 159 2.50 20.74 8.00
N GLN A 160 2.00 19.52 7.89
CA GLN A 160 2.54 18.45 8.73
C GLN A 160 2.58 17.12 7.98
N ARG A 161 3.49 16.26 8.42
CA ARG A 161 3.63 14.90 7.88
C ARG A 161 2.49 14.00 8.36
N ARG A 162 1.87 13.30 7.40
CA ARG A 162 0.82 12.32 7.69
C ARG A 162 1.49 10.98 8.02
N GLU A 163 2.08 10.94 9.22
CA GLU A 163 3.00 9.86 9.54
C GLU A 163 2.33 8.50 9.46
N ASP A 164 1.06 8.44 9.86
CA ASP A 164 0.22 7.26 9.76
C ASP A 164 0.39 6.54 8.43
N VAL A 165 0.39 7.31 7.35
CA VAL A 165 0.36 6.77 6.00
C VAL A 165 1.76 6.73 5.39
N ILE A 166 2.59 7.74 5.72
CA ILE A 166 3.96 7.75 5.23
C ILE A 166 4.67 6.48 5.63
N ASN A 167 4.29 5.91 6.78
CA ASN A 167 4.90 4.65 7.18
C ASN A 167 4.25 3.44 6.53
N LEU A 168 2.98 3.54 6.11
CA LEU A 168 2.42 2.53 5.21
C LEU A 168 3.18 2.48 3.89
N LEU A 169 3.58 3.64 3.36
CA LEU A 169 4.28 3.67 2.08
C LEU A 169 5.76 3.36 2.23
N LEU A 170 6.34 3.62 3.41
CA LEU A 170 7.75 3.33 3.61
C LEU A 170 8.02 1.84 3.47
N THR A 171 7.23 1.02 4.15
CA THR A 171 7.25 -0.42 3.92
C THR A 171 6.54 -0.73 2.61
N ASN A 172 6.59 -2.01 2.22
CA ASN A 172 6.29 -2.45 0.87
C ASN A 172 7.30 -1.91 -0.15
N MET A 173 8.49 -1.50 0.31
CA MET A 173 9.51 -0.95 -0.57
C MET A 173 10.90 -1.34 -0.06
N ARG A 174 11.76 -1.81 -0.96
CA ARG A 174 13.03 -2.42 -0.53
C ARG A 174 14.03 -1.38 -0.05
N ALA A 175 13.96 -0.14 -0.52
CA ALA A 175 14.72 0.92 0.09
C ALA A 175 13.87 1.63 1.13
N ARG A 176 14.52 2.12 2.18
CA ARG A 176 13.83 2.90 3.19
C ARG A 176 14.39 4.31 3.29
N ALA A 177 15.69 4.44 3.57
CA ALA A 177 16.26 5.76 3.77
C ALA A 177 16.37 6.53 2.45
N TYR A 178 16.70 5.83 1.36
CA TYR A 178 16.71 6.46 0.05
C TYR A 178 15.34 7.04 -0.29
N GLN A 179 14.29 6.22 -0.15
CA GLN A 179 12.93 6.66 -0.38
C GLN A 179 12.62 7.89 0.44
N GLU A 180 13.04 7.86 1.71
CA GLU A 180 12.73 8.92 2.66
C GLU A 180 13.41 10.22 2.26
N GLY A 181 14.72 10.17 2.04
CA GLY A 181 15.44 11.36 1.61
C GLY A 181 14.93 11.92 0.30
N ASP A 182 14.51 11.04 -0.62
CA ASP A 182 14.08 11.53 -1.92
C ASP A 182 12.72 12.20 -1.82
N LEU A 183 11.84 11.69 -0.97
CA LEU A 183 10.61 12.43 -0.70
C LEU A 183 10.91 13.74 0.01
N ASN A 184 11.91 13.76 0.88
CA ASN A 184 12.35 15.02 1.49
C ASN A 184 12.77 16.01 0.42
N ALA A 185 13.50 15.54 -0.58
CA ALA A 185 13.96 16.42 -1.66
C ALA A 185 12.78 16.89 -2.51
N GLN A 186 11.79 16.02 -2.73
CA GLN A 186 10.58 16.45 -3.44
C GLN A 186 9.87 17.57 -2.69
N TYR A 187 9.69 17.42 -1.38
CA TYR A 187 9.10 18.50 -0.60
C TYR A 187 9.93 19.78 -0.67
N GLY A 188 11.26 19.66 -0.60
CA GLY A 188 12.10 20.85 -0.72
C GLY A 188 11.91 21.56 -2.05
N ALA A 189 11.99 20.80 -3.14
CA ALA A 189 11.83 21.38 -4.47
C ALA A 189 10.47 22.05 -4.64
N CYS A 190 9.41 21.36 -4.20
CA CYS A 190 8.07 21.93 -4.29
C CYS A 190 7.96 23.20 -3.44
N SER A 191 8.70 23.25 -2.32
CA SER A 191 8.64 24.42 -1.45
C SER A 191 9.32 25.63 -2.08
N VAL A 192 10.47 25.42 -2.75
CA VAL A 192 11.11 26.59 -3.39
C VAL A 192 10.31 27.01 -4.62
N GLY A 193 9.73 26.03 -5.33
CA GLY A 193 8.82 26.35 -6.42
C GLY A 193 7.66 27.22 -5.96
N GLU A 194 7.17 26.97 -4.75
CA GLU A 194 6.13 27.83 -4.20
C GLU A 194 6.67 29.19 -3.77
N ARG A 195 7.83 29.22 -3.10
CA ARG A 195 8.36 30.48 -2.58
C ARG A 195 8.59 31.51 -3.70
N HIS A 196 9.28 31.10 -4.76
CA HIS A 196 9.56 32.07 -5.84
C HIS A 196 8.26 32.58 -6.43
N LEU A 197 7.33 31.68 -6.73
CA LEU A 197 6.07 32.08 -7.36
C LEU A 197 5.25 32.99 -6.45
N ILE A 198 5.33 32.80 -5.13
CA ILE A 198 4.67 33.74 -4.24
C ILE A 198 5.34 35.11 -4.34
N GLU A 199 6.67 35.14 -4.42
CA GLU A 199 7.34 36.41 -4.66
C GLU A 199 6.82 37.06 -5.95
N LEU A 200 6.51 36.24 -6.94
CA LEU A 200 5.98 36.75 -8.21
C LEU A 200 4.59 37.35 -8.02
N LEU A 201 3.72 36.64 -7.31
CA LEU A 201 2.41 37.19 -7.01
C LEU A 201 2.51 38.47 -6.19
N ASP A 202 3.50 38.57 -5.30
CA ASP A 202 3.67 39.79 -4.52
C ASP A 202 4.12 40.95 -5.40
N ARG A 203 5.08 40.71 -6.30
CA ARG A 203 5.54 41.80 -7.14
C ARG A 203 4.50 42.21 -8.17
N TYR A 204 3.64 41.28 -8.59
CA TYR A 204 2.68 41.58 -9.65
C TYR A 204 1.22 41.45 -9.26
N GLY A 205 0.86 40.49 -8.42
CA GLY A 205 -0.55 40.31 -8.13
C GLY A 205 -1.13 39.31 -9.09
N VAL A 206 -2.03 38.45 -8.59
CA VAL A 206 -2.62 37.40 -9.43
C VAL A 206 -3.22 38.00 -10.69
N ASP A 207 -3.77 39.22 -10.57
CA ASP A 207 -4.43 39.89 -11.68
C ASP A 207 -3.49 40.09 -12.88
N GLN A 208 -2.19 40.17 -12.63
CA GLN A 208 -1.19 40.32 -13.68
C GLN A 208 -0.55 38.98 -14.07
N VAL A 209 -0.15 38.21 -13.07
CA VAL A 209 0.52 36.94 -13.32
C VAL A 209 -0.37 36.02 -14.17
N ARG A 210 -1.64 35.87 -13.77
CA ARG A 210 -2.52 34.96 -14.50
C ARG A 210 -2.98 35.52 -15.84
N ALA A 211 -3.02 36.85 -15.97
CA ALA A 211 -3.30 37.42 -17.29
C ALA A 211 -2.18 37.11 -18.26
N CYS A 212 -0.94 37.36 -17.85
CA CYS A 212 0.21 37.02 -18.67
C CYS A 212 0.29 35.52 -18.95
N ILE A 213 -0.13 34.68 -17.99
CA ILE A 213 -0.09 33.23 -18.18
C ILE A 213 -1.10 32.79 -19.24
N THR A 214 -2.32 33.31 -19.17
CA THR A 214 -3.28 33.02 -20.23
C THR A 214 -2.73 33.44 -21.58
N GLU A 215 -2.06 34.61 -21.61
CA GLU A 215 -1.44 35.06 -22.85
C GLU A 215 -0.39 34.06 -23.34
N LEU A 216 0.43 33.53 -22.42
CA LEU A 216 1.46 32.56 -22.83
C LEU A 216 0.85 31.27 -23.35
N LYS A 217 -0.22 30.78 -22.70
CA LYS A 217 -0.92 29.63 -23.26
C LYS A 217 -1.36 29.92 -24.70
N ASP A 218 -1.91 31.11 -24.92
CA ASP A 218 -2.34 31.47 -26.27
C ASP A 218 -1.15 31.51 -27.22
N MET A 219 0.01 31.96 -26.72
CA MET A 219 1.19 32.05 -27.57
C MET A 219 1.61 30.66 -28.04
N ALA A 220 1.62 29.70 -27.12
CA ALA A 220 1.92 28.31 -27.48
C ALA A 220 0.91 27.78 -28.49
N ASP A 221 -0.37 28.03 -28.23
CA ASP A 221 -1.42 27.55 -29.13
C ASP A 221 -1.23 28.08 -30.55
N ARG A 222 -1.07 29.40 -30.68
CA ARG A 222 -0.87 30.01 -31.99
C ARG A 222 0.43 29.54 -32.64
N HIS A 223 1.48 29.33 -31.85
CA HIS A 223 2.75 28.85 -32.41
C HIS A 223 2.57 27.49 -33.07
N MET A 224 1.94 26.55 -32.35
CA MET A 224 1.73 25.22 -32.90
C MET A 224 0.79 25.25 -34.09
N ARG A 225 -0.28 26.07 -34.01
CA ARG A 225 -1.22 26.17 -35.12
C ARG A 225 -0.58 26.80 -36.36
N ALA A 226 0.27 27.82 -36.16
CA ALA A 226 0.97 28.44 -37.28
C ALA A 226 1.88 27.44 -37.97
N LEU A 227 2.56 26.60 -37.18
CA LEU A 227 3.35 25.53 -37.79
C LEU A 227 2.45 24.59 -38.59
N LEU A 228 1.32 24.19 -38.01
CA LEU A 228 0.43 23.24 -38.69
C LEU A 228 -0.13 23.81 -39.98
N ARG A 229 -0.28 25.13 -40.05
CA ARG A 229 -0.78 25.75 -41.28
C ARG A 229 0.11 25.44 -42.48
N ASP A 230 1.40 25.19 -42.23
CA ASP A 230 2.38 25.02 -43.30
C ASP A 230 2.67 23.56 -43.63
N VAL A 231 1.77 22.64 -43.28
CA VAL A 231 1.88 21.26 -43.75
C VAL A 231 0.55 20.88 -44.41
N PRO A 232 0.55 20.02 -45.43
CA PRO A 232 -0.65 19.82 -46.23
C PRO A 232 -1.76 19.14 -45.44
N ASP A 233 -3.00 19.55 -45.71
CA ASP A 233 -4.16 18.87 -45.16
C ASP A 233 -4.29 17.48 -45.76
N GLY A 234 -4.83 16.55 -44.98
CA GLY A 234 -5.08 15.22 -45.47
C GLY A 234 -5.02 14.20 -44.36
N PHE A 235 -5.07 12.93 -44.76
CA PHE A 235 -5.05 11.80 -43.84
C PHE A 235 -3.78 11.00 -44.10
N TYR A 236 -2.96 10.84 -43.06
CA TYR A 236 -1.72 10.09 -43.17
C TYR A 236 -1.72 9.02 -42.09
N SER A 237 -0.83 8.04 -42.23
CA SER A 237 -0.80 6.96 -41.27
C SER A 237 0.60 6.39 -41.18
N GLY A 238 0.88 5.79 -40.03
CA GLY A 238 2.12 5.06 -39.85
C GLY A 238 1.82 3.76 -39.13
N THR A 239 2.66 2.78 -39.39
CA THR A 239 2.45 1.45 -38.84
C THR A 239 3.82 0.84 -38.56
N ALA A 240 4.02 0.42 -37.31
CA ALA A 240 5.28 -0.21 -36.92
C ALA A 240 4.98 -1.23 -35.83
N ILE A 241 5.82 -2.25 -35.75
CA ILE A 241 5.46 -3.51 -35.13
C ILE A 241 6.36 -3.77 -33.92
N LEU A 242 5.98 -4.79 -33.16
CA LEU A 242 6.80 -5.32 -32.07
C LEU A 242 6.56 -6.82 -32.01
N GLU A 243 7.65 -7.58 -31.84
CA GLU A 243 7.59 -9.03 -31.98
C GLU A 243 8.27 -9.73 -30.82
N ASP A 244 9.25 -9.10 -30.18
CA ASP A 244 9.95 -9.76 -29.08
C ASP A 244 9.21 -9.52 -27.77
N SER A 245 7.92 -9.85 -27.76
CA SER A 245 7.01 -9.46 -26.68
C SER A 245 6.20 -10.66 -26.21
N GLY A 246 5.96 -10.73 -24.90
CA GLY A 246 5.11 -11.76 -24.32
C GLY A 246 5.74 -13.12 -24.55
N HIS A 247 6.88 -13.37 -23.90
CA HIS A 247 7.72 -14.53 -24.18
C HIS A 247 8.20 -14.51 -25.62
N GLY A 248 8.33 -13.30 -26.19
CA GLY A 248 8.76 -13.14 -27.55
C GLY A 248 7.69 -13.38 -28.60
N LEU A 249 6.45 -13.63 -28.20
CA LEU A 249 5.36 -13.83 -29.15
C LEU A 249 5.18 -12.61 -30.04
N GLY A 250 5.10 -12.82 -31.34
CA GLY A 250 4.93 -11.70 -32.24
C GLY A 250 3.55 -11.11 -32.11
N GLU A 251 3.44 -9.81 -32.37
CA GLU A 251 2.17 -9.12 -32.22
C GLU A 251 2.06 -8.04 -33.29
N LEU A 252 0.82 -7.65 -33.58
CA LEU A 252 0.54 -6.63 -34.56
C LEU A 252 0.85 -5.23 -34.00
N SER A 253 0.87 -4.29 -34.93
CA SER A 253 1.52 -2.99 -34.81
C SER A 253 0.65 -1.96 -34.09
N ILE A 254 1.22 -0.77 -33.92
CA ILE A 254 0.51 0.44 -33.55
C ILE A 254 0.15 1.17 -34.85
N THR A 255 -1.13 1.40 -35.10
CA THR A 255 -1.55 2.06 -36.34
C THR A 255 -1.90 3.50 -36.02
N ALA A 256 -0.99 4.41 -36.31
CA ALA A 256 -1.14 5.80 -35.92
C ALA A 256 -1.66 6.57 -37.12
N GLN A 257 -2.95 6.84 -37.14
CA GLN A 257 -3.56 7.68 -38.16
C GLN A 257 -3.57 9.11 -37.67
N VAL A 258 -3.01 10.02 -38.47
CA VAL A 258 -3.01 11.43 -38.16
C VAL A 258 -3.83 12.14 -39.24
N GLU A 259 -4.87 12.82 -38.81
CA GLU A 259 -5.82 13.48 -39.69
C GLU A 259 -5.65 14.98 -39.48
N ILE A 260 -5.05 15.63 -40.46
CA ILE A 260 -4.68 17.04 -40.36
C ILE A 260 -5.63 17.87 -41.21
N ARG A 261 -6.33 18.81 -40.58
CA ARG A 261 -7.20 19.74 -41.28
C ARG A 261 -6.63 21.11 -40.88
N GLY A 262 -5.74 21.63 -41.73
CA GLY A 262 -5.23 22.97 -41.55
C GLY A 262 -4.58 23.20 -40.20
N ASP A 263 -5.30 23.93 -39.35
CA ASP A 263 -4.77 24.33 -38.06
C ASP A 263 -4.67 23.16 -37.07
N GLU A 264 -5.44 22.09 -37.24
CA GLU A 264 -5.52 21.08 -36.19
C GLU A 264 -5.23 19.69 -36.72
N ALA A 265 -4.77 18.82 -35.81
CA ALA A 265 -4.53 17.42 -36.11
C ALA A 265 -5.18 16.52 -35.07
N HIS A 266 -5.78 15.43 -35.53
CA HIS A 266 -6.46 14.46 -34.69
C HIS A 266 -5.76 13.12 -34.87
N VAL A 267 -5.52 12.40 -33.76
CA VAL A 267 -4.60 11.26 -33.75
C VAL A 267 -5.33 10.02 -33.25
N LEU A 268 -5.43 8.98 -34.09
CA LEU A 268 -5.99 7.69 -33.71
C LEU A 268 -4.87 6.65 -33.67
N ILE A 269 -5.03 5.62 -32.82
CA ILE A 269 -3.91 4.83 -32.33
C ILE A 269 -4.01 3.35 -32.73
N GLU A 270 -5.15 2.72 -32.49
CA GLU A 270 -5.43 1.36 -32.99
C GLU A 270 -4.34 0.33 -32.66
N SER A 271 -4.19 0.02 -31.38
CA SER A 271 -3.23 -0.99 -30.95
C SER A 271 -3.89 -2.35 -30.75
N PRO A 272 -3.11 -3.43 -30.67
CA PRO A 272 -3.67 -4.77 -30.42
C PRO A 272 -4.07 -4.95 -28.97
N PRO A 273 -4.73 -6.05 -28.61
CA PRO A 273 -5.28 -6.18 -27.26
C PRO A 273 -4.18 -6.23 -26.21
N GLN A 274 -4.50 -5.69 -25.04
CA GLN A 274 -3.59 -5.63 -23.91
C GLN A 274 -3.11 -7.03 -23.54
N VAL A 275 -2.08 -7.08 -22.71
CA VAL A 275 -1.34 -8.33 -22.54
C VAL A 275 -1.10 -8.61 -21.07
N PRO A 276 -0.83 -9.87 -20.73
CA PRO A 276 -0.31 -10.23 -19.40
C PRO A 276 1.21 -10.08 -19.36
N TYR A 277 1.63 -8.82 -19.46
CA TYR A 277 3.03 -8.43 -19.40
C TYR A 277 3.05 -6.97 -18.99
N PHE A 278 4.13 -6.55 -18.32
CA PHE A 278 4.06 -5.21 -17.74
C PHE A 278 4.21 -4.09 -18.76
N ILE A 279 4.13 -4.41 -20.05
CA ILE A 279 4.32 -3.44 -21.12
C ILE A 279 2.98 -2.85 -21.55
N ASN A 280 1.91 -3.14 -20.79
CA ASN A 280 0.64 -2.48 -21.04
C ASN A 280 0.79 -0.97 -20.84
N SER A 281 -0.03 -0.20 -21.53
CA SER A 281 0.03 1.26 -21.43
C SER A 281 -1.31 1.79 -20.97
N TYR A 282 -1.28 2.98 -20.37
CA TYR A 282 -2.47 3.66 -19.88
C TYR A 282 -2.54 5.05 -20.49
N ALA A 283 -3.43 5.90 -19.96
CA ALA A 283 -3.76 7.15 -20.64
C ALA A 283 -2.56 8.08 -20.78
N GLY A 284 -2.03 8.56 -19.65
CA GLY A 284 -0.91 9.50 -19.70
C GLY A 284 0.30 8.95 -20.43
N ASN A 285 0.53 7.65 -20.31
CA ASN A 285 1.64 7.01 -20.99
C ASN A 285 1.50 7.14 -22.50
N SER A 286 0.37 6.70 -23.04
CA SER A 286 0.15 6.79 -24.48
C SER A 286 0.17 8.24 -24.95
N ILE A 287 -0.34 9.16 -24.13
CA ILE A 287 -0.33 10.57 -24.53
C ILE A 287 1.10 11.07 -24.69
N SER A 288 1.98 10.74 -23.73
CA SER A 288 3.39 11.10 -23.90
C SER A 288 3.97 10.45 -25.15
N GLY A 289 3.61 9.20 -25.43
CA GLY A 289 4.10 8.54 -26.62
C GLY A 289 3.78 9.29 -27.91
N VAL A 290 2.51 9.67 -28.06
CA VAL A 290 2.11 10.38 -29.28
C VAL A 290 2.77 11.76 -29.34
N TYR A 291 2.80 12.47 -28.22
CA TYR A 291 3.43 13.78 -28.21
C TYR A 291 4.90 13.67 -28.59
N LEU A 292 5.55 12.58 -28.19
CA LEU A 292 6.93 12.35 -28.59
C LEU A 292 7.03 12.09 -30.09
N GLY A 293 6.07 11.35 -30.63
CA GLY A 293 5.97 11.25 -32.08
C GLY A 293 5.99 12.61 -32.74
N LEU A 294 5.29 13.58 -32.16
CA LEU A 294 5.30 14.93 -32.73
C LEU A 294 6.65 15.61 -32.52
N MET A 295 7.14 15.65 -31.28
CA MET A 295 8.31 16.46 -30.96
C MET A 295 9.59 16.00 -31.65
N MET A 296 9.69 14.73 -32.04
CA MET A 296 10.97 14.22 -32.53
C MET A 296 11.39 14.93 -33.82
N PHE A 297 10.45 15.45 -34.61
CA PHE A 297 10.82 16.13 -35.85
C PHE A 297 10.53 17.62 -35.88
N ALA A 298 9.66 18.14 -35.01
CA ALA A 298 9.38 19.57 -35.03
C ALA A 298 10.48 20.38 -34.36
N GLN A 299 10.69 20.17 -33.06
CA GLN A 299 11.61 20.98 -32.26
C GLN A 299 11.82 20.39 -30.87
N VAL A 300 13.07 20.34 -30.43
CA VAL A 300 13.41 19.98 -29.05
C VAL A 300 13.42 21.12 -28.03
N PRO A 301 13.90 22.34 -28.33
CA PRO A 301 14.42 23.23 -27.25
C PRO A 301 13.37 23.88 -26.36
N PRO A 302 12.29 24.46 -26.88
CA PRO A 302 11.64 25.63 -26.21
C PRO A 302 11.04 25.27 -24.86
N PRO A 303 10.64 26.27 -24.07
CA PRO A 303 9.80 25.99 -22.89
C PRO A 303 8.40 25.53 -23.30
N TYR A 304 7.80 24.70 -22.43
CA TYR A 304 6.58 23.98 -22.77
C TYR A 304 5.44 24.30 -21.80
N ASN A 305 4.21 24.31 -22.33
CA ASN A 305 2.99 24.31 -21.53
C ASN A 305 1.89 23.62 -22.31
N GLU A 306 0.66 23.67 -21.77
CA GLU A 306 -0.44 22.94 -22.40
C GLU A 306 -0.85 23.55 -23.74
N GLY A 307 -0.62 24.86 -23.92
CA GLY A 307 -1.06 25.53 -25.13
C GLY A 307 -0.61 24.83 -26.39
N LEU A 308 0.61 24.29 -26.37
CA LEU A 308 1.16 23.61 -27.54
C LEU A 308 0.19 22.59 -28.10
N TYR A 309 -0.51 21.86 -27.23
CA TYR A 309 -1.34 20.76 -27.66
C TYR A 309 -2.81 21.16 -27.70
N ARG A 310 -3.10 22.43 -27.98
CA ARG A 310 -4.49 22.84 -28.08
C ARG A 310 -5.08 22.49 -29.44
N CYS A 311 -4.24 22.27 -30.45
CA CYS A 311 -4.67 21.85 -31.77
C CYS A 311 -4.29 20.40 -32.06
N VAL A 312 -3.79 19.68 -31.07
CA VAL A 312 -3.42 18.27 -31.20
C VAL A 312 -4.39 17.47 -30.33
N SER A 313 -5.41 16.89 -30.95
CA SER A 313 -6.38 16.05 -30.27
C SER A 313 -5.99 14.59 -30.43
N VAL A 314 -6.11 13.81 -29.35
CA VAL A 314 -5.68 12.41 -29.38
C VAL A 314 -6.85 11.50 -28.99
N ASP A 315 -6.82 10.29 -29.55
CA ASP A 315 -7.83 9.25 -29.37
C ASP A 315 -7.09 7.92 -29.42
N LEU A 316 -6.91 7.27 -28.27
CA LEU A 316 -6.13 6.04 -28.19
C LEU A 316 -6.90 4.78 -28.57
N GLY A 317 -8.21 4.85 -28.73
CA GLY A 317 -8.99 3.68 -29.02
C GLY A 317 -9.53 3.05 -27.76
N PRO A 318 -10.28 1.95 -27.91
CA PRO A 318 -11.02 1.38 -26.76
C PRO A 318 -10.10 0.84 -25.67
N SER A 319 -10.62 0.86 -24.45
CA SER A 319 -9.87 0.39 -23.29
C SER A 319 -9.70 -1.13 -23.35
N GLY A 320 -8.70 -1.62 -22.64
CA GLY A 320 -8.36 -3.03 -22.68
C GLY A 320 -7.41 -3.43 -23.79
N THR A 321 -6.89 -2.47 -24.55
CA THR A 321 -5.86 -2.71 -25.54
C THR A 321 -4.49 -2.28 -25.00
N LEU A 322 -3.45 -2.62 -25.77
CA LEU A 322 -2.09 -2.32 -25.32
C LEU A 322 -1.90 -0.83 -25.06
N CYS A 323 -2.47 0.03 -25.90
CA CYS A 323 -2.28 1.46 -25.74
C CYS A 323 -3.20 2.11 -24.71
N ASN A 324 -4.36 1.52 -24.43
CA ASN A 324 -5.28 2.11 -23.46
C ASN A 324 -5.88 1.01 -22.60
N ALA A 325 -5.30 0.81 -21.43
CA ALA A 325 -5.81 -0.14 -20.46
C ALA A 325 -6.56 0.59 -19.35
N GLN A 326 -7.50 -0.12 -18.75
CA GLN A 326 -8.17 0.30 -17.52
C GLN A 326 -7.77 -0.76 -16.51
N GLU A 327 -8.50 -0.88 -15.41
CA GLU A 327 -8.23 -1.92 -14.41
C GLU A 327 -8.04 -3.34 -14.96
N PRO A 328 -8.63 -3.73 -16.13
CA PRO A 328 -8.38 -5.09 -16.66
C PRO A 328 -6.94 -5.51 -16.95
N ALA A 329 -5.93 -4.67 -16.75
CA ALA A 329 -4.52 -5.07 -16.85
C ALA A 329 -3.75 -4.49 -15.70
N PRO A 330 -4.09 -4.88 -14.46
CA PRO A 330 -3.93 -3.99 -13.31
C PRO A 330 -2.63 -3.25 -13.08
N HIS A 331 -1.62 -3.36 -13.94
CA HIS A 331 -0.34 -2.71 -13.64
C HIS A 331 0.57 -2.61 -14.86
N VAL A 332 1.51 -1.68 -14.77
CA VAL A 332 2.44 -1.31 -15.84
C VAL A 332 3.71 -0.77 -15.19
N ASN A 333 4.84 -1.31 -15.61
CA ASN A 333 6.12 -0.70 -15.33
C ASN A 333 6.84 -0.20 -16.57
N CYS A 334 6.28 -0.41 -17.75
CA CYS A 334 6.97 -0.05 -18.99
C CYS A 334 6.27 1.09 -19.72
N THR A 335 6.82 2.30 -19.53
CA THR A 335 6.64 3.40 -20.44
C THR A 335 7.78 3.41 -21.45
N THR A 336 8.38 2.24 -21.66
CA THR A 336 9.50 2.02 -22.57
C THR A 336 9.11 1.09 -23.70
N THR A 337 8.65 -0.13 -23.39
CA THR A 337 8.35 -1.09 -24.44
C THR A 337 7.25 -0.61 -25.40
N PRO A 338 5.99 -0.44 -24.96
CA PRO A 338 4.93 -0.14 -25.95
C PRO A 338 5.08 1.23 -26.58
N MET A 339 5.53 2.18 -25.77
CA MET A 339 5.64 3.58 -26.17
C MET A 339 6.60 3.78 -27.32
N GLU A 340 7.69 3.02 -27.38
CA GLU A 340 8.65 3.21 -28.47
C GLU A 340 7.99 2.97 -29.81
N THR A 341 7.31 1.83 -29.95
CA THR A 341 6.62 1.51 -31.18
C THR A 341 5.51 2.52 -31.46
N LEU A 342 4.79 2.93 -30.41
CA LEU A 342 3.77 3.96 -30.56
C LEU A 342 4.35 5.26 -31.13
N ALA A 343 5.46 5.72 -30.55
CA ALA A 343 6.08 6.96 -30.97
C ALA A 343 6.62 6.85 -32.39
N ASP A 344 7.26 5.72 -32.71
CA ASP A 344 7.70 5.49 -34.09
C ASP A 344 6.54 5.62 -35.06
N ALA A 345 5.41 4.98 -34.75
CA ALA A 345 4.29 5.01 -35.69
C ALA A 345 3.78 6.44 -35.88
N VAL A 346 3.60 7.18 -34.78
CA VAL A 346 3.08 8.53 -34.89
C VAL A 346 4.05 9.42 -35.66
N ARG A 347 5.35 9.31 -35.37
CA ARG A 347 6.34 10.11 -36.10
C ARG A 347 6.34 9.73 -37.58
N LEU A 348 6.16 8.44 -37.88
CA LEU A 348 6.13 8.01 -39.27
C LEU A 348 4.96 8.63 -40.00
N ALA A 349 3.80 8.71 -39.36
CA ALA A 349 2.67 9.42 -39.95
C ALA A 349 3.03 10.89 -40.20
N LEU A 350 3.51 11.56 -39.15
CA LEU A 350 3.78 12.99 -39.25
C LEU A 350 4.87 13.29 -40.27
N GLU A 351 5.77 12.35 -40.50
CA GLU A 351 6.80 12.51 -41.50
C GLU A 351 6.29 12.13 -42.88
N GLN A 352 5.34 11.20 -42.96
CA GLN A 352 4.66 10.92 -44.21
C GLN A 352 4.01 12.20 -44.73
N ALA A 353 3.53 13.03 -43.81
CA ALA A 353 3.05 14.34 -44.22
C ALA A 353 4.20 15.32 -44.50
N ALA A 354 5.35 15.11 -43.85
CA ALA A 354 6.45 16.07 -43.88
C ALA A 354 7.73 15.37 -44.36
N PRO A 355 7.82 15.06 -45.66
CA PRO A 355 9.10 14.57 -46.21
C PRO A 355 10.28 15.48 -45.92
N GLU A 356 10.02 16.79 -45.76
CA GLU A 356 11.02 17.76 -45.37
C GLU A 356 11.85 17.32 -44.16
N ARG A 357 11.21 16.70 -43.16
CA ARG A 357 11.88 16.47 -41.88
C ARG A 357 11.94 15.00 -41.49
N VAL A 358 12.04 14.10 -42.47
CA VAL A 358 12.12 12.69 -42.16
C VAL A 358 13.45 12.40 -41.48
N THR A 359 13.41 11.69 -40.37
CA THR A 359 14.60 11.27 -39.65
C THR A 359 14.60 9.74 -39.55
N ALA A 360 15.74 9.20 -39.12
CA ALA A 360 15.90 7.76 -38.96
C ALA A 360 15.59 7.32 -37.54
N SER A 361 15.19 6.06 -37.40
CA SER A 361 14.75 5.57 -36.11
C SER A 361 15.93 5.35 -35.17
N TRP A 362 15.66 5.47 -33.88
CA TRP A 362 16.65 5.17 -32.85
C TRP A 362 16.48 3.71 -32.43
N GLY A 363 17.33 3.24 -31.51
CA GLY A 363 17.40 1.85 -31.08
C GLY A 363 16.41 1.35 -30.03
N HIS A 364 15.54 2.22 -29.52
CA HIS A 364 14.54 2.00 -28.46
C HIS A 364 15.10 1.83 -27.05
N ALA A 365 16.35 1.37 -26.96
CA ALA A 365 17.01 0.94 -25.71
C ALA A 365 16.43 -0.32 -25.07
N SER A 366 15.86 -1.27 -25.80
CA SER A 366 16.50 -2.58 -25.97
C SER A 366 17.23 -3.23 -24.79
N GLY A 367 17.76 -2.45 -23.91
CA GLY A 367 18.94 -2.93 -23.23
C GLY A 367 19.03 -2.96 -21.73
N ILE A 368 17.91 -2.94 -21.02
CA ILE A 368 18.05 -2.73 -19.60
C ILE A 368 18.78 -3.89 -18.95
N ASN A 369 19.29 -3.61 -17.77
CA ASN A 369 19.92 -4.58 -16.90
C ASN A 369 19.73 -3.93 -15.55
N ILE A 370 18.95 -4.57 -14.69
CA ILE A 370 18.68 -4.03 -13.37
C ILE A 370 19.29 -5.00 -12.37
N ALA A 371 20.26 -4.54 -11.62
CA ALA A 371 21.16 -5.44 -10.92
C ALA A 371 21.46 -4.91 -9.53
N GLY A 372 21.93 -5.82 -8.71
CA GLY A 372 22.39 -5.53 -7.37
C GLY A 372 21.95 -6.63 -6.42
N HIS A 373 22.63 -6.70 -5.28
CA HIS A 373 22.33 -7.66 -4.22
C HIS A 373 23.24 -7.40 -3.03
N ASP A 374 23.28 -8.36 -2.11
CA ASP A 374 24.08 -8.33 -0.90
C ASP A 374 25.53 -7.94 -1.23
N PRO A 375 25.96 -6.74 -0.80
CA PRO A 375 27.33 -6.28 -1.08
C PRO A 375 28.39 -6.67 -0.07
N ARG A 376 29.57 -6.08 -0.25
CA ARG A 376 30.62 -6.09 0.76
C ARG A 376 30.29 -5.24 1.98
N ASN A 377 29.24 -4.44 1.92
CA ASN A 377 28.86 -3.53 2.99
C ASN A 377 27.74 -4.04 3.90
N ASN A 378 27.27 -5.27 3.68
CA ASN A 378 26.31 -5.92 4.58
C ASN A 378 24.97 -5.18 4.62
N ASN A 379 24.42 -4.91 3.46
CA ASN A 379 23.14 -4.20 3.33
C ASN A 379 22.53 -4.57 1.98
N ASP A 380 21.53 -3.81 1.56
CA ASP A 380 20.98 -3.95 0.23
C ASP A 380 21.56 -2.88 -0.67
N GLU A 381 22.13 -3.28 -1.81
CA GLU A 381 22.56 -2.29 -2.79
C GLU A 381 21.95 -2.70 -4.12
N TYR A 382 21.15 -1.80 -4.68
CA TYR A 382 20.34 -2.07 -5.86
C TYR A 382 20.31 -0.87 -6.79
N VAL A 383 20.29 -1.14 -8.09
CA VAL A 383 20.28 -0.08 -9.09
C VAL A 383 19.80 -0.67 -10.40
N THR A 384 19.34 0.19 -11.30
CA THR A 384 19.20 -0.16 -12.70
C THR A 384 20.49 0.21 -13.40
N MET A 385 21.03 -0.73 -14.18
CA MET A 385 22.22 -0.45 -14.98
C MET A 385 21.78 0.40 -16.16
N VAL A 386 21.46 1.67 -15.87
CA VAL A 386 21.02 2.60 -16.90
C VAL A 386 22.03 2.62 -18.03
N LEU A 387 23.31 2.49 -17.68
CA LEU A 387 24.40 2.36 -18.63
C LEU A 387 24.10 1.34 -19.72
N ALA A 388 23.46 0.24 -19.33
CA ALA A 388 23.18 -0.84 -20.27
C ALA A 388 22.30 -0.39 -21.42
N SER A 389 21.59 0.74 -21.24
CA SER A 389 20.54 1.19 -22.14
C SER A 389 20.72 2.64 -22.56
N VAL A 390 21.93 3.20 -22.47
CA VAL A 390 22.07 4.65 -22.60
C VAL A 390 22.06 5.07 -24.07
N ILE A 391 22.95 4.49 -24.87
CA ILE A 391 23.33 5.05 -26.17
C ILE A 391 23.04 4.06 -27.29
N SER A 392 22.32 4.52 -28.32
CA SER A 392 22.24 3.85 -29.60
C SER A 392 22.87 4.69 -30.69
N GLY A 393 22.39 5.91 -30.87
CA GLY A 393 22.77 6.74 -32.00
C GLY A 393 21.63 7.65 -32.37
N ALA A 394 21.93 8.90 -32.69
CA ALA A 394 20.89 9.88 -32.97
C ALA A 394 20.41 9.71 -34.41
N GLY A 395 19.96 8.48 -34.70
CA GLY A 395 19.56 8.08 -36.03
C GLY A 395 20.57 8.58 -37.03
N ALA A 396 20.09 9.30 -38.05
CA ALA A 396 20.97 9.96 -39.00
C ALA A 396 20.14 10.91 -39.83
N ASN A 397 20.63 12.13 -40.03
CA ASN A 397 19.90 13.16 -40.73
C ASN A 397 20.59 13.51 -42.04
N LYS A 398 19.89 14.33 -42.82
CA LYS A 398 20.46 14.89 -44.04
C LYS A 398 21.86 15.46 -43.80
N ALA A 399 22.11 15.96 -42.59
CA ALA A 399 23.39 16.57 -42.26
C ALA A 399 23.85 16.15 -40.86
N MET A 400 23.76 14.86 -40.54
CA MET A 400 24.28 14.41 -39.26
C MET A 400 24.58 12.91 -39.31
N ASP A 401 25.74 12.52 -38.75
CA ASP A 401 26.07 11.12 -38.54
C ASP A 401 25.36 10.50 -37.34
N GLY A 402 24.79 11.31 -36.44
CA GLY A 402 24.09 10.78 -35.30
C GLY A 402 25.06 10.56 -34.16
N TRP A 403 24.85 11.26 -33.05
CA TRP A 403 25.77 11.18 -31.93
C TRP A 403 25.57 9.91 -31.12
N PRO A 404 26.62 9.10 -30.91
CA PRO A 404 26.54 7.97 -29.98
C PRO A 404 26.80 8.41 -28.54
N ALA A 405 26.16 9.52 -28.15
CA ALA A 405 26.15 9.98 -26.75
C ALA A 405 24.76 10.51 -26.39
N CYS A 406 23.72 9.76 -26.73
CA CYS A 406 22.34 10.18 -26.54
C CYS A 406 21.65 9.21 -25.58
N GLY A 407 20.72 9.74 -24.78
CA GLY A 407 20.06 8.99 -23.75
C GLY A 407 18.99 8.03 -24.22
N PRO A 408 17.82 8.02 -23.57
CA PRO A 408 17.04 6.78 -23.43
C PRO A 408 16.80 5.95 -24.70
N LEU A 409 16.91 6.56 -25.88
CA LEU A 409 16.76 5.89 -27.19
C LEU A 409 15.33 5.51 -27.51
N CYS A 410 14.46 5.62 -26.51
CA CYS A 410 13.04 5.73 -26.72
C CYS A 410 12.68 7.16 -26.99
N CYS A 411 13.63 8.04 -26.74
CA CYS A 411 13.37 9.36 -26.23
C CYS A 411 14.46 10.30 -26.74
N PHE A 412 14.18 11.59 -26.66
CA PHE A 412 15.09 12.65 -27.11
C PHE A 412 16.56 12.37 -26.81
N GLY A 413 16.87 12.00 -25.57
CA GLY A 413 18.22 11.57 -25.28
C GLY A 413 18.87 12.20 -24.08
N ALA A 414 18.08 12.86 -23.22
CA ALA A 414 18.65 13.62 -22.10
C ALA A 414 19.21 12.74 -20.98
N LEU A 415 19.11 11.41 -21.11
CA LEU A 415 19.58 10.48 -20.09
C LEU A 415 21.10 10.51 -19.96
N MET A 416 21.58 10.28 -18.73
CA MET A 416 23.01 10.36 -18.41
C MET A 416 23.45 9.08 -17.71
N SER A 417 24.50 8.45 -18.25
CA SER A 417 25.03 7.22 -17.72
C SER A 417 25.84 7.45 -16.44
N GLY A 418 25.94 6.40 -15.63
CA GLY A 418 26.84 6.42 -14.49
C GLY A 418 28.29 6.26 -14.92
N ASP A 419 29.17 7.00 -14.26
CA ASP A 419 30.60 6.78 -14.45
C ASP A 419 31.08 5.56 -13.66
N ILE A 420 32.16 4.97 -14.15
CA ILE A 420 32.61 3.67 -13.63
C ILE A 420 32.94 3.78 -12.14
N GLU A 421 33.86 4.68 -11.79
CA GLU A 421 34.24 4.80 -10.39
C GLU A 421 33.06 5.19 -9.51
N LEU A 422 32.18 6.06 -10.02
CA LEU A 422 30.94 6.39 -9.33
C LEU A 422 30.17 5.14 -8.96
N LEU A 423 30.34 4.06 -9.73
CA LEU A 423 29.57 2.85 -9.57
C LEU A 423 30.29 1.74 -8.80
N GLU A 424 31.63 1.65 -8.91
CA GLU A 424 32.37 0.59 -8.24
C GLU A 424 32.58 0.82 -6.75
N TYR A 425 32.52 2.07 -6.30
CA TYR A 425 32.46 2.36 -4.87
C TYR A 425 31.05 2.10 -4.36
N SER A 426 30.06 2.64 -5.08
CA SER A 426 28.66 2.51 -4.71
C SER A 426 28.11 1.09 -4.88
N TYR A 427 28.77 0.23 -5.66
CA TYR A 427 28.22 -1.10 -5.93
C TYR A 427 29.27 -2.20 -5.85
N PRO A 428 28.89 -3.40 -5.37
CA PRO A 428 29.83 -4.50 -5.16
C PRO A 428 30.13 -5.31 -6.42
N VAL A 429 30.45 -4.60 -7.50
CA VAL A 429 30.64 -5.24 -8.80
C VAL A 429 31.99 -4.83 -9.35
N LEU A 430 32.42 -5.56 -10.37
CA LEU A 430 33.43 -5.05 -11.30
C LEU A 430 32.71 -4.69 -12.60
N ILE A 431 32.79 -3.43 -12.97
CA ILE A 431 32.34 -3.00 -14.29
C ILE A 431 33.45 -3.37 -15.28
N HIS A 432 33.28 -4.50 -15.97
CA HIS A 432 34.40 -5.03 -16.72
C HIS A 432 34.60 -4.27 -18.03
N ARG A 433 33.52 -3.99 -18.76
CA ARG A 433 33.60 -3.19 -19.96
C ARG A 433 32.36 -2.31 -20.09
N TYR A 434 32.57 -1.08 -20.55
CA TYR A 434 31.50 -0.19 -20.97
C TYR A 434 31.87 0.45 -22.29
N SER A 435 32.27 -0.40 -23.24
CA SER A 435 32.90 0.07 -24.46
C SER A 435 31.86 0.25 -25.57
N LEU A 436 32.33 0.72 -26.73
CA LEU A 436 31.44 0.97 -27.86
C LEU A 436 31.56 -0.13 -28.91
N MET A 437 30.47 -0.38 -29.63
CA MET A 437 30.33 -1.52 -30.52
C MET A 437 30.87 -1.24 -31.93
N THR A 438 31.16 -2.33 -32.64
CA THR A 438 31.49 -2.31 -34.06
C THR A 438 30.38 -3.00 -34.83
N ASP A 439 29.94 -2.39 -35.94
CA ASP A 439 28.89 -2.95 -36.80
C ASP A 439 27.63 -3.24 -35.99
N SER A 440 27.17 -2.23 -35.26
CA SER A 440 25.91 -2.28 -34.54
C SER A 440 25.03 -1.08 -34.84
N GLY A 441 25.51 -0.10 -35.59
CA GLY A 441 24.77 1.10 -35.92
C GLY A 441 24.11 0.96 -37.28
N GLY A 442 23.72 2.09 -37.85
CA GLY A 442 22.94 2.07 -39.06
C GLY A 442 23.75 1.91 -40.34
N ALA A 443 23.03 1.96 -41.45
CA ALA A 443 23.66 1.84 -42.77
C ALA A 443 22.88 2.74 -43.72
N GLY A 444 23.53 3.80 -44.18
CA GLY A 444 22.89 4.73 -45.09
C GLY A 444 23.91 5.72 -45.59
N GLU A 445 23.43 6.72 -46.35
CA GLU A 445 24.32 7.82 -46.70
C GLU A 445 24.90 8.43 -45.45
N PHE A 446 24.13 8.44 -44.37
CA PHE A 446 24.60 8.75 -43.05
C PHE A 446 24.17 7.61 -42.13
N ARG A 447 25.13 6.89 -41.57
CA ARG A 447 24.82 5.79 -40.68
C ARG A 447 24.46 6.32 -39.31
N GLY A 448 23.88 5.45 -38.49
CA GLY A 448 23.62 5.81 -37.11
C GLY A 448 24.83 5.57 -36.23
N GLY A 449 24.76 6.15 -35.03
CA GLY A 449 25.76 5.86 -34.03
C GLY A 449 25.70 4.42 -33.57
N SER A 450 26.82 3.94 -33.05
CA SER A 450 26.87 2.62 -32.43
C SER A 450 26.56 2.73 -30.93
N GLY A 451 26.07 1.63 -30.37
CA GLY A 451 25.64 1.57 -28.99
C GLY A 451 26.71 1.06 -28.06
N THR A 452 26.28 0.65 -26.86
CA THR A 452 27.21 0.25 -25.82
C THR A 452 27.32 -1.27 -25.71
N ARG A 453 28.46 -1.72 -25.22
CA ARG A 453 28.69 -3.06 -24.72
C ARG A 453 28.95 -2.91 -23.22
N LEU A 454 27.96 -3.27 -22.40
CA LEU A 454 28.14 -3.32 -20.96
C LEU A 454 28.40 -4.78 -20.60
N GLU A 455 29.60 -5.05 -20.12
CA GLU A 455 30.04 -6.35 -19.63
C GLU A 455 30.29 -6.22 -18.13
N LEU A 456 29.50 -6.93 -17.33
CA LEU A 456 29.46 -6.75 -15.89
C LEU A 456 29.80 -8.07 -15.19
N GLU A 457 30.54 -7.95 -14.10
CA GLU A 457 31.03 -9.10 -13.33
C GLU A 457 30.74 -8.86 -11.86
N PRO A 458 30.03 -9.75 -11.18
CA PRO A 458 29.77 -9.57 -9.75
C PRO A 458 30.97 -9.92 -8.89
N LEU A 459 31.16 -9.17 -7.80
CA LEU A 459 32.29 -9.42 -6.93
C LEU A 459 31.99 -10.47 -5.86
N LYS A 460 30.81 -10.45 -5.26
CA LYS A 460 30.38 -11.55 -4.39
C LYS A 460 29.10 -12.21 -4.86
N HIS A 461 28.01 -11.46 -5.06
CA HIS A 461 26.75 -12.00 -5.52
C HIS A 461 26.00 -10.88 -6.22
N ALA A 462 25.27 -11.23 -7.28
CA ALA A 462 24.48 -10.23 -7.99
C ALA A 462 23.37 -10.90 -8.78
N MET A 463 22.24 -10.20 -8.85
CA MET A 463 21.07 -10.57 -9.63
C MET A 463 20.92 -9.64 -10.83
N THR A 464 20.23 -10.15 -11.85
CA THR A 464 20.14 -9.48 -13.14
C THR A 464 18.71 -9.59 -13.65
N VAL A 465 18.09 -8.44 -13.90
CA VAL A 465 16.70 -8.36 -14.31
C VAL A 465 16.61 -7.51 -15.57
N VAL A 466 16.00 -8.06 -16.63
CA VAL A 466 15.78 -7.25 -17.83
C VAL A 466 14.30 -7.25 -18.21
N GLY A 467 13.83 -8.38 -18.70
CA GLY A 467 12.45 -8.54 -19.10
C GLY A 467 12.05 -7.72 -20.32
N PHE A 468 12.90 -6.78 -20.73
CA PHE A 468 12.51 -5.83 -21.76
C PHE A 468 12.53 -6.44 -23.16
N GLY A 469 11.66 -5.89 -24.00
CA GLY A 469 11.34 -6.46 -25.29
C GLY A 469 12.06 -5.78 -26.47
N GLU A 470 11.85 -6.39 -27.64
CA GLU A 470 12.38 -5.89 -28.92
C GLU A 470 13.89 -5.84 -29.05
N GLY A 471 14.50 -7.02 -29.17
CA GLY A 471 15.93 -7.08 -29.34
C GLY A 471 16.39 -7.85 -30.56
N ARG A 472 15.55 -8.74 -31.11
CA ARG A 472 15.92 -9.41 -32.35
C ARG A 472 15.25 -8.81 -33.58
N GLN A 473 13.92 -8.67 -33.57
CA GLN A 473 13.23 -8.05 -34.70
C GLN A 473 13.24 -6.55 -34.44
N LEU A 474 14.25 -5.88 -34.95
CA LEU A 474 14.47 -4.47 -34.67
C LEU A 474 13.87 -3.58 -35.75
N PRO A 475 12.68 -2.98 -35.53
CA PRO A 475 12.09 -2.11 -36.55
C PRO A 475 12.66 -0.71 -36.50
N THR A 476 13.98 -0.63 -36.43
CA THR A 476 14.72 0.61 -36.37
C THR A 476 15.04 1.15 -37.75
N ALA A 477 14.31 0.70 -38.77
CA ALA A 477 14.70 0.91 -40.15
C ALA A 477 14.73 2.39 -40.46
N GLY A 478 15.69 2.80 -41.28
CA GLY A 478 15.95 4.20 -41.51
C GLY A 478 15.15 4.75 -42.66
N ALA A 479 15.70 5.79 -43.29
CA ALA A 479 14.90 6.63 -44.18
C ALA A 479 14.87 6.05 -45.59
N ALA A 480 14.00 5.05 -45.76
CA ALA A 480 13.61 4.50 -47.06
C ALA A 480 14.80 4.36 -48.02
N GLY A 481 15.75 3.53 -47.62
CA GLY A 481 16.99 3.42 -48.37
C GLY A 481 18.12 3.07 -47.45
N ALA A 482 17.92 3.27 -46.15
CA ALA A 482 18.82 2.69 -45.18
C ALA A 482 18.81 1.18 -45.36
N LYS A 483 19.99 0.57 -45.41
CA LYS A 483 20.07 -0.81 -45.87
C LYS A 483 20.08 -1.84 -44.74
N ASN A 484 20.94 -1.66 -43.74
CA ASN A 484 21.01 -2.59 -42.61
C ASN A 484 21.34 -3.99 -43.13
N VAL A 485 22.28 -4.04 -44.09
CA VAL A 485 22.55 -5.27 -44.83
C VAL A 485 22.96 -6.40 -43.90
N LEU A 486 23.85 -6.11 -42.94
CA LEU A 486 24.30 -7.13 -41.99
C LEU A 486 24.70 -6.43 -40.70
N LEU A 487 23.93 -6.66 -39.63
CA LEU A 487 24.16 -5.95 -38.37
C LEU A 487 23.83 -6.85 -37.19
N GLU A 488 24.45 -6.53 -36.03
CA GLU A 488 24.18 -7.27 -34.81
C GLU A 488 23.15 -6.55 -33.95
N PRO A 489 22.11 -7.25 -33.51
CA PRO A 489 21.17 -6.70 -32.52
C PRO A 489 21.65 -7.01 -31.11
N LYS A 490 20.85 -6.71 -30.08
CA LYS A 490 21.24 -7.09 -28.72
C LYS A 490 20.82 -8.52 -28.39
N LEU A 491 21.67 -9.16 -27.57
CA LEU A 491 21.47 -10.48 -26.99
C LEU A 491 21.66 -10.27 -25.50
N GLY A 492 20.72 -10.77 -24.69
CA GLY A 492 21.03 -10.78 -23.27
C GLY A 492 21.84 -12.00 -22.91
N ARG A 493 23.16 -11.90 -22.77
CA ARG A 493 23.98 -13.10 -22.71
C ARG A 493 24.58 -13.29 -21.32
N LEU A 494 24.50 -14.53 -20.83
CA LEU A 494 25.11 -14.91 -19.56
C LEU A 494 26.17 -15.98 -19.78
N ILE A 495 27.38 -15.71 -19.31
CA ILE A 495 28.46 -16.70 -19.29
C ILE A 495 28.52 -17.17 -17.85
N HIS A 496 28.11 -18.42 -17.62
CA HIS A 496 27.97 -18.96 -16.27
C HIS A 496 28.78 -20.23 -16.11
N ARG A 497 28.91 -20.64 -14.84
CA ARG A 497 29.67 -21.79 -14.37
C ARG A 497 31.16 -21.64 -14.57
N HIS A 498 31.66 -20.45 -14.91
CA HIS A 498 33.08 -20.22 -15.12
C HIS A 498 33.62 -21.05 -16.29
N VAL A 499 32.69 -21.57 -17.08
CA VAL A 499 32.94 -22.21 -18.36
C VAL A 499 32.17 -21.37 -19.34
N ASP A 500 32.45 -21.53 -20.63
CA ASP A 500 31.95 -20.54 -21.57
C ASP A 500 30.44 -20.75 -21.71
N GLY A 501 29.74 -20.38 -20.64
CA GLY A 501 28.31 -20.58 -20.45
C GLY A 501 27.48 -20.32 -21.69
N GLU A 502 27.40 -19.06 -22.11
CA GLU A 502 26.67 -18.68 -23.31
C GLU A 502 25.24 -19.18 -23.26
N GLU A 503 24.51 -18.66 -22.29
CA GLU A 503 23.06 -18.79 -22.25
C GLU A 503 22.58 -17.48 -22.88
N ASP A 504 22.21 -17.57 -24.15
CA ASP A 504 21.76 -16.43 -24.92
C ASP A 504 20.26 -16.28 -24.68
N HIS A 505 19.87 -15.17 -24.09
CA HIS A 505 18.49 -14.91 -23.74
C HIS A 505 17.90 -13.86 -24.67
N TYR A 506 16.74 -14.18 -25.22
CA TYR A 506 15.94 -13.17 -25.91
C TYR A 506 15.52 -12.17 -24.84
N ILE A 507 15.76 -10.88 -25.10
CA ILE A 507 15.92 -9.85 -24.08
C ILE A 507 14.93 -9.96 -22.92
N GLN A 508 13.79 -10.61 -23.13
CA GLN A 508 12.85 -10.84 -22.05
C GLN A 508 13.46 -11.87 -21.11
N ASN A 509 14.33 -11.39 -20.23
CA ASN A 509 15.14 -12.23 -19.36
C ASN A 509 14.37 -12.67 -18.12
N THR A 510 14.56 -13.93 -17.73
CA THR A 510 14.10 -14.32 -16.42
C THR A 510 15.05 -13.71 -15.38
N LEU A 511 14.71 -13.85 -14.10
CA LEU A 511 15.57 -13.33 -13.04
C LEU A 511 16.84 -14.15 -13.04
N LEU A 512 17.93 -13.61 -13.57
CA LEU A 512 19.19 -14.34 -13.55
C LEU A 512 20.05 -13.95 -12.35
N THR A 513 21.09 -14.75 -12.13
CA THR A 513 22.06 -14.54 -11.06
C THR A 513 23.45 -14.80 -11.62
N ALA A 514 24.47 -14.30 -10.92
CA ALA A 514 25.84 -14.49 -11.38
C ALA A 514 26.78 -14.79 -10.22
N GLN A 515 27.72 -15.71 -10.45
CA GLN A 515 28.75 -16.07 -9.48
C GLN A 515 30.05 -15.35 -9.83
N PRO A 516 30.96 -15.19 -8.86
CA PRO A 516 32.23 -14.49 -9.14
C PRO A 516 32.97 -15.13 -10.29
N GLY A 517 33.39 -14.29 -11.25
CA GLY A 517 34.04 -14.73 -12.46
C GLY A 517 33.10 -14.85 -13.64
N GLU A 518 31.84 -15.20 -13.39
CA GLU A 518 30.84 -15.28 -14.45
C GLU A 518 30.55 -13.87 -14.94
N ARG A 519 30.13 -13.74 -16.19
CA ARG A 519 29.87 -12.39 -16.69
C ARG A 519 28.53 -12.29 -17.40
N VAL A 520 27.85 -11.17 -17.15
CA VAL A 520 26.62 -10.83 -17.84
C VAL A 520 26.93 -9.72 -18.83
N ILE A 521 26.50 -9.90 -20.08
CA ILE A 521 26.76 -8.91 -21.10
C ILE A 521 25.45 -8.53 -21.74
N ASN A 522 25.28 -7.23 -21.95
CA ASN A 522 24.19 -6.76 -22.79
C ASN A 522 24.72 -5.60 -23.59
N VAL A 523 24.17 -5.42 -24.79
CA VAL A 523 24.61 -4.38 -25.69
C VAL A 523 23.44 -3.49 -26.08
N ASN A 524 23.77 -2.29 -26.52
CA ASN A 524 22.74 -1.36 -26.95
C ASN A 524 22.71 -1.33 -28.48
N PRO A 525 21.65 -1.81 -29.11
CA PRO A 525 21.55 -1.68 -30.58
C PRO A 525 21.47 -0.22 -31.01
N GLY A 526 22.22 0.11 -32.05
CA GLY A 526 22.33 1.48 -32.50
C GLY A 526 21.15 1.95 -33.36
N GLY A 527 21.21 3.25 -33.72
CA GLY A 527 20.16 3.88 -34.49
C GLY A 527 20.23 3.52 -35.97
N GLY A 528 19.23 4.00 -36.70
CA GLY A 528 19.06 3.65 -38.10
C GLY A 528 20.02 4.37 -39.03
N GLY A 529 19.64 4.41 -40.31
CA GLY A 529 20.42 5.10 -41.32
C GLY A 529 19.53 5.99 -42.16
N TYR A 530 20.16 6.82 -42.99
CA TYR A 530 19.47 7.83 -43.77
C TYR A 530 19.83 7.67 -45.23
N GLY A 531 18.87 7.27 -46.06
CA GLY A 531 19.14 7.22 -47.47
C GLY A 531 20.07 6.08 -47.85
N ASP A 532 20.63 6.21 -49.06
CA ASP A 532 21.41 5.12 -49.63
C ASP A 532 22.87 5.22 -49.21
N PRO A 533 23.44 4.13 -48.68
CA PRO A 533 24.84 4.14 -48.23
C PRO A 533 25.87 4.07 -49.33
N LEU A 534 25.50 3.75 -50.56
CA LEU A 534 26.49 3.81 -51.62
C LEU A 534 26.92 5.25 -51.92
N ARG A 535 26.22 6.22 -51.34
CA ARG A 535 26.51 7.64 -51.50
C ARG A 535 27.25 8.24 -50.32
N ARG A 536 27.54 7.45 -49.29
CA ARG A 536 28.28 7.97 -48.15
C ARG A 536 29.74 8.23 -48.58
N PRO A 537 30.29 9.38 -48.24
CA PRO A 537 31.59 9.78 -48.81
C PRO A 537 32.64 8.69 -48.67
N LEU A 538 33.43 8.51 -49.73
CA LEU A 538 34.36 7.39 -49.83
C LEU A 538 35.42 7.47 -48.72
N ALA A 539 36.10 8.62 -48.63
CA ALA A 539 37.05 8.83 -47.54
C ALA A 539 36.39 8.71 -46.18
N THR A 540 35.12 9.12 -46.08
CA THR A 540 34.41 9.00 -44.82
C THR A 540 34.18 7.54 -44.45
N VAL A 541 33.79 6.71 -45.42
CA VAL A 541 33.60 5.30 -45.14
C VAL A 541 34.92 4.64 -44.79
N LEU A 542 35.99 5.01 -45.49
CA LEU A 542 37.31 4.47 -45.15
C LEU A 542 37.70 4.81 -43.72
N ALA A 543 37.55 6.09 -43.35
CA ALA A 543 37.85 6.50 -41.98
C ALA A 543 36.99 5.73 -40.99
N ASP A 544 35.69 5.65 -41.25
CA ASP A 544 34.77 4.97 -40.36
C ASP A 544 35.17 3.51 -40.15
N VAL A 545 35.64 2.86 -41.21
CA VAL A 545 36.09 1.48 -41.05
C VAL A 545 37.36 1.45 -40.20
N ARG A 546 38.32 2.31 -40.53
CA ARG A 546 39.56 2.37 -39.75
C ARG A 546 39.32 2.89 -38.34
N ASN A 547 38.29 3.73 -38.14
CA ASN A 547 38.02 4.26 -36.80
C ASN A 547 37.73 3.15 -35.80
N GLY A 548 37.45 1.95 -36.28
CA GLY A 548 37.08 0.85 -35.42
C GLY A 548 35.65 0.87 -34.95
N LEU A 549 34.74 1.38 -35.77
CA LEU A 549 33.30 1.21 -35.55
C LEU A 549 32.60 0.40 -36.63
N VAL A 550 33.22 0.26 -37.80
CA VAL A 550 32.70 -0.55 -38.89
C VAL A 550 33.84 -1.41 -39.40
N SER A 551 33.62 -2.70 -39.56
CA SER A 551 34.67 -3.56 -40.05
C SER A 551 34.70 -3.58 -41.58
N ILE A 552 35.80 -4.12 -42.12
CA ILE A 552 35.91 -4.29 -43.56
C ILE A 552 34.81 -5.22 -44.06
N ASP A 553 34.62 -6.33 -43.34
CA ASP A 553 33.52 -7.24 -43.65
C ASP A 553 32.20 -6.47 -43.69
N GLY A 554 32.02 -5.55 -42.74
CA GLY A 554 30.94 -4.59 -42.80
C GLY A 554 30.94 -3.76 -44.06
N ALA A 555 31.99 -2.96 -44.24
CA ALA A 555 32.04 -1.95 -45.30
C ALA A 555 31.73 -2.55 -46.67
N ARG A 556 32.35 -3.69 -46.99
CA ARG A 556 32.19 -4.31 -48.30
C ARG A 556 30.72 -4.50 -48.68
N LEU A 557 29.88 -4.82 -47.69
CA LEU A 557 28.49 -5.17 -47.94
C LEU A 557 27.52 -4.05 -47.60
N GLU A 558 27.84 -3.22 -46.62
CA GLU A 558 26.94 -2.12 -46.26
C GLU A 558 27.10 -0.92 -47.17
N TYR A 559 28.33 -0.49 -47.45
CA TYR A 559 28.54 0.77 -48.13
C TYR A 559 29.08 0.66 -49.53
N GLY A 560 29.51 -0.52 -49.96
CA GLY A 560 30.12 -0.64 -51.27
C GLY A 560 31.49 0.00 -51.31
N VAL A 561 32.14 0.12 -50.16
CA VAL A 561 33.51 0.59 -50.05
C VAL A 561 34.27 -0.57 -49.44
N VAL A 562 35.01 -1.30 -50.26
CA VAL A 562 35.67 -2.54 -49.85
C VAL A 562 37.13 -2.25 -49.54
N ILE A 563 37.59 -2.73 -48.38
CA ILE A 563 38.98 -2.59 -48.01
C ILE A 563 39.59 -3.99 -48.02
N ASP A 564 40.90 -4.05 -48.20
CA ASP A 564 41.66 -5.28 -48.27
C ASP A 564 42.86 -5.16 -47.32
N GLY A 565 43.57 -6.26 -47.14
CA GLY A 565 44.85 -6.16 -46.47
C GLY A 565 45.79 -5.40 -47.38
N ASN A 566 45.45 -4.14 -47.56
CA ASN A 566 46.09 -3.20 -48.48
C ASN A 566 45.99 -1.81 -47.87
N GLY A 567 46.64 -0.86 -48.51
CA GLY A 567 46.62 0.49 -47.99
C GLY A 567 45.27 1.18 -48.13
N GLN A 568 44.89 1.59 -49.33
CA GLN A 568 43.69 2.43 -49.36
C GLN A 568 42.38 1.71 -49.64
N LEU A 569 42.08 1.42 -50.91
CA LEU A 569 40.81 0.74 -51.19
C LEU A 569 40.65 -0.04 -52.50
N ASP A 570 41.69 -0.15 -53.34
CA ASP A 570 41.54 -0.90 -54.59
C ASP A 570 40.51 -0.26 -55.52
N GLU A 571 40.92 0.77 -56.29
CA GLU A 571 40.10 1.52 -57.24
C GLU A 571 38.92 0.74 -57.80
N ALA A 572 39.15 -0.51 -58.17
CA ALA A 572 38.17 -1.31 -58.91
C ALA A 572 37.30 -2.12 -57.98
N ALA A 573 37.89 -2.74 -56.95
CA ALA A 573 37.10 -3.38 -55.91
C ALA A 573 36.12 -2.42 -55.26
N THR A 574 36.39 -1.11 -55.33
CA THR A 574 35.45 -0.13 -54.79
C THR A 574 34.12 -0.18 -55.53
N HIS A 575 34.17 -0.08 -56.85
CA HIS A 575 32.99 -0.04 -57.70
C HIS A 575 32.44 -1.42 -58.12
N ALA A 576 33.24 -2.48 -58.06
CA ALA A 576 32.76 -3.79 -58.52
C ALA A 576 31.54 -4.28 -57.75
N HIS A 577 31.47 -3.97 -56.46
CA HIS A 577 30.38 -4.43 -55.60
C HIS A 577 29.16 -3.50 -55.61
N ARG A 578 29.22 -2.36 -56.30
CA ARG A 578 28.16 -1.36 -56.28
C ARG A 578 27.17 -1.49 -57.44
N ALA A 579 26.82 -2.72 -57.83
CA ALA A 579 25.81 -2.89 -58.88
C ALA A 579 24.46 -2.34 -58.45
N ALA A 580 24.10 -2.51 -57.18
CA ALA A 580 22.76 -2.13 -56.72
C ALA A 580 22.77 -0.76 -56.04
N TYR B 6 57.27 49.03 -9.92
CA TYR B 6 57.90 47.72 -9.84
C TYR B 6 57.02 46.57 -10.34
N ARG B 7 55.88 46.86 -10.97
CA ARG B 7 55.06 45.77 -11.47
C ARG B 7 54.39 46.06 -12.80
N LEU B 8 54.35 45.01 -13.62
CA LEU B 8 53.69 45.05 -14.92
C LEU B 8 52.70 43.89 -14.97
N GLY B 9 51.55 44.15 -15.55
CA GLY B 9 50.54 43.14 -15.73
C GLY B 9 50.07 43.18 -17.16
N ILE B 10 49.81 42.00 -17.70
CA ILE B 10 49.38 41.85 -19.09
C ILE B 10 48.05 41.13 -19.06
N ASP B 11 47.02 41.78 -19.58
CA ASP B 11 45.69 41.20 -19.67
C ASP B 11 45.31 41.24 -21.14
N ALA B 12 45.54 40.13 -21.83
CA ALA B 12 45.14 40.01 -23.23
C ALA B 12 43.66 39.69 -23.26
N GLY B 13 42.84 40.68 -23.57
CA GLY B 13 41.40 40.54 -23.61
C GLY B 13 40.77 40.22 -24.95
N GLY B 14 41.55 40.14 -26.04
CA GLY B 14 41.01 39.75 -27.32
C GLY B 14 40.38 40.86 -28.14
N THR B 15 40.13 42.03 -27.57
CA THR B 15 39.62 43.16 -28.35
C THR B 15 40.68 44.25 -28.51
N PHE B 16 41.16 44.79 -27.41
CA PHE B 16 42.41 45.53 -27.29
C PHE B 16 43.33 44.66 -26.45
N THR B 17 44.46 45.22 -26.03
CA THR B 17 45.30 44.56 -25.06
C THR B 17 45.51 45.50 -23.89
N ASP B 18 45.21 45.02 -22.68
CA ASP B 18 45.35 45.85 -21.50
C ASP B 18 46.75 45.69 -20.95
N PHE B 19 47.47 46.81 -20.88
CA PHE B 19 48.86 46.87 -20.45
C PHE B 19 48.87 47.69 -19.17
N ILE B 20 49.23 47.07 -18.03
CA ILE B 20 49.09 47.70 -16.73
C ILE B 20 50.50 47.92 -16.18
N LEU B 21 50.84 49.17 -15.89
CA LEU B 21 52.17 49.48 -15.42
C LEU B 21 52.08 50.34 -14.17
N ALA B 22 52.91 50.01 -13.17
CA ALA B 22 52.93 50.81 -11.95
C ALA B 22 54.29 50.69 -11.25
N ASP B 23 54.57 51.72 -10.45
CA ASP B 23 55.75 51.85 -9.60
C ASP B 23 55.31 52.32 -8.21
N HIS B 24 56.26 52.75 -7.38
CA HIS B 24 55.98 53.04 -5.97
C HIS B 24 54.90 54.10 -5.80
N GLN B 25 54.58 54.86 -6.85
CA GLN B 25 53.51 55.84 -6.79
C GLN B 25 52.14 55.21 -6.66
N GLY B 26 52.01 53.94 -7.01
CA GLY B 26 50.70 53.30 -7.01
C GLY B 26 49.85 53.77 -8.16
N ASN B 27 50.43 54.53 -9.08
CA ASN B 27 49.67 55.06 -10.21
C ASN B 27 49.31 53.94 -11.19
N VAL B 28 48.04 53.88 -11.56
CA VAL B 28 47.53 52.84 -12.44
C VAL B 28 47.72 53.39 -13.85
N GLN B 29 48.89 53.12 -14.45
CA GLN B 29 49.17 53.67 -15.77
C GLN B 29 48.81 52.63 -16.82
N LEU B 30 47.90 53.00 -17.71
CA LEU B 30 47.25 52.07 -18.63
C LEU B 30 47.66 52.33 -20.08
N PHE B 31 48.09 51.28 -20.77
CA PHE B 31 48.41 51.32 -22.18
C PHE B 31 47.58 50.29 -22.94
N LYS B 32 47.49 50.51 -24.25
CA LYS B 32 46.80 49.62 -25.17
C LYS B 32 47.77 49.20 -26.27
N ALA B 33 47.62 47.95 -26.71
CA ALA B 33 48.40 47.43 -27.83
C ALA B 33 47.76 46.15 -28.36
N PRO B 34 46.68 46.24 -29.14
CA PRO B 34 46.01 45.02 -29.62
C PRO B 34 46.94 44.19 -30.47
N SER B 35 46.89 42.88 -30.24
CA SER B 35 47.78 41.93 -30.89
C SER B 35 46.99 40.98 -31.78
N THR B 36 47.62 40.56 -32.87
CA THR B 36 47.00 39.61 -33.78
C THR B 36 46.65 38.34 -33.02
N PRO B 37 45.45 37.77 -33.27
CA PRO B 37 45.04 36.55 -32.54
C PRO B 37 46.03 35.41 -32.65
N HIS B 38 46.93 35.49 -33.63
CA HIS B 38 47.82 34.39 -33.99
C HIS B 38 49.21 34.50 -33.40
N ASP B 39 49.60 35.64 -32.82
CA ASP B 39 50.85 35.72 -32.08
C ASP B 39 50.81 36.92 -31.15
N GLY B 40 51.19 36.72 -29.89
CA GLY B 40 51.13 37.71 -28.84
C GLY B 40 52.38 38.49 -28.53
N THR B 41 53.49 38.25 -29.23
CA THR B 41 54.72 39.00 -28.99
C THR B 41 54.56 40.49 -29.31
N LEU B 42 53.44 40.87 -29.94
CA LEU B 42 53.14 42.27 -30.17
C LEU B 42 52.92 43.04 -28.87
N ALA B 43 52.21 42.44 -27.90
CA ALA B 43 51.92 43.16 -26.67
C ALA B 43 53.21 43.62 -25.98
N ILE B 44 54.18 42.72 -25.83
CA ILE B 44 55.41 43.05 -25.12
C ILE B 44 56.16 44.18 -25.82
N ARG B 45 56.60 43.92 -27.06
CA ARG B 45 57.50 44.82 -27.77
C ARG B 45 56.83 46.08 -28.29
N ASN B 46 55.51 46.06 -28.51
CA ASN B 46 54.79 47.27 -28.89
C ASN B 46 54.18 48.02 -27.71
N GLY B 47 54.21 47.44 -26.51
CA GLY B 47 53.86 48.21 -25.33
C GLY B 47 55.03 48.85 -24.62
N LEU B 48 56.14 48.11 -24.50
CA LEU B 48 57.30 48.63 -23.79
C LEU B 48 57.86 49.91 -24.42
N ALA B 49 57.69 50.10 -25.73
CA ALA B 49 58.17 51.32 -26.36
C ALA B 49 57.43 52.55 -25.83
N GLN B 50 56.16 52.38 -25.47
CA GLN B 50 55.34 53.47 -24.96
C GLN B 50 55.57 53.74 -23.48
N ILE B 51 55.92 52.72 -22.70
CA ILE B 51 56.24 52.96 -21.30
C ILE B 51 57.52 53.76 -21.15
N ALA B 52 58.40 53.71 -22.15
CA ALA B 52 59.56 54.60 -22.19
C ALA B 52 59.13 56.06 -22.21
N ASP B 53 57.96 56.34 -22.79
CA ASP B 53 57.38 57.67 -22.97
C ASP B 53 56.80 58.28 -21.68
N ALA B 54 56.78 57.59 -20.55
CA ALA B 54 56.16 58.25 -19.39
C ALA B 54 57.15 59.16 -18.67
N LEU B 55 58.31 58.65 -18.30
CA LEU B 55 59.34 59.46 -17.68
C LEU B 55 60.37 59.95 -18.69
N GLY B 56 60.62 59.15 -19.72
CA GLY B 56 61.70 59.40 -20.65
C GLY B 56 62.88 58.52 -20.28
N ARG B 57 62.60 57.26 -19.95
CA ARG B 57 63.66 56.32 -19.61
C ARG B 57 63.67 55.15 -20.59
N THR B 58 64.82 54.52 -20.70
CA THR B 58 65.09 53.53 -21.75
C THR B 58 64.18 52.32 -21.60
N PRO B 59 63.40 51.96 -22.63
CA PRO B 59 62.49 50.80 -22.49
C PRO B 59 63.21 49.48 -22.30
N ALA B 60 64.41 49.31 -22.84
CA ALA B 60 65.20 48.13 -22.53
C ALA B 60 65.67 48.14 -21.07
N GLU B 61 66.03 49.31 -20.56
CA GLU B 61 66.50 49.37 -19.17
C GLU B 61 65.37 49.18 -18.17
N ILE B 62 64.21 49.79 -18.42
CA ILE B 62 63.23 49.95 -17.36
C ILE B 62 62.47 48.69 -16.96
N ILE B 63 62.37 47.68 -17.83
CA ILE B 63 61.76 46.43 -17.36
C ILE B 63 62.57 45.86 -16.21
N ALA B 64 63.89 46.09 -16.21
CA ALA B 64 64.73 45.63 -15.12
C ALA B 64 64.25 46.15 -13.77
N ASP B 65 63.60 47.31 -13.76
CA ASP B 65 63.09 47.86 -12.51
C ASP B 65 61.79 47.21 -12.06
N CYS B 66 61.21 46.32 -12.86
CA CYS B 66 60.00 45.64 -12.44
C CYS B 66 60.36 44.33 -11.76
N ASP B 67 59.82 44.12 -10.56
CA ASP B 67 60.10 42.91 -9.82
C ASP B 67 59.19 41.79 -10.26
N LEU B 68 58.09 42.14 -10.95
CA LEU B 68 57.12 41.17 -11.42
C LEU B 68 56.59 41.58 -12.79
N CYS B 69 56.67 40.65 -13.74
CA CYS B 69 55.99 40.73 -15.03
C CYS B 69 54.94 39.63 -15.00
N ILE B 70 53.68 40.00 -14.84
CA ILE B 70 52.60 39.05 -14.63
C ILE B 70 51.77 39.01 -15.90
N ASN B 71 51.76 37.86 -16.59
CA ASN B 71 51.10 37.76 -17.89
C ASN B 71 49.96 36.77 -17.74
N GLY B 72 48.72 37.27 -17.76
CA GLY B 72 47.59 36.38 -17.89
C GLY B 72 47.18 36.28 -19.34
N THR B 73 47.23 35.08 -19.88
CA THR B 73 46.83 34.84 -21.25
C THR B 73 46.20 33.46 -21.32
N THR B 74 45.27 33.30 -22.25
CA THR B 74 44.49 32.08 -22.37
C THR B 74 44.53 31.58 -23.79
N VAL B 75 45.72 31.64 -24.41
CA VAL B 75 45.92 31.13 -25.75
C VAL B 75 45.59 29.65 -25.82
N ALA B 76 45.63 28.94 -24.69
CA ALA B 76 45.21 27.54 -24.68
C ALA B 76 43.72 27.43 -24.99
N LEU B 77 42.92 28.39 -24.51
CA LEU B 77 41.51 28.41 -24.87
C LEU B 77 41.36 28.57 -26.39
N ASN B 78 42.10 29.53 -26.95
CA ASN B 78 42.11 29.73 -28.39
C ASN B 78 42.52 28.47 -29.15
N ALA B 79 43.52 27.75 -28.61
CA ALA B 79 43.93 26.48 -29.19
C ALA B 79 42.79 25.49 -29.22
N LEU B 80 42.02 25.41 -28.12
CA LEU B 80 40.82 24.58 -28.14
C LEU B 80 39.84 25.09 -29.19
N ILE B 81 39.82 26.40 -29.40
CA ILE B 81 38.90 26.99 -30.39
C ILE B 81 39.41 26.79 -31.81
N GLU B 82 40.68 27.13 -32.07
CA GLU B 82 41.18 27.08 -33.45
C GLU B 82 41.27 25.68 -34.03
N LYS B 83 40.84 24.64 -33.30
CA LYS B 83 41.05 23.27 -33.75
C LYS B 83 42.53 23.00 -33.95
N THR B 84 43.35 23.65 -33.13
CA THR B 84 44.81 23.64 -33.23
C THR B 84 45.35 23.06 -31.94
N GLY B 85 46.26 22.10 -32.06
CA GLY B 85 46.81 21.52 -30.86
C GLY B 85 47.99 20.59 -31.03
N VAL B 86 47.95 19.49 -30.30
CA VAL B 86 49.00 18.48 -30.30
C VAL B 86 48.36 17.14 -30.60
N LYS B 87 48.96 16.37 -31.51
CA LYS B 87 48.40 15.06 -31.83
C LYS B 87 48.68 14.13 -30.66
N VAL B 88 47.64 13.80 -29.90
CA VAL B 88 47.78 13.24 -28.56
C VAL B 88 47.50 11.74 -28.60
N GLY B 89 48.40 10.96 -28.04
CA GLY B 89 48.14 9.56 -27.81
C GLY B 89 47.46 9.37 -26.47
N LEU B 90 46.68 8.30 -26.38
CA LEU B 90 45.92 7.99 -25.17
C LEU B 90 46.29 6.59 -24.73
N LEU B 91 46.75 6.47 -23.49
CA LEU B 91 46.92 5.18 -22.84
C LEU B 91 45.78 5.02 -21.84
N CYS B 92 44.94 4.01 -22.06
CA CYS B 92 43.71 3.88 -21.32
C CYS B 92 43.51 2.43 -20.92
N THR B 93 42.53 2.21 -20.04
CA THR B 93 42.26 0.88 -19.51
C THR B 93 41.34 0.11 -20.44
N ASP B 94 41.66 -1.17 -20.66
CA ASP B 94 40.89 -2.03 -21.55
C ASP B 94 39.43 -2.07 -21.12
N GLY B 95 38.53 -1.96 -22.10
CA GLY B 95 37.11 -1.99 -21.85
C GLY B 95 36.49 -0.62 -21.68
N HIS B 96 37.31 0.40 -21.45
CA HIS B 96 36.86 1.77 -21.21
C HIS B 96 37.67 2.72 -22.07
N GLU B 97 38.22 2.21 -23.18
CA GLU B 97 39.13 2.96 -24.03
C GLU B 97 38.47 4.17 -24.69
N ASP B 98 37.17 4.12 -24.97
CA ASP B 98 36.47 5.19 -25.67
C ASP B 98 35.52 5.97 -24.78
N SER B 99 35.65 5.85 -23.45
CA SER B 99 34.75 6.59 -22.56
C SER B 99 34.79 8.09 -22.83
N LEU B 100 35.94 8.61 -23.28
CA LEU B 100 36.02 10.03 -23.64
C LEU B 100 34.92 10.41 -24.62
N GLU B 101 34.65 9.55 -25.60
CA GLU B 101 33.60 9.82 -26.59
C GLU B 101 32.21 9.58 -26.03
N ILE B 102 32.09 8.76 -24.98
CA ILE B 102 30.79 8.48 -24.39
C ILE B 102 30.22 9.74 -23.75
N ARG B 103 31.06 10.49 -23.03
CA ARG B 103 30.67 11.72 -22.34
C ARG B 103 29.44 11.52 -21.45
N LEU B 104 29.41 10.38 -20.77
CA LEU B 104 28.43 10.09 -19.72
C LEU B 104 27.00 9.98 -20.23
N GLY B 105 26.80 9.56 -21.47
CA GLY B 105 25.47 9.70 -22.05
C GLY B 105 25.33 11.11 -22.55
N HIS B 106 24.30 11.83 -22.09
CA HIS B 106 24.04 13.17 -22.60
C HIS B 106 24.10 14.20 -21.48
N LYS B 107 24.66 15.36 -21.80
CA LYS B 107 24.72 16.51 -20.91
C LYS B 107 24.50 17.84 -21.63
N GLU B 108 24.10 17.83 -22.91
CA GLU B 108 24.29 18.97 -23.79
C GLU B 108 23.10 19.93 -23.92
N ASP B 109 21.87 19.50 -23.64
CA ASP B 109 20.74 20.40 -23.82
C ASP B 109 20.69 21.43 -22.70
N GLY B 110 20.86 22.71 -23.05
CA GLY B 110 20.61 23.78 -22.09
C GLY B 110 21.55 24.98 -22.05
N HIS B 111 22.84 24.81 -22.37
CA HIS B 111 23.81 25.89 -22.27
C HIS B 111 24.10 26.46 -23.65
N ARG B 112 24.59 25.63 -24.56
CA ARG B 112 24.53 25.89 -25.98
C ARG B 112 23.55 24.87 -26.52
N TYR B 113 22.68 25.29 -27.43
CA TYR B 113 21.59 24.40 -27.81
C TYR B 113 21.27 24.58 -29.29
N ASP B 114 20.51 23.61 -29.80
CA ASP B 114 20.13 23.55 -31.20
C ASP B 114 19.03 22.50 -31.33
N ALA B 115 18.58 22.29 -32.56
CA ALA B 115 17.74 21.15 -32.87
C ALA B 115 18.60 19.94 -33.12
N THR B 116 19.70 20.15 -33.84
CA THR B 116 20.58 19.12 -34.36
C THR B 116 21.96 19.41 -33.79
N TYR B 117 22.06 19.40 -32.45
CA TYR B 117 23.30 19.64 -31.73
C TYR B 117 24.42 18.81 -32.35
N PRO B 118 25.46 19.42 -32.90
CA PRO B 118 26.66 18.67 -33.29
C PRO B 118 27.80 18.78 -32.28
N PRO B 119 27.67 18.26 -31.07
CA PRO B 119 28.68 18.56 -30.05
C PRO B 119 29.92 17.67 -30.21
N ALA B 120 30.90 17.93 -29.35
CA ALA B 120 32.02 17.01 -29.09
C ALA B 120 32.84 16.67 -30.34
N HIS B 121 33.55 17.68 -30.83
CA HIS B 121 34.59 17.37 -31.79
C HIS B 121 35.75 16.73 -31.03
N MET B 122 36.17 15.55 -31.46
CA MET B 122 37.02 14.74 -30.61
C MET B 122 38.44 15.31 -30.51
N LEU B 123 39.06 15.09 -29.36
CA LEU B 123 40.49 15.30 -29.20
C LEU B 123 41.29 14.02 -29.37
N VAL B 124 40.68 12.84 -29.17
CA VAL B 124 41.30 11.57 -29.49
C VAL B 124 40.35 10.80 -30.40
N PRO B 125 40.78 10.38 -31.60
CA PRO B 125 39.86 9.80 -32.59
C PRO B 125 39.73 8.28 -32.68
N ARG B 126 40.09 7.52 -31.64
CA ARG B 126 40.10 6.05 -31.68
C ARG B 126 41.24 5.52 -32.54
N HIS B 127 41.92 6.40 -33.27
CA HIS B 127 43.21 6.04 -33.84
C HIS B 127 44.28 6.02 -32.77
N LEU B 128 44.10 6.82 -31.72
CA LEU B 128 45.05 6.94 -30.63
C LEU B 128 44.43 6.49 -29.31
N ARG B 129 43.41 5.64 -29.40
CA ARG B 129 42.73 5.09 -28.23
C ARG B 129 43.25 3.69 -27.93
N ARG B 130 44.47 3.63 -27.41
CA ARG B 130 45.14 2.35 -27.21
C ARG B 130 44.74 1.81 -25.85
N PRO B 131 44.08 0.66 -25.77
CA PRO B 131 43.76 0.07 -24.47
C PRO B 131 44.92 -0.73 -23.92
N ILE B 132 44.97 -0.81 -22.60
CA ILE B 132 45.92 -1.65 -21.89
C ILE B 132 45.11 -2.62 -21.04
N GLY B 133 45.49 -3.90 -21.06
CA GLY B 133 44.64 -4.96 -20.54
C GLY B 133 44.50 -4.97 -19.04
N GLY B 134 45.41 -4.33 -18.32
CA GLY B 134 45.38 -4.34 -16.88
C GLY B 134 44.14 -3.67 -16.31
N ARG B 135 43.80 -4.08 -15.09
CA ARG B 135 42.57 -3.62 -14.45
C ARG B 135 42.75 -3.74 -12.94
N ILE B 136 42.30 -2.71 -12.20
CA ILE B 136 42.20 -2.77 -10.75
C ILE B 136 40.80 -2.32 -10.33
N ILE B 137 40.57 -2.29 -9.01
CA ILE B 137 39.23 -2.11 -8.45
C ILE B 137 39.22 -1.04 -7.35
N SER B 138 38.07 -0.92 -6.66
CA SER B 138 37.73 0.21 -5.82
C SER B 138 38.59 0.37 -4.57
N ASP B 139 39.41 -0.61 -4.23
CA ASP B 139 40.27 -0.47 -3.06
C ASP B 139 41.76 -0.46 -3.38
N GLY B 140 42.14 -0.55 -4.65
CA GLY B 140 43.54 -0.61 -5.02
C GLY B 140 44.07 -2.00 -5.28
N SER B 141 43.22 -3.02 -5.19
CA SER B 141 43.61 -4.40 -5.52
C SER B 141 43.77 -4.56 -7.02
N GLU B 142 44.88 -5.15 -7.44
CA GLU B 142 45.16 -5.39 -8.86
C GLU B 142 44.38 -6.61 -9.33
N PHE B 143 43.16 -6.38 -9.79
CA PHE B 143 42.35 -7.46 -10.36
C PHE B 143 43.07 -8.15 -11.51
N SER B 144 43.83 -7.39 -12.31
CA SER B 144 44.63 -7.90 -13.43
C SER B 144 45.82 -7.00 -13.69
N PRO B 145 47.01 -7.56 -13.95
CA PRO B 145 48.23 -6.74 -14.02
C PRO B 145 48.32 -5.91 -15.29
N LEU B 146 49.23 -4.93 -15.25
CA LEU B 146 49.44 -4.02 -16.36
C LEU B 146 49.89 -4.78 -17.60
N ASP B 147 49.25 -4.50 -18.73
CA ASP B 147 49.59 -5.15 -19.99
C ASP B 147 50.72 -4.37 -20.64
N GLU B 148 51.96 -4.76 -20.31
CA GLU B 148 53.13 -4.07 -20.85
C GLU B 148 53.26 -4.30 -22.36
N ALA B 149 52.74 -5.44 -22.85
CA ALA B 149 52.79 -5.72 -24.28
C ALA B 149 51.99 -4.68 -25.07
N ALA B 150 50.76 -4.43 -24.63
CA ALA B 150 49.95 -3.40 -25.28
C ALA B 150 50.64 -2.05 -25.26
N ILE B 151 51.34 -1.73 -24.16
CA ILE B 151 52.01 -0.44 -24.06
C ILE B 151 53.13 -0.35 -25.08
N HIS B 152 53.97 -1.39 -25.17
CA HIS B 152 55.05 -1.38 -26.15
C HIS B 152 54.52 -1.26 -27.57
N ALA B 153 53.52 -2.09 -27.91
CA ALA B 153 52.95 -2.04 -29.26
C ALA B 153 52.33 -0.68 -29.55
N ALA B 154 51.64 -0.10 -28.56
CA ALA B 154 51.03 1.21 -28.74
C ALA B 154 52.08 2.29 -28.90
N ILE B 155 53.22 2.17 -28.24
CA ILE B 155 54.30 3.14 -28.42
C ILE B 155 54.85 3.06 -29.83
N ASP B 156 55.10 1.84 -30.33
CA ASP B 156 55.52 1.72 -31.72
C ASP B 156 54.49 2.33 -32.66
N TYR B 157 53.21 2.07 -32.41
CA TYR B 157 52.15 2.65 -33.23
C TYR B 157 52.12 4.17 -33.13
N PHE B 158 52.35 4.71 -31.94
CA PHE B 158 52.37 6.16 -31.76
C PHE B 158 53.50 6.78 -32.57
N ARG B 159 54.64 6.10 -32.62
CA ARG B 159 55.70 6.49 -33.54
C ARG B 159 55.21 6.46 -34.98
N GLU B 160 54.43 5.43 -35.34
CA GLU B 160 53.89 5.33 -36.69
C GLU B 160 53.01 6.53 -37.05
N GLN B 161 52.13 6.95 -36.15
CA GLN B 161 51.14 7.99 -36.44
C GLN B 161 51.62 9.38 -36.07
N GLN B 162 52.90 9.54 -35.75
CA GLN B 162 53.52 10.85 -35.44
C GLN B 162 52.86 11.52 -34.23
N VAL B 163 52.60 10.73 -33.19
CA VAL B 163 52.05 11.28 -31.95
C VAL B 163 53.02 12.30 -31.36
N GLN B 164 52.47 13.35 -30.74
CA GLN B 164 53.27 14.41 -30.15
C GLN B 164 53.13 14.54 -28.64
N ALA B 165 52.04 14.06 -28.03
CA ALA B 165 51.91 14.02 -26.58
C ALA B 165 51.09 12.79 -26.20
N VAL B 166 51.36 12.26 -25.01
CA VAL B 166 50.71 11.05 -24.55
C VAL B 166 49.94 11.37 -23.27
N ALA B 167 48.64 11.08 -23.28
CA ALA B 167 47.82 11.18 -22.09
C ALA B 167 47.52 9.78 -21.58
N ILE B 168 47.56 9.63 -20.26
CA ILE B 168 47.36 8.34 -19.61
C ILE B 168 46.28 8.51 -18.54
N SER B 169 45.28 7.64 -18.57
CA SER B 169 44.20 7.68 -17.58
C SER B 169 43.74 6.24 -17.36
N PHE B 170 43.96 5.72 -16.16
CA PHE B 170 43.63 4.33 -15.88
C PHE B 170 42.51 4.27 -14.85
N VAL B 171 41.87 3.11 -14.80
CA VAL B 171 40.78 2.90 -13.85
C VAL B 171 41.36 2.79 -12.44
N TRP B 172 40.77 3.54 -11.51
CA TRP B 172 41.02 3.44 -10.08
C TRP B 172 42.47 3.71 -9.69
N SER B 173 43.22 4.42 -10.52
CA SER B 173 44.61 4.72 -10.19
C SER B 173 44.72 5.79 -9.12
N VAL B 174 43.63 6.48 -8.79
CA VAL B 174 43.68 7.52 -7.76
C VAL B 174 43.97 6.94 -6.39
N ARG B 175 43.73 5.64 -6.19
CA ARG B 175 44.10 4.97 -4.95
C ARG B 175 45.16 3.90 -5.11
N ASN B 176 45.52 3.53 -6.34
CA ASN B 176 46.64 2.62 -6.60
C ASN B 176 47.24 3.01 -7.94
N PRO B 177 48.11 4.03 -7.97
CA PRO B 177 48.60 4.57 -9.24
C PRO B 177 49.78 3.82 -9.85
N SER B 178 50.13 2.64 -9.35
CA SER B 178 51.30 1.94 -9.86
C SER B 178 51.15 1.61 -11.34
N HIS B 179 49.93 1.31 -11.79
CA HIS B 179 49.73 0.99 -13.21
C HIS B 179 50.05 2.20 -14.08
N GLU B 180 49.46 3.36 -13.76
CA GLU B 180 49.74 4.58 -14.50
C GLU B 180 51.21 4.96 -14.40
N GLN B 181 51.80 4.74 -13.22
CA GLN B 181 53.20 5.11 -13.02
C GLN B 181 54.11 4.24 -13.88
N ARG B 182 53.87 2.93 -13.93
CA ARG B 182 54.68 2.09 -14.80
C ARG B 182 54.48 2.48 -16.26
N ALA B 183 53.26 2.82 -16.67
CA ALA B 183 53.04 3.21 -18.06
C ALA B 183 53.77 4.51 -18.39
N MET B 184 53.68 5.50 -17.51
CA MET B 184 54.33 6.78 -17.74
C MET B 184 55.85 6.61 -17.74
N ALA B 185 56.36 5.76 -16.86
CA ALA B 185 57.78 5.43 -16.85
C ALA B 185 58.19 4.78 -18.16
N MET B 186 57.34 3.88 -18.68
CA MET B 186 57.63 3.20 -19.94
C MET B 186 57.70 4.20 -21.08
N VAL B 187 56.81 5.19 -21.09
CA VAL B 187 56.87 6.17 -22.16
C VAL B 187 58.10 7.05 -22.02
N ARG B 188 58.25 7.73 -20.88
CA ARG B 188 59.41 8.60 -20.69
C ARG B 188 60.74 7.86 -20.84
N ALA B 189 60.78 6.58 -20.49
CA ALA B 189 61.97 5.73 -20.58
C ALA B 189 62.16 5.08 -21.95
N ALA B 190 61.15 5.10 -22.81
CA ALA B 190 61.33 4.74 -24.21
C ALA B 190 62.26 5.75 -24.88
N LEU B 191 62.68 6.75 -24.11
CA LEU B 191 63.49 7.89 -24.51
C LEU B 191 62.93 8.63 -25.73
N PRO B 192 61.63 8.88 -25.81
CA PRO B 192 61.14 9.81 -26.82
C PRO B 192 61.17 11.23 -26.28
N ASP B 193 61.33 12.18 -27.19
CA ASP B 193 61.24 13.58 -26.82
C ASP B 193 59.76 13.95 -26.67
N VAL B 194 59.04 13.21 -25.83
CA VAL B 194 57.58 13.23 -25.78
C VAL B 194 57.08 13.54 -24.37
N PHE B 195 56.36 14.65 -24.25
CA PHE B 195 55.75 15.02 -22.97
C PHE B 195 54.63 14.05 -22.62
N VAL B 196 54.58 13.64 -21.35
CA VAL B 196 53.66 12.62 -20.87
C VAL B 196 52.84 13.18 -19.71
N CYS B 197 51.52 13.01 -19.78
CA CYS B 197 50.62 13.33 -18.69
C CYS B 197 50.16 12.04 -18.00
N SER B 198 49.64 12.18 -16.78
CA SER B 198 49.12 11.02 -16.08
C SER B 198 47.95 11.42 -15.20
N GLY B 199 46.97 10.52 -15.09
CA GLY B 199 45.78 10.81 -14.29
C GLY B 199 46.10 11.25 -12.88
N HIS B 200 46.90 10.45 -12.16
CA HIS B 200 47.18 10.75 -10.76
C HIS B 200 48.05 11.99 -10.59
N GLU B 201 48.59 12.54 -11.67
CA GLU B 201 49.47 13.70 -11.61
C GLU B 201 48.83 14.95 -12.18
N VAL B 202 47.56 14.90 -12.58
CA VAL B 202 46.85 16.08 -13.05
C VAL B 202 45.67 16.37 -12.12
N PHE B 203 44.80 15.38 -11.95
CA PHE B 203 43.58 15.54 -11.15
C PHE B 203 43.28 14.21 -10.47
N PRO B 204 44.07 13.84 -9.47
CA PRO B 204 43.87 12.54 -8.82
C PRO B 204 42.64 12.49 -7.94
N GLN B 205 41.46 12.42 -8.55
CA GLN B 205 40.23 12.21 -7.82
C GLN B 205 39.33 11.26 -8.60
N ILE B 206 38.11 11.09 -8.10
CA ILE B 206 37.11 10.15 -8.60
C ILE B 206 36.47 10.66 -9.89
N ARG B 207 35.59 9.84 -10.48
CA ARG B 207 34.89 10.11 -11.73
C ARG B 207 35.83 10.13 -12.93
N GLU B 208 36.32 8.94 -13.29
CA GLU B 208 37.27 8.69 -14.38
C GLU B 208 37.05 9.52 -15.63
N TYR B 209 35.81 9.68 -16.09
CA TYR B 209 35.58 10.44 -17.32
C TYR B 209 36.21 11.82 -17.20
N THR B 210 35.97 12.49 -16.08
CA THR B 210 36.52 13.82 -15.86
C THR B 210 38.04 13.80 -15.80
N ARG B 211 38.62 12.81 -15.09
CA ARG B 211 40.07 12.73 -15.00
C ARG B 211 40.70 12.51 -16.37
N THR B 212 40.12 11.61 -17.16
CA THR B 212 40.63 11.30 -18.49
C THR B 212 40.51 12.51 -19.40
N SER B 213 39.37 13.19 -19.37
CA SER B 213 39.19 14.39 -20.18
C SER B 213 40.22 15.46 -19.82
N THR B 214 40.44 15.66 -18.51
CA THR B 214 41.44 16.64 -18.09
C THR B 214 42.82 16.24 -18.58
N THR B 215 43.17 14.95 -18.44
CA THR B 215 44.49 14.48 -18.83
C THR B 215 44.72 14.66 -20.33
N VAL B 216 43.71 14.32 -21.13
CA VAL B 216 43.84 14.42 -22.58
C VAL B 216 43.93 15.87 -23.02
N VAL B 217 43.17 16.76 -22.38
CA VAL B 217 43.29 18.18 -22.73
C VAL B 217 44.66 18.72 -22.35
N ASN B 218 45.16 18.33 -21.17
CA ASN B 218 46.49 18.78 -20.79
C ASN B 218 47.53 18.27 -21.77
N ALA B 219 47.38 17.04 -22.24
CA ALA B 219 48.25 16.54 -23.30
C ALA B 219 48.10 17.35 -24.57
N TYR B 220 46.87 17.78 -24.87
CA TYR B 220 46.62 18.55 -26.08
C TYR B 220 47.29 19.91 -26.03
N LEU B 221 47.39 20.52 -24.85
CA LEU B 221 47.80 21.92 -24.78
C LEU B 221 49.16 22.19 -24.14
N SER B 222 49.54 21.48 -23.07
CA SER B 222 50.73 21.79 -22.28
C SER B 222 51.96 22.19 -23.09
N PRO B 223 52.40 21.46 -24.12
CA PRO B 223 53.63 21.86 -24.82
C PRO B 223 53.47 23.11 -25.66
N VAL B 224 52.25 23.48 -26.04
CA VAL B 224 52.01 24.77 -26.66
C VAL B 224 52.41 25.88 -25.70
N MET B 225 51.92 25.79 -24.45
CA MET B 225 52.36 26.70 -23.39
C MET B 225 53.87 26.59 -23.19
N GLY B 226 54.43 25.39 -23.37
CA GLY B 226 55.89 25.26 -23.30
C GLY B 226 56.61 26.17 -24.27
N ARG B 227 56.24 26.09 -25.56
CA ARG B 227 56.87 26.94 -26.56
C ARG B 227 56.60 28.42 -26.27
N TYR B 228 55.38 28.74 -25.84
CA TYR B 228 55.05 30.11 -25.48
C TYR B 228 55.97 30.63 -24.38
N ILE B 229 56.20 29.81 -23.34
CA ILE B 229 57.06 30.23 -22.25
C ILE B 229 58.51 30.32 -22.70
N GLU B 230 58.93 29.48 -23.65
CA GLU B 230 60.28 29.65 -24.18
C GLU B 230 60.42 31.01 -24.84
N ARG B 231 59.52 31.33 -25.77
CA ARG B 231 59.58 32.62 -26.47
C ARG B 231 59.50 33.79 -25.50
N ILE B 232 58.55 33.75 -24.56
CA ILE B 232 58.27 34.89 -23.71
C ILE B 232 59.29 35.04 -22.58
N ASP B 233 59.72 33.94 -21.96
CA ASP B 233 60.84 34.01 -21.04
C ASP B 233 62.04 34.61 -21.73
N ALA B 234 62.31 34.22 -22.98
CA ALA B 234 63.41 34.82 -23.71
C ALA B 234 63.17 36.31 -23.92
N LEU B 235 61.95 36.70 -24.29
CA LEU B 235 61.65 38.11 -24.47
C LEU B 235 61.92 38.91 -23.20
N PHE B 236 61.44 38.43 -22.06
CA PHE B 236 61.54 39.25 -20.86
C PHE B 236 62.94 39.22 -20.26
N GLU B 237 63.61 38.05 -20.28
CA GLU B 237 64.97 37.98 -19.76
C GLU B 237 65.97 38.66 -20.69
N GLU B 238 65.65 38.75 -21.98
CA GLU B 238 66.45 39.51 -22.93
C GLU B 238 66.17 41.00 -22.83
N LEU B 239 64.97 41.37 -22.38
CA LEU B 239 64.63 42.77 -22.15
C LEU B 239 65.12 43.29 -20.79
N GLY B 240 65.69 42.41 -19.97
CA GLY B 240 66.34 42.80 -18.73
C GLY B 240 65.66 42.47 -17.38
N ALA B 241 64.72 41.54 -17.33
CA ALA B 241 64.05 41.20 -16.07
C ALA B 241 64.99 40.46 -15.11
N GLN B 242 65.00 40.90 -13.84
CA GLN B 242 65.84 40.29 -12.81
C GLN B 242 65.31 38.95 -12.32
N GLN B 243 64.00 38.87 -12.05
CA GLN B 243 63.34 37.74 -11.42
C GLN B 243 62.72 36.80 -12.44
N PRO B 244 62.49 35.54 -12.06
CA PRO B 244 61.72 34.64 -12.92
C PRO B 244 60.40 35.28 -13.31
N THR B 245 60.00 35.05 -14.56
CA THR B 245 58.73 35.60 -15.00
C THR B 245 57.59 34.87 -14.29
N ARG B 246 56.43 35.53 -14.25
CA ARG B 246 55.27 34.96 -13.58
C ARG B 246 54.08 35.06 -14.52
N TYR B 247 53.18 34.08 -14.44
CA TYR B 247 52.03 33.99 -15.32
C TYR B 247 50.75 33.81 -14.51
N PHE B 248 49.69 34.51 -14.89
CA PHE B 248 48.47 34.49 -14.09
C PHE B 248 47.63 33.25 -14.38
N GLN B 249 47.31 32.52 -13.32
CA GLN B 249 46.53 31.29 -13.39
C GLN B 249 45.05 31.55 -13.12
N SER B 250 44.25 30.49 -13.26
CA SER B 250 42.86 30.52 -12.83
C SER B 250 42.70 30.23 -11.34
N ASN B 251 43.78 29.90 -10.65
CA ASN B 251 43.73 29.77 -9.20
C ASN B 251 44.01 31.08 -8.48
N GLY B 252 44.29 32.15 -9.22
CA GLY B 252 44.57 33.45 -8.65
C GLY B 252 46.03 33.74 -8.38
N GLY B 253 46.92 32.77 -8.57
CA GLY B 253 48.33 32.96 -8.28
C GLY B 253 49.19 32.87 -9.53
N LEU B 254 50.50 32.98 -9.30
CA LEU B 254 51.47 33.13 -10.39
C LEU B 254 52.50 31.99 -10.31
N ALA B 255 52.16 30.84 -10.87
CA ALA B 255 53.08 29.70 -10.94
C ALA B 255 53.94 29.58 -12.20
N PRO B 256 53.34 29.62 -13.40
CA PRO B 256 53.88 28.85 -14.53
C PRO B 256 55.26 29.30 -14.99
N GLY B 257 55.84 28.46 -15.86
CA GLY B 257 57.09 28.76 -16.51
C GLY B 257 58.34 28.54 -15.71
N VAL B 258 58.30 28.86 -14.42
CA VAL B 258 59.50 28.81 -13.59
C VAL B 258 59.33 27.91 -12.37
N VAL B 259 58.49 26.88 -12.50
CA VAL B 259 58.19 25.99 -11.39
C VAL B 259 58.38 24.54 -11.84
N MET B 260 58.07 23.62 -10.92
CA MET B 260 58.16 22.18 -11.12
C MET B 260 56.89 21.58 -11.75
N ARG B 261 55.84 22.38 -12.02
CA ARG B 261 54.60 21.85 -12.61
C ARG B 261 54.12 22.73 -13.76
N GLU B 262 54.17 22.18 -14.98
CA GLU B 262 53.60 22.82 -16.17
C GLU B 262 52.29 22.12 -16.56
N ARG B 263 51.17 22.85 -16.53
CA ARG B 263 49.89 22.27 -16.92
C ARG B 263 48.98 23.37 -17.46
N ALA B 264 48.63 23.27 -18.75
CA ALA B 264 47.76 24.27 -19.37
C ALA B 264 46.31 24.19 -18.88
N VAL B 265 45.85 23.03 -18.39
CA VAL B 265 44.45 22.93 -17.94
C VAL B 265 44.14 23.93 -16.83
N ASN B 266 45.12 24.26 -16.00
CA ASN B 266 44.95 25.32 -15.01
C ASN B 266 45.24 26.70 -15.58
N ALA B 267 45.50 26.81 -16.87
CA ALA B 267 45.64 28.09 -17.56
C ALA B 267 44.52 28.35 -18.56
N ILE B 268 43.57 27.43 -18.71
CA ILE B 268 42.51 27.57 -19.71
C ILE B 268 41.46 28.57 -19.26
N ASN B 269 41.29 29.63 -20.04
CA ASN B 269 40.28 30.67 -19.77
C ASN B 269 40.38 31.16 -18.34
N SER B 270 41.61 31.43 -17.90
CA SER B 270 41.79 32.12 -16.63
C SER B 270 41.57 33.61 -16.85
N GLY B 271 42.48 34.24 -17.59
CA GLY B 271 42.40 35.64 -17.94
C GLY B 271 41.91 36.53 -16.82
N PRO B 272 40.70 37.07 -17.00
CA PRO B 272 40.02 37.85 -15.96
C PRO B 272 39.23 36.99 -14.96
N ALA B 273 39.90 36.00 -14.38
CA ALA B 273 39.38 35.33 -13.18
C ALA B 273 39.91 35.98 -11.91
N SER B 274 40.76 36.99 -12.06
CA SER B 274 41.20 37.82 -10.94
C SER B 274 40.09 38.71 -10.45
N ALA B 275 39.00 38.81 -11.21
CA ALA B 275 37.87 39.70 -10.97
C ALA B 275 37.48 39.76 -9.50
N PRO B 276 37.40 38.63 -8.75
CA PRO B 276 37.09 38.74 -7.32
C PRO B 276 38.29 39.21 -6.49
N GLN B 277 39.50 38.79 -6.87
CA GLN B 277 40.70 39.34 -6.23
C GLN B 277 40.73 40.85 -6.39
N ALA B 278 40.37 41.32 -7.58
CA ALA B 278 40.27 42.75 -7.84
C ALA B 278 39.12 43.38 -7.06
N GLY B 279 37.98 42.71 -6.99
CA GLY B 279 36.86 43.26 -6.25
C GLY B 279 37.21 43.50 -4.80
N LEU B 280 37.88 42.54 -4.17
CA LEU B 280 38.29 42.78 -2.79
C LEU B 280 39.39 43.82 -2.69
N CYS B 281 40.26 43.94 -3.69
CA CYS B 281 41.26 45.00 -3.56
C CYS B 281 40.63 46.36 -3.76
N VAL B 282 39.50 46.42 -4.44
CA VAL B 282 38.77 47.68 -4.55
C VAL B 282 37.99 47.96 -3.27
N ALA B 283 37.38 46.93 -2.68
CA ALA B 283 36.38 47.13 -1.65
C ALA B 283 36.93 47.11 -0.23
N GLN B 284 38.06 46.47 0.02
CA GLN B 284 38.49 46.25 1.40
C GLN B 284 38.71 47.56 2.17
N PRO B 285 39.29 48.62 1.59
CA PRO B 285 39.36 49.89 2.34
C PRO B 285 38.00 50.41 2.78
N PHE B 286 36.91 49.90 2.22
CA PHE B 286 35.57 50.27 2.65
C PHE B 286 35.01 49.32 3.69
N GLY B 287 35.69 48.22 3.98
CA GLY B 287 35.20 47.27 4.96
C GLY B 287 34.11 46.34 4.47
N ILE B 288 34.12 45.99 3.19
CA ILE B 288 33.15 45.05 2.65
C ILE B 288 33.83 43.70 2.59
N ASP B 289 33.21 42.70 3.20
CA ASP B 289 33.81 41.37 3.31
C ASP B 289 33.52 40.52 2.08
N ASN B 290 32.26 40.47 1.67
CA ASN B 290 31.81 39.61 0.59
C ASN B 290 31.33 40.50 -0.55
N VAL B 291 31.94 40.35 -1.72
CA VAL B 291 31.67 41.23 -2.85
C VAL B 291 31.48 40.43 -4.14
N ILE B 292 30.81 41.08 -5.09
CA ILE B 292 30.52 40.52 -6.41
C ILE B 292 30.93 41.54 -7.46
N THR B 293 31.83 41.14 -8.36
CA THR B 293 32.20 41.96 -9.51
C THR B 293 31.42 41.49 -10.73
N VAL B 294 31.03 42.45 -11.57
CA VAL B 294 30.14 42.22 -12.70
C VAL B 294 30.74 42.70 -14.02
N ASP B 295 32.04 42.53 -14.18
CA ASP B 295 32.74 43.17 -15.30
C ASP B 295 32.15 42.78 -16.64
N MET B 296 31.92 43.78 -17.49
CA MET B 296 31.31 43.56 -18.78
C MET B 296 31.86 44.56 -19.78
N GLY B 297 31.70 44.23 -21.05
CA GLY B 297 31.91 45.21 -22.11
C GLY B 297 30.78 45.00 -23.08
N GLY B 298 30.92 45.49 -24.31
CA GLY B 298 29.91 45.14 -25.27
C GLY B 298 29.91 43.69 -25.66
N THR B 299 30.89 42.92 -25.18
CA THR B 299 31.06 41.54 -25.58
C THR B 299 30.17 40.62 -24.76
N SER B 300 30.31 40.64 -23.44
CA SER B 300 29.53 39.72 -22.62
C SER B 300 29.42 40.27 -21.19
N PHE B 301 28.97 39.40 -20.27
CA PHE B 301 28.79 39.72 -18.86
C PHE B 301 29.54 38.70 -18.02
N ASP B 302 30.39 39.15 -17.10
CA ASP B 302 31.23 38.29 -16.28
C ASP B 302 30.95 38.61 -14.82
N ILE B 303 30.40 37.63 -14.11
CA ILE B 303 29.88 37.82 -12.75
C ILE B 303 30.62 36.87 -11.83
N THR B 304 30.99 37.36 -10.65
CA THR B 304 31.64 36.47 -9.69
C THR B 304 31.60 37.04 -8.28
N LEU B 305 31.52 36.13 -7.31
CA LEU B 305 31.71 36.41 -5.89
C LEU B 305 33.15 36.14 -5.49
N SER B 306 33.47 36.40 -4.23
CA SER B 306 34.76 36.03 -3.68
C SER B 306 34.60 34.94 -2.62
N LYS B 307 33.77 35.16 -1.61
CA LYS B 307 33.63 34.23 -0.50
C LYS B 307 32.15 34.00 -0.22
N GLY B 308 31.88 33.00 0.62
CA GLY B 308 30.52 32.64 0.96
C GLY B 308 29.94 31.46 0.21
N GLY B 309 30.07 30.25 0.78
CA GLY B 309 29.68 29.05 0.06
C GLY B 309 30.79 28.41 -0.76
N ARG B 310 31.97 29.03 -0.82
CA ARG B 310 33.07 28.64 -1.69
C ARG B 310 32.76 28.93 -3.16
N THR B 311 32.12 30.07 -3.43
CA THR B 311 32.03 30.56 -4.79
C THR B 311 33.42 30.99 -5.26
N ASN B 312 34.31 31.19 -4.29
CA ASN B 312 35.74 31.35 -4.48
C ASN B 312 36.27 30.39 -5.54
N PHE B 313 35.82 29.13 -5.49
CA PHE B 313 36.24 28.10 -6.43
C PHE B 313 35.08 27.34 -7.07
N SER B 314 35.41 26.27 -7.78
CA SER B 314 34.47 25.58 -8.67
C SER B 314 34.49 24.06 -8.56
N LYS B 315 33.77 23.41 -9.47
CA LYS B 315 33.59 21.96 -9.56
C LYS B 315 34.18 21.48 -10.88
N ASP B 316 33.85 20.28 -11.32
CA ASP B 316 34.32 19.81 -12.62
C ASP B 316 33.69 20.63 -13.75
N SER B 317 34.38 21.68 -14.18
CA SER B 317 33.89 22.54 -15.24
C SER B 317 33.90 21.83 -16.59
N ASP B 318 33.08 22.32 -17.51
CA ASP B 318 33.03 21.80 -18.88
C ASP B 318 33.32 22.93 -19.87
N PHE B 319 34.56 23.04 -20.34
CA PHE B 319 34.96 24.10 -21.25
C PHE B 319 34.65 23.74 -22.69
N LEU B 320 33.63 24.40 -23.21
CA LEU B 320 33.16 24.50 -24.60
C LEU B 320 32.64 23.21 -25.21
N ARG B 321 33.28 22.06 -24.94
CA ARG B 321 32.74 20.70 -25.07
C ARG B 321 33.61 19.69 -24.33
N TYR B 322 34.62 20.16 -23.60
CA TYR B 322 35.64 19.30 -23.02
C TYR B 322 35.67 19.48 -21.51
N ARG B 323 35.60 18.36 -20.79
CA ARG B 323 35.36 18.37 -19.35
C ARG B 323 36.68 18.55 -18.60
N ILE B 324 36.92 19.74 -18.07
CA ILE B 324 38.14 20.05 -17.34
C ILE B 324 37.81 20.19 -15.86
N GLY B 325 38.48 19.40 -15.03
CA GLY B 325 38.19 19.27 -13.62
C GLY B 325 39.03 20.14 -12.71
N VAL B 326 40.14 20.66 -13.25
CA VAL B 326 41.14 21.33 -12.40
C VAL B 326 40.48 22.48 -11.66
N PRO B 327 40.75 22.67 -10.36
CA PRO B 327 40.07 23.73 -9.61
C PRO B 327 40.31 25.11 -10.19
N MET B 328 39.21 25.87 -10.33
CA MET B 328 39.23 27.21 -10.89
C MET B 328 38.22 28.05 -10.12
N ILE B 329 38.31 29.36 -10.28
CA ILE B 329 37.34 30.27 -9.67
C ILE B 329 36.05 30.22 -10.47
N GLN B 330 34.93 30.02 -9.79
CA GLN B 330 33.66 29.88 -10.50
C GLN B 330 33.14 31.26 -10.86
N VAL B 331 33.00 31.51 -12.16
CA VAL B 331 32.44 32.75 -12.67
C VAL B 331 31.34 32.38 -13.66
N GLU B 332 30.52 33.37 -14.01
CA GLU B 332 29.43 33.16 -14.95
C GLU B 332 29.54 34.19 -16.07
N THR B 333 29.63 33.68 -17.30
CA THR B 333 29.59 34.47 -18.51
C THR B 333 28.30 34.06 -19.21
N LEU B 334 27.38 35.01 -19.37
CA LEU B 334 26.03 34.65 -19.82
C LEU B 334 25.70 35.08 -21.25
N GLY B 335 25.72 36.36 -21.54
CA GLY B 335 25.22 36.76 -22.83
C GLY B 335 25.88 38.00 -23.36
N ALA B 336 25.28 38.57 -24.40
CA ALA B 336 25.86 39.75 -25.05
C ALA B 336 25.45 41.01 -24.31
N GLY B 337 26.42 41.89 -24.08
CA GLY B 337 26.20 43.02 -23.19
C GLY B 337 25.73 44.33 -23.78
N GLY B 338 26.66 45.22 -24.12
CA GLY B 338 26.28 46.53 -24.60
C GLY B 338 25.89 46.45 -26.05
N GLY B 339 26.76 45.90 -26.87
CA GLY B 339 26.46 45.76 -28.28
C GLY B 339 25.77 44.44 -28.57
N SER B 340 24.62 44.22 -27.95
CA SER B 340 23.80 43.04 -28.19
C SER B 340 22.58 43.45 -28.99
N ILE B 341 21.95 42.50 -29.62
CA ILE B 341 20.86 42.87 -30.52
C ILE B 341 19.55 42.84 -29.75
N ALA B 342 18.64 43.72 -30.16
CA ALA B 342 17.26 43.69 -29.63
C ALA B 342 16.52 42.63 -30.42
N HIS B 343 16.80 41.38 -30.07
CA HIS B 343 16.14 40.27 -30.73
C HIS B 343 14.65 40.28 -30.40
N LEU B 344 13.84 39.99 -31.42
CA LEU B 344 12.40 39.88 -31.26
C LEU B 344 11.97 38.78 -32.22
N ASP B 345 11.70 37.61 -31.65
CA ASP B 345 11.46 36.41 -32.44
C ASP B 345 10.11 36.46 -33.13
N ASP B 346 9.90 35.47 -34.01
CA ASP B 346 8.62 35.30 -34.67
C ASP B 346 7.70 34.40 -33.86
N PHE B 347 7.82 34.46 -32.54
CA PHE B 347 6.98 33.71 -31.62
C PHE B 347 6.27 34.63 -30.63
N GLY B 348 6.34 35.95 -30.84
CA GLY B 348 5.78 36.95 -29.95
C GLY B 348 6.58 37.30 -28.71
N MET B 349 7.81 36.79 -28.57
CA MET B 349 8.63 36.98 -27.38
C MET B 349 9.75 37.99 -27.64
N LEU B 350 9.80 39.05 -26.82
CA LEU B 350 10.90 40.01 -26.92
C LEU B 350 12.07 39.49 -26.08
N GLN B 351 12.87 38.62 -26.69
CA GLN B 351 14.00 37.99 -26.01
C GLN B 351 15.32 38.75 -26.23
N VAL B 352 15.30 40.07 -26.00
CA VAL B 352 16.50 40.89 -26.18
C VAL B 352 17.68 40.34 -25.42
N GLY B 353 18.82 40.22 -26.09
CA GLY B 353 20.05 39.82 -25.44
C GLY B 353 20.75 38.53 -25.82
N PRO B 354 20.31 37.78 -26.85
CA PRO B 354 20.99 36.51 -27.14
C PRO B 354 22.30 36.66 -27.90
N ARG B 355 22.34 37.58 -28.87
CA ARG B 355 23.40 37.65 -29.85
C ARG B 355 23.98 39.05 -29.88
N SER B 356 25.31 39.15 -29.95
CA SER B 356 25.98 40.45 -29.88
C SER B 356 26.09 41.06 -31.28
N ALA B 357 25.55 42.27 -31.44
CA ALA B 357 25.85 43.05 -32.62
C ALA B 357 27.32 43.43 -32.67
N GLY B 358 27.92 43.73 -31.53
CA GLY B 358 29.32 44.06 -31.56
C GLY B 358 29.56 45.46 -32.10
N ALA B 359 30.83 45.71 -32.43
CA ALA B 359 31.24 46.95 -33.08
C ALA B 359 31.33 46.82 -34.59
N ASN B 360 31.41 45.59 -35.13
CA ASN B 360 31.68 45.45 -36.56
C ASN B 360 30.45 45.82 -37.39
N PRO B 361 29.28 45.17 -37.22
CA PRO B 361 28.06 45.82 -37.75
C PRO B 361 27.64 46.99 -36.88
N GLY B 362 28.07 46.99 -35.62
CA GLY B 362 27.80 48.05 -34.67
C GLY B 362 26.34 48.15 -34.28
N PRO B 363 26.08 48.84 -33.17
CA PRO B 363 24.73 49.34 -32.92
C PRO B 363 24.27 50.23 -34.05
N VAL B 364 22.95 50.39 -34.16
CA VAL B 364 22.43 51.34 -35.12
C VAL B 364 23.06 52.71 -34.86
N CYS B 365 23.52 52.93 -33.63
CA CYS B 365 24.23 54.17 -33.31
C CYS B 365 25.47 54.34 -34.20
N TYR B 366 26.19 53.25 -34.45
CA TYR B 366 27.48 53.39 -35.10
C TYR B 366 27.39 53.51 -36.61
N GLY B 367 26.29 53.09 -37.22
CA GLY B 367 26.05 53.31 -38.65
C GLY B 367 26.94 52.52 -39.60
N LYS B 368 27.71 51.57 -39.09
CA LYS B 368 28.63 50.79 -39.90
C LYS B 368 27.98 49.54 -40.46
N GLY B 369 26.64 49.49 -40.48
CA GLY B 369 25.91 48.32 -40.93
C GLY B 369 24.90 47.90 -39.89
N GLY B 370 24.77 48.70 -38.83
CA GLY B 370 23.87 48.36 -37.75
C GLY B 370 22.42 48.49 -38.15
N VAL B 371 21.68 47.38 -38.11
CA VAL B 371 20.25 47.35 -38.36
C VAL B 371 19.45 47.15 -37.09
N GLU B 372 19.78 46.10 -36.35
CA GLU B 372 19.01 45.77 -35.16
C GLU B 372 19.34 46.74 -34.02
N PRO B 373 18.33 47.16 -33.26
CA PRO B 373 18.62 48.00 -32.08
C PRO B 373 19.37 47.21 -31.04
N THR B 374 20.14 47.95 -30.22
CA THR B 374 20.99 47.33 -29.21
C THR B 374 20.72 47.91 -27.84
N VAL B 375 21.42 47.35 -26.87
CA VAL B 375 21.39 47.91 -25.52
C VAL B 375 21.96 49.32 -25.56
N THR B 376 23.01 49.52 -26.35
CA THR B 376 23.49 50.88 -26.59
C THR B 376 22.40 51.73 -27.22
N ASP B 377 21.62 51.15 -28.12
CA ASP B 377 20.56 51.92 -28.80
C ASP B 377 19.46 52.30 -27.83
N ALA B 378 19.04 51.38 -26.96
CA ALA B 378 18.04 51.73 -25.96
C ALA B 378 18.62 52.67 -24.92
N ASN B 379 19.89 52.50 -24.58
CA ASN B 379 20.56 53.39 -23.64
C ASN B 379 20.54 54.82 -24.13
N LEU B 380 20.86 55.03 -25.40
CA LEU B 380 20.75 56.36 -25.98
C LEU B 380 19.31 56.81 -26.05
N ALA B 381 18.40 55.88 -26.38
CA ALA B 381 16.98 56.22 -26.39
C ALA B 381 16.52 56.72 -25.03
N LEU B 382 17.14 56.23 -23.95
CA LEU B 382 16.82 56.72 -22.62
C LEU B 382 17.58 57.97 -22.24
N GLY B 383 18.48 58.45 -23.09
CA GLY B 383 19.21 59.65 -22.75
C GLY B 383 20.39 59.38 -21.85
N TYR B 384 20.96 58.18 -21.89
CA TYR B 384 22.13 57.91 -21.08
C TYR B 384 23.43 58.27 -21.78
N LEU B 385 23.43 58.33 -23.11
CA LEU B 385 24.61 58.77 -23.85
C LEU B 385 24.18 59.93 -24.75
N ALA B 386 25.05 60.94 -24.89
CA ALA B 386 24.71 62.12 -25.68
C ALA B 386 25.63 62.34 -26.88
N ASP B 387 26.94 62.52 -26.66
CA ASP B 387 27.89 62.89 -27.69
C ASP B 387 28.89 61.79 -28.02
N GLY B 388 29.14 60.86 -27.10
CA GLY B 388 30.02 59.73 -27.30
C GLY B 388 31.18 59.66 -26.32
N ALA B 389 31.05 58.76 -25.34
CA ALA B 389 31.98 58.66 -24.22
C ALA B 389 32.21 57.21 -23.79
N LEU B 390 32.45 56.29 -24.73
CA LEU B 390 32.73 54.91 -24.31
C LEU B 390 34.13 54.41 -24.65
N LEU B 391 34.51 54.37 -25.93
CA LEU B 391 35.75 53.70 -26.33
C LEU B 391 36.67 54.64 -27.11
N GLY B 392 37.95 54.29 -27.11
CA GLY B 392 38.99 55.09 -27.72
C GLY B 392 39.24 54.91 -29.21
N GLY B 393 38.32 55.38 -30.05
CA GLY B 393 38.55 55.34 -31.48
C GLY B 393 37.61 56.24 -32.25
N SER B 394 37.36 55.89 -33.51
CA SER B 394 36.29 56.52 -34.28
C SER B 394 34.96 56.01 -33.73
N ILE B 395 34.20 56.90 -33.10
CA ILE B 395 32.95 56.55 -32.44
C ILE B 395 31.74 56.91 -33.29
N ARG B 396 31.73 58.11 -33.88
CA ARG B 396 30.78 58.47 -34.94
C ARG B 396 29.34 58.39 -34.43
N LEU B 397 29.02 59.25 -33.46
CA LEU B 397 27.78 59.10 -32.70
C LEU B 397 26.58 59.66 -33.44
N ASN B 398 25.77 58.76 -34.01
CA ASN B 398 24.44 59.02 -34.54
C ASN B 398 23.39 58.77 -33.46
N ARG B 399 22.33 59.59 -33.43
CA ARG B 399 21.33 59.34 -32.39
C ARG B 399 19.91 58.94 -32.79
N GLN B 400 19.25 59.67 -33.68
CA GLN B 400 17.82 59.42 -33.89
C GLN B 400 17.54 58.09 -34.57
N ALA B 401 18.50 57.59 -35.34
CA ALA B 401 18.32 56.27 -35.95
C ALA B 401 18.03 55.23 -34.88
N ALA B 402 18.66 55.36 -33.71
CA ALA B 402 18.36 54.45 -32.61
C ALA B 402 16.92 54.58 -32.16
N ILE B 403 16.41 55.81 -32.05
CA ILE B 403 15.04 56.00 -31.57
C ILE B 403 14.05 55.42 -32.56
N ASP B 404 14.22 55.73 -33.85
CA ASP B 404 13.32 55.19 -34.86
C ASP B 404 13.48 53.68 -35.03
N ALA B 405 14.67 53.14 -34.83
CA ALA B 405 14.86 51.71 -34.96
C ALA B 405 14.23 50.97 -33.80
N ILE B 406 14.37 51.50 -32.58
CA ILE B 406 13.63 50.95 -31.44
C ILE B 406 12.14 51.04 -31.71
N ARG B 407 11.68 52.12 -32.35
CA ARG B 407 10.27 52.22 -32.67
C ARG B 407 9.86 51.10 -33.61
N SER B 408 10.43 51.08 -34.81
CA SER B 408 9.92 50.23 -35.89
C SER B 408 10.33 48.77 -35.77
N LYS B 409 11.37 48.45 -35.00
CA LYS B 409 11.83 47.07 -34.89
C LYS B 409 11.41 46.42 -33.59
N ILE B 410 11.20 47.19 -32.53
CA ILE B 410 10.74 46.66 -31.25
C ILE B 410 9.43 47.31 -30.81
N ALA B 411 9.41 48.65 -30.71
CA ALA B 411 8.23 49.34 -30.17
C ALA B 411 7.01 49.21 -31.07
N GLU B 412 7.15 49.62 -32.34
CA GLU B 412 6.01 49.58 -33.26
C GLU B 412 5.39 48.19 -33.39
N PRO B 413 6.13 47.12 -33.68
CA PRO B 413 5.48 45.80 -33.79
C PRO B 413 4.94 45.26 -32.49
N LEU B 414 5.45 45.68 -31.33
CA LEU B 414 5.01 45.11 -30.06
C LEU B 414 3.76 45.78 -29.51
N GLY B 415 3.28 46.84 -30.15
CA GLY B 415 2.15 47.56 -29.59
C GLY B 415 2.53 48.29 -28.32
N ILE B 416 3.76 48.81 -28.28
CA ILE B 416 4.25 49.59 -27.14
C ILE B 416 4.90 50.85 -27.69
N SER B 417 4.91 51.89 -26.88
CA SER B 417 5.48 53.16 -27.32
C SER B 417 7.01 53.07 -27.41
N VAL B 418 7.61 54.08 -28.06
CA VAL B 418 9.06 54.10 -28.23
C VAL B 418 9.74 54.10 -26.87
N GLU B 419 9.18 54.88 -25.95
CA GLU B 419 9.73 55.00 -24.60
C GLU B 419 9.67 53.67 -23.85
N ARG B 420 8.53 52.98 -23.94
CA ARG B 420 8.38 51.69 -23.25
C ARG B 420 9.35 50.65 -23.78
N ALA B 421 9.44 50.50 -25.10
CA ALA B 421 10.36 49.51 -25.65
C ALA B 421 11.80 49.84 -25.27
N ALA B 422 12.14 51.13 -25.27
CA ALA B 422 13.47 51.55 -24.88
C ALA B 422 13.77 51.11 -23.44
N VAL B 423 12.83 51.36 -22.52
CA VAL B 423 13.08 50.96 -21.14
C VAL B 423 13.06 49.44 -20.98
N GLY B 424 12.27 48.74 -21.79
CA GLY B 424 12.07 47.31 -21.63
C GLY B 424 13.20 46.42 -22.10
N ILE B 425 13.77 46.75 -23.26
CA ILE B 425 15.01 46.12 -23.73
C ILE B 425 15.99 46.07 -22.56
N ILE B 426 16.17 47.23 -21.93
CA ILE B 426 17.13 47.39 -20.85
C ILE B 426 16.69 46.62 -19.61
N THR B 427 15.39 46.64 -19.30
CA THR B 427 14.89 45.85 -18.19
C THR B 427 15.28 44.38 -18.34
N LEU B 428 15.07 43.84 -19.54
CA LEU B 428 15.34 42.43 -19.77
C LEU B 428 16.82 42.12 -19.66
N VAL B 429 17.67 43.04 -20.15
CA VAL B 429 19.12 42.87 -19.99
C VAL B 429 19.51 42.85 -18.52
N ASN B 430 18.99 43.81 -17.74
CA ASN B 430 19.32 43.86 -16.32
C ASN B 430 18.86 42.59 -15.60
N LEU B 431 17.72 42.05 -16.01
CA LEU B 431 17.22 40.83 -15.40
C LEU B 431 18.09 39.64 -15.77
N SER B 432 18.59 39.59 -17.00
CA SER B 432 19.58 38.58 -17.37
C SER B 432 20.80 38.65 -16.46
N MET B 433 21.27 39.86 -16.20
CA MET B 433 22.41 40.01 -15.29
C MET B 433 22.05 39.50 -13.90
N VAL B 434 20.82 39.76 -13.46
CA VAL B 434 20.36 39.24 -12.17
C VAL B 434 20.45 37.72 -12.15
N SER B 435 19.99 37.08 -13.23
CA SER B 435 20.03 35.62 -13.32
C SER B 435 21.45 35.10 -13.23
N GLY B 436 22.36 35.73 -13.96
CA GLY B 436 23.77 35.38 -13.83
C GLY B 436 24.24 35.49 -12.40
N ILE B 437 23.87 36.58 -11.73
CA ILE B 437 24.23 36.74 -10.33
C ILE B 437 23.72 35.56 -9.51
N ARG B 438 22.48 35.14 -9.77
CA ARG B 438 21.92 33.99 -9.08
C ARG B 438 22.76 32.74 -9.27
N ARG B 439 23.23 32.48 -10.50
CA ARG B 439 23.96 31.24 -10.77
C ARG B 439 25.11 31.00 -9.81
N VAL B 440 25.68 32.08 -9.26
CA VAL B 440 26.79 31.97 -8.32
C VAL B 440 26.41 32.40 -6.90
N SER B 441 25.36 33.20 -6.72
CA SER B 441 25.00 33.69 -5.39
C SER B 441 24.03 32.78 -4.66
N ILE B 442 22.88 32.45 -5.28
CA ILE B 442 21.92 31.60 -4.60
C ILE B 442 22.31 30.13 -4.72
N GLU B 443 22.70 29.72 -5.92
CA GLU B 443 23.06 28.34 -6.18
C GLU B 443 24.29 27.91 -5.38
N ARG B 444 25.10 28.87 -4.92
CA ARG B 444 26.27 28.58 -4.09
C ARG B 444 26.13 29.14 -2.68
N GLY B 445 24.96 29.64 -2.29
CA GLY B 445 24.86 30.33 -1.01
C GLY B 445 23.52 30.97 -0.67
N TYR B 446 23.54 32.22 -0.25
CA TYR B 446 22.39 32.87 0.35
C TYR B 446 22.24 34.29 -0.20
N ASP B 447 21.26 35.01 0.34
CA ASP B 447 20.77 36.31 -0.08
C ASP B 447 21.91 37.27 -0.41
N PRO B 448 21.98 37.78 -1.64
CA PRO B 448 23.02 38.77 -1.98
C PRO B 448 22.88 40.09 -1.26
N ARG B 449 21.80 40.31 -0.49
CA ARG B 449 21.58 41.58 0.19
C ARG B 449 22.78 42.01 1.02
N ASP B 450 23.66 41.07 1.38
CA ASP B 450 24.79 41.37 2.24
C ASP B 450 26.01 41.89 1.49
N PHE B 451 26.00 41.83 0.16
CA PHE B 451 27.17 42.11 -0.66
C PHE B 451 27.06 43.47 -1.32
N ALA B 452 28.22 43.96 -1.77
CA ALA B 452 28.30 45.15 -2.60
C ALA B 452 28.55 44.74 -4.04
N LEU B 453 27.83 45.36 -4.98
CA LEU B 453 28.23 45.18 -6.37
C LEU B 453 29.46 46.04 -6.63
N ILE B 454 30.30 45.59 -7.55
CA ILE B 454 31.39 46.42 -8.03
C ILE B 454 31.35 46.39 -9.54
N GLY B 455 30.91 47.49 -10.13
CA GLY B 455 30.99 47.67 -11.56
C GLY B 455 32.34 48.23 -11.97
N ALA B 456 32.66 48.07 -13.25
CA ALA B 456 33.92 48.55 -13.82
C ALA B 456 33.87 48.33 -15.31
N GLY B 457 34.84 48.91 -16.01
CA GLY B 457 34.95 48.73 -17.44
C GLY B 457 34.08 49.64 -18.28
N GLY B 458 33.25 49.04 -19.13
CA GLY B 458 32.46 49.81 -20.09
C GLY B 458 30.99 49.93 -19.79
N ALA B 459 30.17 49.11 -20.44
CA ALA B 459 28.72 49.25 -20.32
C ALA B 459 28.19 48.89 -18.93
N ALA B 460 29.04 48.39 -18.03
CA ALA B 460 28.58 48.02 -16.70
C ALA B 460 27.91 49.19 -16.00
N GLY B 461 28.53 50.37 -16.09
CA GLY B 461 27.98 51.56 -15.47
C GLY B 461 26.58 51.91 -15.91
N MET B 462 26.10 51.36 -17.03
CA MET B 462 24.73 51.64 -17.45
C MET B 462 23.70 50.69 -16.83
N HIS B 463 24.14 49.57 -16.25
CA HIS B 463 23.20 48.59 -15.76
C HIS B 463 23.48 48.10 -14.35
N VAL B 464 24.66 48.37 -13.79
CA VAL B 464 24.96 47.96 -12.43
C VAL B 464 23.90 48.51 -11.47
N MET B 465 23.67 49.82 -11.52
CA MET B 465 22.77 50.44 -10.55
C MET B 465 21.40 49.77 -10.61
N ARG B 466 20.80 49.78 -11.80
CA ARG B 466 19.55 49.05 -12.03
C ARG B 466 19.67 47.61 -11.53
N LEU B 467 20.74 46.92 -11.91
CA LEU B 467 20.93 45.55 -11.47
C LEU B 467 21.01 45.48 -9.96
N ALA B 468 21.80 46.37 -9.35
CA ALA B 468 21.88 46.38 -7.89
C ALA B 468 20.50 46.57 -7.29
N GLU B 469 19.67 47.42 -7.92
CA GLU B 469 18.35 47.67 -7.40
C GLU B 469 17.50 46.41 -7.37
N GLU B 470 17.75 45.49 -8.29
CA GLU B 470 17.02 44.24 -8.25
C GLU B 470 17.76 43.21 -7.42
N ILE B 471 19.09 43.28 -7.38
CA ILE B 471 19.84 42.33 -6.56
C ILE B 471 19.66 42.63 -5.08
N GLY B 472 19.59 43.91 -4.72
CA GLY B 472 19.48 44.31 -3.35
C GLY B 472 20.77 44.79 -2.70
N SER B 473 21.82 44.99 -3.48
CA SER B 473 23.08 45.47 -2.94
C SER B 473 22.90 46.87 -2.33
N LYS B 474 23.40 47.05 -1.11
CA LYS B 474 23.41 48.39 -0.53
C LYS B 474 24.47 49.25 -1.19
N VAL B 475 25.68 48.73 -1.30
CA VAL B 475 26.84 49.48 -1.76
C VAL B 475 27.16 49.08 -3.19
N VAL B 476 27.39 50.08 -4.03
CA VAL B 476 27.93 49.89 -5.37
C VAL B 476 29.29 50.59 -5.41
N LEU B 477 30.28 49.88 -5.93
CA LEU B 477 31.64 50.39 -6.07
C LEU B 477 32.01 50.58 -7.53
N ILE B 478 32.48 51.78 -7.85
CA ILE B 478 32.94 52.04 -9.21
C ILE B 478 34.37 52.57 -9.19
N PRO B 479 35.38 51.77 -9.51
CA PRO B 479 36.74 52.33 -9.61
C PRO B 479 36.75 53.46 -10.65
N LYS B 480 37.34 54.60 -10.26
CA LYS B 480 37.36 55.73 -11.18
C LYS B 480 38.25 55.45 -12.39
N VAL B 481 39.34 54.71 -12.19
CA VAL B 481 40.14 54.20 -13.30
C VAL B 481 39.43 52.97 -13.84
N ALA B 482 38.79 53.11 -15.01
CA ALA B 482 37.85 52.10 -15.48
C ALA B 482 38.54 50.75 -15.66
N SER B 483 39.79 50.76 -16.09
CA SER B 483 40.57 49.55 -16.28
C SER B 483 41.21 49.05 -15.00
N GLY B 484 40.79 49.56 -13.83
CA GLY B 484 41.49 49.24 -12.61
C GLY B 484 41.23 47.83 -12.11
N LEU B 485 40.06 47.26 -12.42
CA LEU B 485 39.69 45.97 -11.83
C LEU B 485 40.60 44.87 -12.36
N CYS B 486 40.54 44.63 -13.67
CA CYS B 486 41.36 43.60 -14.30
C CYS B 486 42.85 43.85 -14.10
N ALA B 487 43.24 45.05 -13.66
CA ALA B 487 44.63 45.36 -13.37
C ALA B 487 45.00 44.98 -11.95
N PHE B 488 44.28 45.52 -10.96
CA PHE B 488 44.55 45.23 -9.56
C PHE B 488 44.53 43.73 -9.30
N GLY B 489 43.47 43.05 -9.75
CA GLY B 489 43.30 41.67 -9.33
C GLY B 489 44.41 40.74 -9.76
N GLN B 490 45.12 41.08 -10.83
CA GLN B 490 46.28 40.30 -11.23
C GLN B 490 47.58 40.85 -10.66
N ILE B 491 47.67 42.17 -10.48
CA ILE B 491 48.89 42.75 -9.94
C ILE B 491 49.06 42.38 -8.47
N LEU B 492 47.95 42.31 -7.72
CA LEU B 492 48.01 41.91 -6.32
C LEU B 492 47.96 40.40 -6.16
N SER B 493 48.27 39.63 -7.20
CA SER B 493 48.23 38.18 -7.10
C SER B 493 49.52 37.70 -6.44
N ASP B 494 49.36 36.98 -5.34
CA ASP B 494 50.44 36.34 -4.60
C ASP B 494 50.60 34.90 -5.08
N ILE B 495 51.37 34.07 -4.38
CA ILE B 495 51.61 32.70 -4.80
C ILE B 495 50.52 31.80 -4.23
N ARG B 496 49.92 30.96 -5.08
CA ARG B 496 48.80 30.11 -4.66
C ARG B 496 48.94 28.72 -5.28
N TYR B 497 49.08 27.69 -4.43
CA TYR B 497 49.16 26.29 -4.83
C TYR B 497 47.97 25.48 -4.34
N ASP B 498 47.13 24.97 -5.25
CA ASP B 498 46.03 24.08 -4.90
C ASP B 498 46.49 22.63 -4.98
N GLN B 499 46.60 21.95 -3.83
CA GLN B 499 47.00 20.56 -3.79
C GLN B 499 45.84 19.73 -3.24
N LEU B 500 45.47 18.67 -3.95
CA LEU B 500 44.27 17.90 -3.65
C LEU B 500 44.59 16.41 -3.62
N THR B 501 43.66 15.64 -3.08
CA THR B 501 43.70 14.18 -3.17
C THR B 501 42.31 13.63 -2.85
N THR B 502 42.22 12.30 -2.80
CA THR B 502 40.98 11.61 -2.51
C THR B 502 41.17 10.70 -1.31
N LEU B 503 40.08 10.55 -0.56
CA LEU B 503 40.03 9.69 0.61
C LEU B 503 38.59 9.31 0.89
N PRO B 504 38.07 8.26 0.27
CA PRO B 504 36.77 7.73 0.70
C PRO B 504 36.87 7.20 2.11
N MET B 505 36.14 7.84 3.02
CA MET B 505 36.10 7.45 4.41
C MET B 505 34.82 8.00 5.02
N ARG B 506 34.17 7.20 5.85
CA ARG B 506 32.89 7.58 6.39
C ARG B 506 33.09 8.28 7.73
N LEU B 507 32.34 9.36 7.95
CA LEU B 507 32.48 10.12 9.18
C LEU B 507 31.45 9.69 10.21
N ASP B 508 30.31 9.20 9.74
CA ASP B 508 29.24 8.66 10.55
C ASP B 508 29.07 7.20 10.20
N ASP B 509 28.19 6.54 10.95
CA ASP B 509 27.88 5.11 10.82
C ASP B 509 29.09 4.24 11.06
N GLU B 510 30.21 4.84 11.49
CA GLU B 510 31.50 4.20 11.64
C GLU B 510 32.42 5.21 12.33
N PHE B 511 33.38 4.70 13.10
CA PHE B 511 34.41 5.52 13.73
C PHE B 511 35.49 5.94 12.73
N VAL B 512 35.55 7.25 12.46
CA VAL B 512 36.62 7.86 11.66
C VAL B 512 37.99 7.42 12.12
N ASP B 513 38.81 6.98 11.16
CA ASP B 513 40.20 6.58 11.42
C ASP B 513 41.01 7.87 11.50
N LEU B 514 41.15 8.42 12.70
CA LEU B 514 41.79 9.73 12.87
C LEU B 514 43.19 9.75 12.26
N GLU B 515 43.99 8.73 12.54
CA GLU B 515 45.36 8.71 12.05
C GLU B 515 45.40 8.80 10.53
N GLN B 516 44.47 8.12 9.84
CA GLN B 516 44.47 8.13 8.38
C GLN B 516 44.04 9.47 7.81
N LEU B 517 42.95 10.03 8.34
CA LEU B 517 42.47 11.31 7.85
C LEU B 517 43.50 12.40 8.09
N ASN B 518 44.08 12.41 9.30
CA ASN B 518 45.16 13.34 9.62
C ASN B 518 46.37 13.12 8.72
N GLN B 519 46.72 11.86 8.45
CA GLN B 519 47.85 11.59 7.56
C GLN B 519 47.62 12.18 6.18
N ALA B 520 46.45 11.94 5.59
CA ALA B 520 46.18 12.48 4.26
C ALA B 520 46.22 14.00 4.28
N LEU B 521 45.69 14.61 5.34
CA LEU B 521 45.69 16.07 5.42
C LEU B 521 47.11 16.62 5.54
N GLN B 522 47.94 16.02 6.39
CA GLN B 522 49.30 16.49 6.56
C GLN B 522 50.16 16.18 5.34
N GLN B 523 49.85 15.09 4.62
CA GLN B 523 50.56 14.80 3.38
C GLN B 523 50.23 15.82 2.30
N LEU B 524 48.97 16.25 2.23
CA LEU B 524 48.67 17.37 1.33
C LEU B 524 49.43 18.62 1.76
N ARG B 525 49.58 18.82 3.08
CA ARG B 525 50.39 19.93 3.55
C ARG B 525 51.85 19.79 3.09
N GLU B 526 52.41 18.59 3.16
CA GLU B 526 53.78 18.39 2.69
C GLU B 526 53.89 18.67 1.20
N ARG B 527 52.88 18.25 0.44
CA ARG B 527 52.87 18.54 -0.98
C ARG B 527 52.89 20.04 -1.24
N GLY B 528 52.09 20.80 -0.49
CA GLY B 528 52.15 22.25 -0.61
C GLY B 528 53.50 22.81 -0.23
N MET B 529 54.08 22.29 0.86
CA MET B 529 55.40 22.70 1.29
C MET B 529 56.44 22.48 0.20
N THR B 530 56.36 21.35 -0.51
CA THR B 530 57.31 21.08 -1.59
C THR B 530 57.04 21.98 -2.80
N ASN B 531 55.77 22.28 -3.08
CA ASN B 531 55.46 23.18 -4.17
C ASN B 531 56.14 24.53 -3.94
N LEU B 532 56.03 25.05 -2.72
CA LEU B 532 56.71 26.31 -2.44
C LEU B 532 58.22 26.12 -2.36
N ARG B 533 58.67 24.95 -1.90
CA ARG B 533 60.09 24.67 -1.81
C ARG B 533 60.76 24.86 -3.15
N ASP B 534 60.08 24.49 -4.23
CA ASP B 534 60.70 24.60 -5.54
C ASP B 534 60.21 25.81 -6.35
N ASP B 535 59.15 26.48 -5.91
CA ASP B 535 58.78 27.75 -6.53
C ASP B 535 59.50 28.93 -5.88
N GLY B 536 59.75 28.86 -4.58
CA GLY B 536 60.23 29.99 -3.81
C GLY B 536 59.34 30.35 -2.63
N PHE B 537 59.88 30.01 -1.46
CA PHE B 537 59.21 30.13 -0.16
C PHE B 537 59.52 31.50 0.43
N GLY B 538 58.51 32.34 0.62
CA GLY B 538 58.72 33.67 1.15
C GLY B 538 59.54 33.71 2.44
N GLY B 539 60.61 34.51 2.45
CA GLY B 539 61.55 34.58 3.56
C GLY B 539 60.99 35.07 4.88
N ASP B 540 60.87 34.17 5.85
CA ASP B 540 60.18 34.44 7.11
C ASP B 540 58.87 35.15 6.82
N ASN B 541 58.26 34.78 5.70
CA ASN B 541 56.99 35.30 5.23
C ASN B 541 55.92 34.31 5.64
N ARG B 542 54.84 34.80 6.22
CA ARG B 542 53.82 33.90 6.74
C ARG B 542 52.89 33.48 5.62
N ILE B 543 52.66 32.17 5.53
CA ILE B 543 51.83 31.57 4.49
C ILE B 543 50.74 30.77 5.19
N GLU B 544 49.65 30.49 4.46
CA GLU B 544 48.50 29.84 5.07
C GLU B 544 47.98 28.69 4.22
N CYS B 545 47.62 27.59 4.88
CA CYS B 545 46.91 26.46 4.28
C CYS B 545 45.53 26.34 4.93
N GLN B 546 44.49 26.57 4.13
CA GLN B 546 43.11 26.37 4.57
C GLN B 546 42.60 25.05 3.99
N TYR B 547 42.06 24.18 4.85
CA TYR B 547 41.69 22.85 4.39
C TYR B 547 40.24 22.83 3.93
N SER B 548 39.94 21.96 2.98
CA SER B 548 38.56 21.73 2.56
C SER B 548 38.28 20.23 2.47
N LEU B 549 37.23 19.79 3.15
CA LEU B 549 36.77 18.41 3.05
C LEU B 549 35.40 18.39 2.37
N GLU B 550 35.20 17.44 1.46
CA GLU B 550 33.97 17.42 0.65
C GLU B 550 33.21 16.11 0.89
N ILE B 551 32.02 16.25 1.49
CA ILE B 551 31.27 15.08 1.94
C ILE B 551 29.83 15.15 1.44
N ARG B 552 29.11 14.06 1.70
CA ARG B 552 27.76 13.89 1.19
C ARG B 552 27.03 12.86 2.05
N TYR B 553 25.70 12.94 1.98
CA TYR B 553 24.85 11.91 2.54
C TYR B 553 24.94 10.66 1.67
N LEU B 554 24.70 9.50 2.30
CA LEU B 554 24.76 8.23 1.60
C LEU B 554 23.89 8.23 0.35
N GLY B 555 24.42 7.63 -0.73
CA GLY B 555 23.67 7.41 -1.94
C GLY B 555 23.54 8.60 -2.86
N GLN B 556 23.80 9.82 -2.39
CA GLN B 556 23.83 10.97 -3.29
C GLN B 556 25.08 10.91 -4.17
N ILE B 557 25.11 11.73 -5.20
CA ILE B 557 26.28 11.82 -6.06
C ILE B 557 27.12 13.05 -5.75
N HIS B 558 26.49 14.21 -5.67
CA HIS B 558 27.23 15.47 -5.57
C HIS B 558 27.44 15.84 -4.11
N GLU B 559 28.67 16.24 -3.81
CA GLU B 559 29.11 16.56 -2.45
C GLU B 559 28.83 18.02 -2.11
N CYS B 560 29.33 18.43 -0.95
CA CYS B 560 29.41 19.83 -0.57
C CYS B 560 30.71 20.06 0.19
N SER B 561 31.22 21.28 0.04
CA SER B 561 32.49 21.73 0.60
C SER B 561 32.35 22.06 2.09
N VAL B 562 33.43 21.83 2.82
CA VAL B 562 33.52 22.20 4.23
C VAL B 562 34.88 22.82 4.50
N GLU B 563 34.88 23.97 5.16
CA GLU B 563 36.10 24.66 5.57
C GLU B 563 36.71 23.98 6.79
N LEU B 564 38.04 24.02 6.88
CA LEU B 564 38.75 23.51 8.03
C LEU B 564 39.86 24.48 8.38
N SER B 565 39.78 24.97 9.63
CA SER B 565 40.62 26.06 10.13
C SER B 565 41.84 25.57 10.90
N CYS B 566 41.64 24.79 11.97
CA CYS B 566 42.80 24.34 12.72
C CYS B 566 43.51 23.24 11.94
N ASP B 567 44.82 23.13 12.15
CA ASP B 567 45.67 22.36 11.26
C ASP B 567 45.65 20.86 11.51
N ARG B 568 45.04 20.39 12.59
CA ARG B 568 44.80 18.97 12.82
C ARG B 568 43.43 18.80 13.47
N LEU B 569 42.88 17.59 13.40
CA LEU B 569 41.47 17.37 13.68
C LEU B 569 41.22 16.10 14.48
N ASP B 570 40.28 16.18 15.43
CA ASP B 570 39.89 15.02 16.23
C ASP B 570 38.41 15.15 16.64
N ARG B 571 38.00 14.30 17.59
CA ARG B 571 36.58 14.12 17.91
C ARG B 571 35.91 15.41 18.39
N SER B 572 36.55 16.15 19.30
CA SER B 572 35.92 17.36 19.83
C SER B 572 35.69 18.40 18.74
N SER B 573 36.18 18.15 17.53
CA SER B 573 35.96 18.99 16.38
C SER B 573 35.53 18.16 15.18
N LEU B 574 35.48 16.83 15.31
CA LEU B 574 34.92 15.97 14.28
C LEU B 574 33.42 16.17 14.12
N ALA B 575 32.68 16.07 15.23
CA ALA B 575 31.23 16.25 15.18
C ALA B 575 30.84 17.59 14.59
N ALA B 576 31.56 18.65 14.99
CA ALA B 576 31.28 19.97 14.43
C ALA B 576 31.53 19.99 12.94
N LEU B 577 32.51 19.21 12.47
CA LEU B 577 32.72 19.03 11.04
C LEU B 577 31.40 18.68 10.35
N ARG B 578 30.69 17.67 10.88
CA ARG B 578 29.42 17.30 10.26
C ARG B 578 28.45 18.47 10.31
N GLU B 579 28.45 19.19 11.42
CA GLU B 579 27.61 20.38 11.53
C GLU B 579 27.89 21.32 10.38
N SER B 580 29.18 21.57 10.10
CA SER B 580 29.55 22.39 8.96
C SER B 580 28.88 21.89 7.70
N PHE B 581 28.90 20.57 7.50
CA PHE B 581 28.21 19.97 6.37
C PHE B 581 26.70 20.17 6.43
N HIS B 582 26.08 19.80 7.56
CA HIS B 582 24.62 19.74 7.60
C HIS B 582 23.98 21.07 7.22
N GLN B 583 24.30 22.14 7.96
CA GLN B 583 23.77 23.45 7.62
C GLN B 583 24.06 23.76 6.16
N ARG B 584 25.28 23.44 5.74
CA ARG B 584 25.67 23.69 4.35
C ARG B 584 24.72 23.01 3.38
N HIS B 585 24.51 21.70 3.56
CA HIS B 585 23.54 21.02 2.71
C HIS B 585 22.17 21.67 2.87
N LYS B 586 21.81 21.94 4.12
CA LYS B 586 20.57 22.66 4.41
C LYS B 586 20.48 23.93 3.57
N ALA B 587 21.51 24.77 3.62
CA ALA B 587 21.45 26.05 2.94
C ALA B 587 21.20 25.88 1.44
N LEU B 588 21.64 24.76 0.87
CA LEU B 588 21.43 24.60 -0.56
C LEU B 588 20.12 23.93 -0.90
N PHE B 589 19.55 23.11 -0.01
CA PHE B 589 18.42 22.32 -0.47
C PHE B 589 17.12 22.46 0.33
N SER B 590 17.16 22.30 1.67
CA SER B 590 15.96 22.48 2.49
C SER B 590 16.39 22.55 3.95
N TYR B 591 15.40 22.72 4.85
CA TYR B 591 15.66 23.20 6.20
C TYR B 591 16.02 22.14 7.24
N SER B 592 15.94 20.84 6.96
CA SER B 592 16.39 19.86 7.95
C SER B 592 16.70 18.54 7.25
N GLU B 593 17.98 18.28 7.02
CA GLU B 593 18.51 17.10 6.37
C GLU B 593 19.09 15.98 7.25
N PRO B 594 19.75 16.27 8.38
CA PRO B 594 20.67 15.28 8.99
C PRO B 594 20.02 14.00 9.50
N ASN B 595 20.43 12.88 8.89
CA ASN B 595 20.24 11.56 9.50
C ASN B 595 21.51 10.71 9.48
N SER B 596 22.31 10.77 8.42
CA SER B 596 23.53 9.99 8.36
C SER B 596 24.49 10.58 7.33
N PRO B 597 25.22 11.63 7.69
CA PRO B 597 26.05 12.39 6.73
C PRO B 597 27.33 11.64 6.40
N VAL B 598 27.17 10.41 5.94
CA VAL B 598 28.23 9.41 6.09
C VAL B 598 29.47 9.75 5.28
N GLU B 599 29.33 9.85 3.96
CA GLU B 599 30.49 9.61 3.11
C GLU B 599 31.30 10.88 2.91
N LEU B 600 32.61 10.78 3.15
CA LEU B 600 33.59 11.76 2.70
C LEU B 600 34.29 11.22 1.46
N VAL B 601 34.67 12.12 0.55
CA VAL B 601 35.21 11.65 -0.71
C VAL B 601 36.59 12.24 -0.96
N ASN B 602 36.69 13.56 -1.00
CA ASN B 602 37.89 14.24 -1.44
C ASN B 602 38.41 15.18 -0.36
N LEU B 603 39.72 15.45 -0.42
CA LEU B 603 40.39 16.31 0.54
C LEU B 603 41.27 17.29 -0.24
N GLU B 604 41.40 18.51 0.26
CA GLU B 604 42.12 19.56 -0.46
C GLU B 604 42.75 20.52 0.54
N CYS B 605 43.94 21.01 0.21
CA CYS B 605 44.55 22.16 0.87
C CYS B 605 45.14 23.07 -0.19
N SER B 606 44.86 24.35 -0.08
CA SER B 606 45.45 25.36 -0.95
C SER B 606 46.38 26.22 -0.11
N VAL B 607 47.65 26.20 -0.43
CA VAL B 607 48.64 26.99 0.28
C VAL B 607 48.74 28.35 -0.38
N ILE B 608 48.69 29.39 0.43
CA ILE B 608 48.79 30.76 -0.05
C ILE B 608 50.07 31.33 0.52
N ALA B 609 50.93 31.84 -0.34
CA ALA B 609 52.09 32.62 0.05
C ALA B 609 51.73 34.06 -0.26
N ARG B 610 51.49 34.83 0.80
CA ARG B 610 51.07 36.22 0.69
C ARG B 610 52.34 37.05 0.55
N LEU B 611 52.71 37.32 -0.70
CA LEU B 611 54.01 37.90 -1.01
C LEU B 611 53.90 39.33 -1.54
N GLN B 612 52.70 39.75 -1.93
CA GLN B 612 52.53 41.06 -2.54
C GLN B 612 52.78 42.17 -1.51
N ARG B 613 53.51 43.18 -1.95
CA ARG B 613 53.78 44.37 -1.13
C ARG B 613 53.57 45.59 -2.02
N PRO B 614 52.36 45.74 -2.55
CA PRO B 614 52.17 46.60 -3.71
C PRO B 614 51.82 48.01 -3.29
N PRO B 615 52.12 49.01 -4.12
CA PRO B 615 51.67 50.37 -3.82
C PRO B 615 50.27 50.58 -4.38
N MET B 616 49.56 51.51 -3.75
CA MET B 616 48.21 51.86 -4.19
C MET B 616 48.08 53.37 -4.22
N PRO B 617 47.32 53.91 -5.16
CA PRO B 617 47.13 55.36 -5.16
C PRO B 617 46.13 55.76 -4.09
N GLU B 618 46.25 57.01 -3.64
CA GLU B 618 45.33 57.53 -2.64
C GLU B 618 45.34 59.05 -2.69
N LEU B 619 44.27 59.66 -2.20
CA LEU B 619 44.04 61.09 -2.31
C LEU B 619 44.09 61.80 -0.95
N ALA B 620 43.80 63.11 -1.01
CA ALA B 620 43.70 64.01 0.13
C ALA B 620 42.79 65.15 -0.28
N THR B 621 42.37 65.96 0.70
CA THR B 621 41.26 66.89 0.45
C THR B 621 41.52 68.28 1.00
N PRO B 622 41.20 69.34 0.24
CA PRO B 622 41.25 70.69 0.81
C PRO B 622 39.96 71.23 1.44
N LEU B 623 38.80 71.07 0.78
CA LEU B 623 37.59 71.77 1.24
C LEU B 623 36.36 70.97 0.83
N LYS B 624 35.20 71.64 0.81
CA LYS B 624 33.89 70.98 0.72
C LYS B 624 33.08 71.39 -0.51
N ALA B 625 33.72 71.92 -1.56
CA ALA B 625 32.94 72.67 -2.54
C ALA B 625 32.26 71.78 -3.58
N THR B 626 33.05 71.09 -4.40
CA THR B 626 32.55 70.39 -5.60
C THR B 626 31.53 71.26 -6.34
N ALA B 627 32.00 72.46 -6.69
CA ALA B 627 31.14 73.55 -7.14
C ALA B 627 30.70 73.41 -8.59
N ALA B 628 31.64 73.04 -9.47
CA ALA B 628 31.45 73.21 -10.92
C ALA B 628 31.26 71.90 -11.65
N ILE B 629 30.77 70.88 -10.95
CA ILE B 629 30.54 69.57 -11.52
C ILE B 629 29.18 69.51 -12.23
N PRO B 630 28.07 70.10 -11.69
CA PRO B 630 26.77 69.86 -12.33
C PRO B 630 26.72 70.45 -13.73
N ALA B 631 27.34 69.71 -14.65
CA ALA B 631 27.62 70.11 -16.02
C ALA B 631 26.35 70.00 -16.86
N GLY B 632 25.50 71.03 -16.75
CA GLY B 632 24.35 71.07 -17.62
C GLY B 632 23.30 70.03 -17.24
N HIS B 633 22.29 69.93 -18.09
CA HIS B 633 21.20 69.01 -17.86
C HIS B 633 20.84 68.26 -19.13
N ARG B 634 20.28 67.07 -18.95
CA ARG B 634 19.89 66.24 -20.06
C ARG B 634 18.48 65.73 -19.84
N PRO B 635 17.66 65.67 -20.90
CA PRO B 635 16.34 65.05 -20.74
C PRO B 635 16.54 63.56 -20.59
N MET B 636 16.35 63.05 -19.39
CA MET B 636 16.59 61.65 -19.10
C MET B 636 15.34 60.98 -18.57
N LEU B 637 15.11 59.76 -19.02
CA LEU B 637 13.99 58.96 -18.54
C LEU B 637 14.59 57.75 -17.84
N PHE B 638 14.38 57.70 -16.52
CA PHE B 638 14.53 56.48 -15.74
C PHE B 638 13.14 55.90 -15.56
N ASN B 639 13.04 54.57 -15.65
CA ASN B 639 11.75 53.90 -15.73
C ASN B 639 10.79 54.33 -14.62
N ALA B 640 11.29 54.83 -13.50
CA ALA B 640 10.46 55.20 -12.36
C ALA B 640 9.75 56.55 -12.49
N GLN B 641 10.10 57.41 -13.45
CA GLN B 641 9.44 58.71 -13.56
C GLN B 641 8.28 58.73 -14.54
N ASP B 642 8.55 58.43 -15.81
CA ASP B 642 7.62 58.55 -16.93
C ASP B 642 7.31 60.02 -17.26
N ASP B 643 8.26 60.93 -17.02
CA ASP B 643 8.09 62.31 -17.47
C ASP B 643 9.35 62.96 -18.03
N TRP B 644 10.49 62.27 -18.05
CA TRP B 644 11.73 62.82 -18.58
C TRP B 644 12.13 64.11 -17.84
N GLN B 645 12.45 63.97 -16.55
CA GLN B 645 12.89 65.15 -15.82
C GLN B 645 14.24 65.63 -16.38
N ASP B 646 14.50 66.93 -16.25
CA ASP B 646 15.83 67.43 -16.57
C ASP B 646 16.82 66.89 -15.55
N THR B 647 17.47 65.77 -15.89
CA THR B 647 18.33 65.16 -14.90
C THR B 647 19.77 65.61 -15.16
N PRO B 648 20.50 65.94 -14.10
CA PRO B 648 21.83 66.53 -14.27
C PRO B 648 22.91 65.57 -14.75
N VAL B 649 23.93 66.18 -15.36
CA VAL B 649 25.10 65.49 -15.87
C VAL B 649 26.34 66.12 -15.23
N TYR B 650 27.20 65.27 -14.66
CA TYR B 650 28.38 65.68 -13.92
C TYR B 650 29.62 65.21 -14.67
N ASN B 651 30.70 65.99 -14.59
CA ASN B 651 31.97 65.58 -15.20
C ASN B 651 32.76 64.82 -14.15
N GLY B 652 32.94 63.52 -14.38
CA GLY B 652 33.56 62.67 -13.37
C GLY B 652 35.03 62.90 -13.16
N ASP B 653 35.69 63.65 -14.03
CA ASP B 653 37.14 63.77 -13.98
C ASP B 653 37.62 64.93 -13.12
N ARG B 654 36.75 65.90 -12.85
CA ARG B 654 37.12 67.06 -12.04
C ARG B 654 36.41 67.07 -10.68
N ILE B 655 35.68 66.01 -10.32
CA ILE B 655 34.97 65.94 -9.05
C ILE B 655 35.99 65.95 -7.91
N GLU B 656 35.91 66.98 -7.07
CA GLU B 656 36.73 67.07 -5.87
C GLU B 656 36.42 65.88 -4.96
N VAL B 657 37.33 65.63 -4.01
CA VAL B 657 37.21 64.44 -3.16
C VAL B 657 35.80 64.35 -2.64
N GLY B 658 35.22 63.15 -2.75
CA GLY B 658 33.79 62.95 -2.75
C GLY B 658 32.97 63.80 -1.80
N GLN B 659 32.13 64.63 -2.39
CA GLN B 659 31.05 65.28 -1.68
C GLN B 659 29.75 64.61 -2.09
N ILE B 660 28.75 64.69 -1.20
CA ILE B 660 27.51 63.96 -1.42
C ILE B 660 26.85 64.46 -2.70
N ILE B 661 26.46 63.53 -3.57
CA ILE B 661 25.91 63.85 -4.87
C ILE B 661 24.38 63.93 -4.79
N GLN B 662 23.80 64.63 -5.76
CA GLN B 662 22.39 64.96 -5.77
C GLN B 662 21.63 63.89 -6.55
N GLY B 663 20.80 63.12 -5.84
CA GLY B 663 19.73 62.34 -6.43
C GLY B 663 20.06 61.63 -7.73
N PRO B 664 19.07 61.61 -8.63
CA PRO B 664 19.28 61.02 -9.96
C PRO B 664 20.20 61.90 -10.79
N CYS B 665 21.18 61.27 -11.44
CA CYS B 665 22.14 61.99 -12.27
C CYS B 665 22.89 60.99 -13.15
N VAL B 666 23.69 61.53 -14.07
CA VAL B 666 24.68 60.74 -14.79
C VAL B 666 26.04 61.39 -14.64
N ILE B 667 27.05 60.59 -14.31
CA ILE B 667 28.43 61.04 -14.20
C ILE B 667 29.19 60.57 -15.43
N GLU B 668 29.55 61.50 -16.31
CA GLU B 668 30.36 61.15 -17.47
C GLU B 668 31.79 61.60 -17.24
N GLU B 669 32.71 60.69 -17.50
CA GLU B 669 34.14 60.93 -17.52
C GLU B 669 34.60 60.87 -18.96
N ALA B 670 35.83 61.36 -19.20
CA ALA B 670 36.42 61.16 -20.51
C ALA B 670 36.50 59.68 -20.86
N THR B 671 36.52 58.80 -19.86
CA THR B 671 36.65 57.37 -20.07
C THR B 671 35.29 56.64 -20.15
N THR B 672 34.39 56.85 -19.19
CA THR B 672 33.19 56.01 -19.13
C THR B 672 32.02 56.82 -18.56
N ASN B 673 30.89 56.14 -18.35
CA ASN B 673 29.63 56.77 -18.00
C ASN B 673 28.95 56.00 -16.89
N ILE B 674 28.56 56.70 -15.83
CA ILE B 674 27.95 56.13 -14.63
C ILE B 674 26.52 56.63 -14.50
N LEU B 675 25.58 55.72 -14.30
CA LEU B 675 24.22 56.09 -13.93
C LEU B 675 24.10 56.24 -12.43
N VAL B 676 23.19 57.11 -12.00
CA VAL B 676 22.80 57.21 -10.60
C VAL B 676 21.28 57.36 -10.61
N PRO B 677 20.53 56.29 -10.45
CA PRO B 677 19.07 56.40 -10.40
C PRO B 677 18.63 57.12 -9.14
N PRO B 678 17.40 57.65 -9.12
CA PRO B 678 16.94 58.42 -7.96
C PRO B 678 17.04 57.65 -6.66
N GLY B 679 17.31 58.38 -5.58
CA GLY B 679 17.45 57.79 -4.27
C GLY B 679 18.85 57.44 -3.84
N TRP B 680 19.85 57.69 -4.68
CA TRP B 680 21.22 57.28 -4.37
C TRP B 680 22.10 58.47 -4.07
N ARG B 681 23.14 58.21 -3.27
CA ARG B 681 24.08 59.24 -2.87
C ARG B 681 25.47 58.66 -2.98
N VAL B 682 26.37 59.44 -3.58
CA VAL B 682 27.64 58.93 -4.06
C VAL B 682 28.74 59.91 -3.67
N SER B 683 29.89 59.37 -3.30
CA SER B 683 31.07 60.21 -3.16
C SER B 683 32.30 59.44 -3.63
N LEU B 684 33.34 60.20 -3.93
CA LEU B 684 34.55 59.67 -4.53
C LEU B 684 35.54 59.51 -3.39
N ASP B 685 35.73 58.27 -2.94
CA ASP B 685 36.59 58.01 -1.79
C ASP B 685 38.05 58.18 -2.22
N PRO B 686 38.93 58.57 -1.28
CA PRO B 686 40.34 58.77 -1.63
C PRO B 686 41.00 57.61 -2.36
N SER B 687 40.47 56.40 -2.21
CA SER B 687 41.06 55.22 -2.82
C SER B 687 40.69 55.06 -4.30
N ALA B 688 40.23 56.13 -4.95
CA ALA B 688 39.86 56.10 -6.38
C ALA B 688 38.74 55.11 -6.64
N THR B 689 37.72 55.16 -5.78
CA THR B 689 36.51 54.37 -5.94
C THR B 689 35.31 55.23 -5.58
N TYR B 690 34.30 55.22 -6.44
CA TYR B 690 33.04 55.87 -6.16
C TYR B 690 32.21 54.93 -5.30
N GLU B 691 31.79 55.42 -4.14
CA GLU B 691 30.89 54.70 -3.24
C GLU B 691 29.48 55.23 -3.49
N LEU B 692 28.58 54.33 -3.89
CA LEU B 692 27.20 54.66 -4.21
C LEU B 692 26.31 53.92 -3.23
N THR B 693 25.53 54.67 -2.45
CA THR B 693 24.73 54.13 -1.35
C THR B 693 23.41 54.89 -1.21
N PRO B 694 22.31 54.18 -0.94
CA PRO B 694 21.01 54.88 -0.84
C PRO B 694 20.88 55.75 0.41
N GLY B 695 21.52 56.91 0.38
CA GLY B 695 21.54 57.88 1.46
C GLY B 695 20.37 58.83 1.48
N HIS B 696 19.45 58.69 0.54
CA HIS B 696 18.30 59.57 0.42
C HIS B 696 17.11 59.01 1.18
N ASN C 2 -10.74 -3.76 45.98
CA ASN C 2 -11.13 -3.90 47.38
C ASN C 2 -12.48 -3.23 47.61
N THR C 3 -12.85 -2.36 46.66
CA THR C 3 -14.16 -1.73 46.62
C THR C 3 -15.11 -2.48 45.71
N VAL C 4 -14.95 -3.79 45.61
CA VAL C 4 -15.67 -4.60 44.64
C VAL C 4 -16.88 -5.23 45.29
N ASP C 5 -18.06 -4.76 44.89
CA ASP C 5 -19.33 -5.38 45.29
C ASP C 5 -19.52 -6.64 44.44
N PRO C 6 -19.67 -7.82 45.06
CA PRO C 6 -19.75 -9.06 44.27
C PRO C 6 -20.92 -9.10 43.30
N ILE C 7 -22.11 -8.70 43.74
CA ILE C 7 -23.27 -8.66 42.85
C ILE C 7 -22.91 -7.91 41.58
N THR C 8 -22.35 -6.71 41.74
CA THR C 8 -22.00 -5.89 40.60
C THR C 8 -20.83 -6.47 39.82
N LEU C 9 -19.96 -7.24 40.48
CA LEU C 9 -18.96 -8.01 39.76
C LEU C 9 -19.62 -8.91 38.72
N ALA C 10 -20.57 -9.72 39.16
CA ALA C 10 -21.30 -10.57 38.23
C ALA C 10 -22.02 -9.75 37.17
N VAL C 11 -22.56 -8.58 37.56
CA VAL C 11 -23.25 -7.71 36.61
C VAL C 11 -22.31 -7.28 35.48
N VAL C 12 -21.12 -6.80 35.86
CA VAL C 12 -20.15 -6.33 34.87
C VAL C 12 -19.74 -7.47 33.94
N ARG C 13 -19.37 -8.62 34.54
CA ARG C 13 -18.92 -9.75 33.73
C ARG C 13 -20.01 -10.20 32.77
N GLY C 14 -21.27 -10.21 33.22
CA GLY C 14 -22.36 -10.61 32.34
C GLY C 14 -22.58 -9.63 31.21
N ALA C 15 -22.45 -8.33 31.50
CA ALA C 15 -22.52 -7.32 30.45
C ALA C 15 -21.47 -7.57 29.36
N LEU C 16 -20.24 -7.87 29.78
CA LEU C 16 -19.20 -8.16 28.79
C LEU C 16 -19.49 -9.45 28.02
N GLU C 17 -19.94 -10.49 28.73
CA GLU C 17 -20.30 -11.74 28.08
C GLU C 17 -21.39 -11.53 27.04
N THR C 18 -22.30 -10.59 27.29
CA THR C 18 -23.31 -10.21 26.32
C THR C 18 -22.69 -9.47 25.12
N ALA C 19 -21.79 -8.52 25.40
CA ALA C 19 -21.17 -7.74 24.34
C ALA C 19 -20.45 -8.64 23.34
N GLN C 20 -19.82 -9.70 23.82
CA GLN C 20 -19.18 -10.64 22.91
C GLN C 20 -20.18 -11.21 21.91
N ARG C 21 -21.38 -11.59 22.40
CA ARG C 21 -22.42 -12.06 21.48
C ARG C 21 -22.79 -10.98 20.47
N GLU C 22 -23.02 -9.75 20.93
CA GLU C 22 -23.44 -8.72 19.98
C GLU C 22 -22.42 -8.56 18.86
N MET C 23 -21.14 -8.40 19.22
CA MET C 23 -20.11 -8.15 18.21
C MET C 23 -19.88 -9.36 17.31
N THR C 24 -19.58 -10.51 17.92
CA THR C 24 -19.28 -11.69 17.13
C THR C 24 -20.45 -12.08 16.25
N LEU C 25 -21.69 -11.79 16.66
CA LEU C 25 -22.83 -12.10 15.80
C LEU C 25 -22.95 -11.08 14.67
N THR C 26 -22.64 -9.81 14.95
CA THR C 26 -22.50 -8.82 13.88
C THR C 26 -21.62 -9.36 12.77
N LEU C 27 -20.43 -9.84 13.12
CA LEU C 27 -19.54 -10.39 12.11
C LEU C 27 -20.08 -11.71 11.56
N GLU C 28 -20.68 -12.54 12.41
CA GLU C 28 -21.13 -13.87 12.00
C GLU C 28 -22.17 -13.80 10.89
N LYS C 29 -23.07 -12.83 10.97
CA LYS C 29 -24.15 -12.76 10.00
C LYS C 29 -24.00 -11.66 8.97
N THR C 30 -23.00 -10.77 9.10
CA THR C 30 -22.83 -9.72 8.10
C THR C 30 -21.55 -9.82 7.30
N SER C 31 -20.55 -10.57 7.77
CA SER C 31 -19.20 -10.49 7.23
C SER C 31 -18.97 -11.36 6.00
N ARG C 32 -19.89 -12.27 5.66
CA ARG C 32 -19.74 -13.18 4.53
C ARG C 32 -18.72 -14.29 4.78
N SER C 33 -18.28 -14.48 6.03
CA SER C 33 -17.17 -15.37 6.38
C SER C 33 -17.60 -16.81 6.69
N SER C 34 -18.41 -17.40 5.83
CA SER C 34 -18.75 -18.82 5.93
C SER C 34 -18.17 -19.65 4.80
N VAL C 35 -18.24 -19.17 3.57
CA VAL C 35 -17.61 -19.81 2.42
C VAL C 35 -16.80 -18.84 1.60
N PHE C 36 -16.69 -17.57 2.01
CA PHE C 36 -15.91 -16.58 1.28
C PHE C 36 -14.65 -16.16 2.05
N ASN C 37 -14.80 -15.62 3.25
CA ASN C 37 -13.65 -15.55 4.14
C ASN C 37 -13.49 -16.88 4.87
N LEU C 38 -12.34 -17.07 5.52
CA LEU C 38 -12.13 -18.29 6.27
C LEU C 38 -13.13 -18.36 7.42
N ALA C 39 -13.79 -19.51 7.57
CA ALA C 39 -14.99 -19.59 8.42
C ALA C 39 -14.61 -19.42 9.89
N HIS C 40 -15.08 -18.33 10.48
CA HIS C 40 -14.89 -17.99 11.89
C HIS C 40 -13.44 -17.66 12.24
N ASP C 41 -12.63 -17.29 11.24
CA ASP C 41 -11.26 -16.81 11.39
C ASP C 41 -11.31 -15.33 11.81
N TYR C 42 -11.88 -15.11 13.00
CA TYR C 42 -12.13 -13.76 13.49
C TYR C 42 -12.11 -13.77 15.01
N SER C 43 -11.88 -12.57 15.58
CA SER C 43 -12.02 -12.38 17.01
C SER C 43 -12.31 -10.92 17.34
N ASN C 44 -13.35 -10.71 18.15
CA ASN C 44 -13.67 -9.41 18.72
C ASN C 44 -13.19 -9.37 20.16
N ALA C 45 -12.68 -8.22 20.59
CA ALA C 45 -12.10 -8.17 21.92
C ALA C 45 -12.31 -6.79 22.54
N LEU C 46 -12.52 -6.80 23.85
CA LEU C 46 -12.69 -5.58 24.63
C LEU C 46 -11.48 -5.42 25.53
N PHE C 47 -10.82 -4.26 25.42
CA PHE C 47 -9.59 -3.93 26.14
C PHE C 47 -9.80 -2.67 26.97
N ASP C 48 -8.90 -2.46 27.92
CA ASP C 48 -9.13 -1.60 29.06
C ASP C 48 -8.62 -0.16 28.87
N HIS C 49 -8.95 0.65 29.87
CA HIS C 49 -8.36 1.96 30.12
C HIS C 49 -6.84 1.97 29.93
N LEU C 50 -6.14 1.09 30.64
CA LEU C 50 -4.82 0.84 30.08
C LEU C 50 -4.89 -0.38 29.17
N PRO C 51 -4.13 -0.42 28.07
CA PRO C 51 -4.41 -1.44 27.03
C PRO C 51 -4.15 -2.86 27.50
N GLU C 52 -5.07 -3.36 28.32
CA GLU C 52 -5.09 -4.74 28.79
C GLU C 52 -6.46 -5.34 28.52
N MET C 53 -6.48 -6.59 28.08
CA MET C 53 -7.72 -7.22 27.62
C MET C 53 -8.66 -7.52 28.76
N ILE C 54 -9.91 -7.05 28.63
CA ILE C 54 -10.91 -7.22 29.69
C ILE C 54 -11.78 -8.41 29.33
N LEU C 55 -11.96 -8.69 28.03
CA LEU C 55 -12.67 -9.92 27.66
C LEU C 55 -12.46 -10.27 26.20
N GLN C 56 -12.10 -11.54 25.96
CA GLN C 56 -12.13 -12.15 24.64
C GLN C 56 -13.08 -13.35 24.62
N GLY C 57 -14.00 -13.36 23.67
CA GLY C 57 -14.84 -14.48 23.36
C GLY C 57 -14.13 -15.51 22.49
N GLN C 58 -13.33 -16.40 23.08
CA GLN C 58 -12.44 -17.24 22.29
C GLN C 58 -13.20 -18.12 21.30
N ASP C 59 -13.17 -17.73 20.03
CA ASP C 59 -13.70 -18.55 18.96
C ASP C 59 -12.62 -19.47 18.41
N ILE C 60 -11.46 -18.93 18.10
CA ILE C 60 -10.31 -19.70 17.62
C ILE C 60 -9.06 -19.33 18.42
N PRO C 61 -8.23 -20.31 18.82
CA PRO C 61 -7.06 -19.98 19.64
C PRO C 61 -5.90 -19.40 18.83
N ILE C 62 -6.02 -19.34 17.51
CA ILE C 62 -5.07 -18.61 16.69
C ILE C 62 -5.01 -17.14 17.06
N HIS C 63 -5.95 -16.66 17.90
CA HIS C 63 -6.01 -15.28 18.34
C HIS C 63 -5.90 -15.12 19.86
N LEU C 64 -4.94 -15.80 20.49
CA LEU C 64 -4.84 -15.72 21.94
C LEU C 64 -3.90 -14.61 22.41
N GLY C 65 -2.62 -14.69 22.05
CA GLY C 65 -1.67 -13.70 22.52
C GLY C 65 -1.10 -12.77 21.48
N SER C 66 -1.55 -12.88 20.23
CA SER C 66 -1.11 -11.98 19.18
C SER C 66 -1.80 -10.63 19.24
N LEU C 67 -2.85 -10.52 20.06
CA LEU C 67 -3.55 -9.26 20.24
C LEU C 67 -2.90 -8.41 21.32
N ILE C 68 -2.14 -9.04 22.21
CA ILE C 68 -1.47 -8.35 23.32
C ILE C 68 -0.43 -7.37 22.79
N PRO C 69 0.60 -7.78 22.02
CA PRO C 69 1.56 -6.79 21.52
C PRO C 69 1.10 -6.07 20.26
N ALA C 70 -0.02 -6.46 19.67
CA ALA C 70 -0.57 -5.67 18.58
C ALA C 70 -1.16 -4.38 19.14
N MET C 71 -1.96 -4.51 20.20
CA MET C 71 -2.43 -3.32 20.89
C MET C 71 -1.30 -2.62 21.63
N LYS C 72 -0.25 -3.35 22.06
CA LYS C 72 0.93 -2.66 22.59
C LYS C 72 1.45 -1.65 21.58
N CYS C 73 1.69 -2.10 20.34
CA CYS C 73 2.26 -1.22 19.34
C CYS C 73 1.26 -0.18 18.84
N VAL C 74 -0.04 -0.47 18.92
CA VAL C 74 -1.02 0.58 18.62
C VAL C 74 -0.90 1.71 19.64
N ALA C 75 -0.99 1.38 20.93
CA ALA C 75 -0.99 2.43 21.94
C ALA C 75 0.36 3.15 21.98
N GLY C 76 1.44 2.45 21.64
CA GLY C 76 2.73 3.11 21.55
C GLY C 76 2.91 3.87 20.26
N PHE C 77 2.10 3.54 19.25
CA PHE C 77 2.12 4.22 17.96
C PHE C 77 1.45 5.58 18.02
N PHE C 78 0.32 5.66 18.72
CA PHE C 78 -0.39 6.91 18.92
C PHE C 78 -0.27 7.36 20.37
N GLY C 79 0.84 8.03 20.67
CA GLY C 79 1.09 8.51 22.03
C GLY C 79 0.03 9.48 22.49
N ASP C 80 0.04 10.68 21.90
CA ASP C 80 -0.98 11.69 22.15
C ASP C 80 -1.98 11.77 21.01
N GLU C 81 -1.67 11.12 19.88
CA GLU C 81 -2.30 11.43 18.61
C GLU C 81 -3.48 10.48 18.34
N ILE C 82 -4.44 10.52 19.25
CA ILE C 82 -5.74 9.89 19.05
C ILE C 82 -6.83 10.90 19.36
N ALA C 83 -8.05 10.57 18.96
CA ALA C 83 -9.19 11.43 19.25
C ALA C 83 -10.45 10.58 19.32
N GLU C 84 -11.49 11.15 19.92
CA GLU C 84 -12.75 10.44 20.05
C GLU C 84 -13.42 10.28 18.69
N GLY C 85 -13.76 9.04 18.33
CA GLY C 85 -14.49 8.74 17.12
C GLY C 85 -13.70 8.14 15.96
N ASP C 86 -12.37 8.12 16.03
CA ASP C 86 -11.56 7.61 14.93
C ASP C 86 -11.31 6.10 15.07
N VAL C 87 -10.73 5.49 14.02
CA VAL C 87 -10.32 4.10 14.07
C VAL C 87 -8.98 3.87 13.35
N ILE C 88 -8.22 2.92 13.89
CA ILE C 88 -6.94 2.48 13.37
C ILE C 88 -7.12 1.10 12.74
N TYR C 89 -6.31 0.82 11.73
CA TYR C 89 -6.43 -0.43 10.98
C TYR C 89 -5.05 -0.97 10.70
N HIS C 90 -4.85 -2.27 10.95
CA HIS C 90 -3.57 -2.87 10.60
C HIS C 90 -3.63 -4.40 10.67
N ASN C 91 -2.55 -5.00 10.17
CA ASN C 91 -2.29 -6.45 10.25
C ASN C 91 -0.82 -6.76 10.50
N ASP C 92 0.02 -5.76 10.77
CA ASP C 92 1.45 -5.86 10.52
C ASP C 92 2.14 -6.88 11.42
N PRO C 93 3.06 -7.69 10.85
CA PRO C 93 3.98 -8.56 11.61
C PRO C 93 5.33 -7.92 11.93
N ALA C 94 5.38 -6.92 12.82
CA ALA C 94 6.68 -6.44 13.32
C ALA C 94 7.10 -7.23 14.56
N TYR C 95 6.35 -7.08 15.65
CA TYR C 95 6.47 -7.86 16.88
C TYR C 95 5.09 -8.31 17.33
N MET C 96 4.21 -8.49 16.35
CA MET C 96 2.79 -8.75 16.52
C MET C 96 2.32 -9.37 15.20
N GLY C 97 1.03 -9.52 15.05
CA GLY C 97 0.51 -9.69 13.70
C GLY C 97 0.39 -11.15 13.30
N SER C 98 -0.60 -11.41 12.45
CA SER C 98 -0.93 -12.71 11.88
C SER C 98 -0.56 -12.75 10.40
N HIS C 99 -0.96 -13.84 9.72
CA HIS C 99 -0.96 -13.87 8.27
C HIS C 99 -1.76 -12.68 7.74
N ILE C 100 -1.18 -11.98 6.77
CA ILE C 100 -1.64 -10.64 6.42
C ILE C 100 -3.05 -10.60 5.85
N LEU C 101 -3.67 -11.75 5.59
CA LEU C 101 -5.10 -11.76 5.28
C LEU C 101 -5.92 -11.36 6.49
N ASP C 102 -5.41 -11.60 7.70
CA ASP C 102 -6.10 -11.24 8.92
C ASP C 102 -5.73 -9.80 9.26
N CYS C 103 -6.70 -8.89 9.11
CA CYS C 103 -6.54 -7.48 9.49
C CYS C 103 -7.59 -7.09 10.52
N CYS C 104 -7.37 -5.95 11.18
CA CYS C 104 -8.28 -5.58 12.25
C CYS C 104 -8.37 -4.07 12.42
N MET C 105 -9.49 -3.67 13.03
CA MET C 105 -9.85 -2.29 13.33
C MET C 105 -9.87 -2.10 14.83
N TYR C 106 -9.38 -0.94 15.28
CA TYR C 106 -9.27 -0.58 16.68
C TYR C 106 -9.98 0.75 16.86
N LYS C 107 -10.93 0.81 17.79
CA LYS C 107 -11.56 2.08 18.12
C LYS C 107 -11.38 2.33 19.61
N PRO C 108 -10.80 3.46 20.01
CA PRO C 108 -10.71 3.80 21.44
C PRO C 108 -11.94 4.59 21.89
N VAL C 109 -12.34 4.31 23.12
CA VAL C 109 -13.52 4.93 23.71
C VAL C 109 -13.06 6.04 24.63
N PHE C 110 -13.65 7.21 24.48
CA PHE C 110 -13.38 8.37 25.33
C PHE C 110 -14.58 8.61 26.23
N TYR C 111 -14.31 9.04 27.46
CA TYR C 111 -15.34 9.17 28.49
C TYR C 111 -14.97 10.36 29.36
N LYS C 112 -15.75 11.44 29.26
CA LYS C 112 -15.45 12.71 29.92
C LYS C 112 -14.12 13.29 29.46
N GLY C 113 -13.61 12.86 28.32
CA GLY C 113 -12.29 13.28 27.90
C GLY C 113 -11.21 12.27 28.22
N GLU C 114 -11.56 11.16 28.86
CA GLU C 114 -10.61 10.16 29.30
C GLU C 114 -10.48 9.04 28.26
N LEU C 115 -9.31 8.41 28.24
CA LEU C 115 -9.07 7.21 27.43
C LEU C 115 -9.52 6.00 28.26
N VAL C 116 -10.65 5.40 27.90
CA VAL C 116 -11.25 4.42 28.80
C VAL C 116 -11.30 2.99 28.28
N PHE C 117 -11.47 2.79 26.97
CA PHE C 117 -11.64 1.42 26.49
C PHE C 117 -11.37 1.34 25.01
N TRP C 118 -10.91 0.17 24.57
CA TRP C 118 -10.71 -0.10 23.15
C TRP C 118 -11.56 -1.29 22.73
N THR C 119 -12.10 -1.22 21.52
CA THR C 119 -12.79 -2.34 20.90
C THR C 119 -12.02 -2.73 19.65
N VAL C 120 -11.72 -4.01 19.50
CA VAL C 120 -10.92 -4.51 18.39
C VAL C 120 -11.68 -5.58 17.63
N CYS C 121 -11.66 -5.48 16.30
CA CYS C 121 -12.41 -6.35 15.40
C CYS C 121 -11.39 -6.91 14.42
N LYS C 122 -10.90 -8.15 14.66
CA LYS C 122 -9.91 -8.75 13.79
C LYS C 122 -10.56 -9.87 12.97
N GLY C 123 -10.04 -10.09 11.77
CA GLY C 123 -10.70 -11.04 10.89
C GLY C 123 -9.94 -11.32 9.62
N HIS C 124 -10.24 -12.49 9.06
CA HIS C 124 -9.67 -12.98 7.81
C HIS C 124 -10.40 -12.34 6.64
N LEU C 125 -9.66 -11.71 5.74
CA LEU C 125 -10.23 -11.00 4.59
C LEU C 125 -10.04 -11.82 3.33
N THR C 126 -10.81 -11.47 2.29
CA THR C 126 -10.77 -12.21 1.03
C THR C 126 -9.40 -12.13 0.36
N ASP C 127 -8.92 -10.92 0.10
CA ASP C 127 -7.61 -10.76 -0.53
C ASP C 127 -6.85 -9.64 0.13
N ILE C 128 -5.53 -9.75 0.08
CA ILE C 128 -4.62 -8.79 0.69
C ILE C 128 -3.66 -8.19 -0.31
N GLY C 129 -3.58 -8.73 -1.52
CA GLY C 129 -2.85 -8.11 -2.59
C GLY C 129 -1.60 -8.79 -3.05
N GLY C 130 -1.43 -10.07 -2.74
CA GLY C 130 -0.35 -10.82 -3.31
C GLY C 130 -0.66 -11.07 -4.77
N PRO C 131 0.37 -11.33 -5.56
CA PRO C 131 0.15 -11.76 -6.95
C PRO C 131 -0.76 -12.97 -7.05
N VAL C 132 -0.97 -13.66 -5.93
CA VAL C 132 -1.90 -14.77 -5.84
C VAL C 132 -3.18 -14.24 -5.17
N PRO C 133 -4.35 -14.38 -5.80
CA PRO C 133 -5.56 -13.74 -5.24
C PRO C 133 -5.88 -14.14 -3.82
N ALA C 134 -5.52 -15.36 -3.42
CA ALA C 134 -5.73 -15.77 -2.04
C ALA C 134 -4.76 -15.11 -1.09
N GLY C 135 -3.70 -14.47 -1.61
CA GLY C 135 -2.58 -14.06 -0.80
C GLY C 135 -1.58 -15.17 -0.51
N TYR C 136 -1.99 -16.43 -0.67
CA TYR C 136 -1.12 -17.57 -0.38
C TYR C 136 -0.21 -17.81 -1.57
N ASN C 137 0.97 -17.22 -1.50
CA ASN C 137 1.93 -17.18 -2.60
C ASN C 137 3.08 -18.12 -2.28
N PRO C 138 3.16 -19.30 -2.90
CA PRO C 138 4.20 -20.25 -2.48
C PRO C 138 5.60 -19.88 -2.91
N ASP C 139 5.79 -19.43 -4.15
CA ASP C 139 7.10 -19.03 -4.63
C ASP C 139 7.41 -17.61 -4.16
N ALA C 140 7.25 -17.38 -2.86
CA ALA C 140 7.36 -16.06 -2.25
C ALA C 140 8.68 -15.87 -1.53
N LYS C 141 9.74 -16.47 -2.04
CA LYS C 141 11.09 -16.24 -1.56
C LYS C 141 11.33 -14.74 -1.43
N GLU C 142 12.11 -14.32 -0.43
CA GLU C 142 12.59 -12.94 -0.41
C GLU C 142 11.41 -11.96 -0.41
N ILE C 143 10.84 -11.90 0.78
CA ILE C 143 9.47 -11.67 1.24
C ILE C 143 8.47 -10.72 0.57
N TYR C 144 8.90 -9.57 0.05
CA TYR C 144 7.91 -8.58 -0.37
C TYR C 144 6.90 -9.04 -1.43
N ALA C 145 7.04 -10.27 -1.92
CA ALA C 145 6.11 -10.84 -2.89
C ALA C 145 4.77 -11.24 -2.28
N GLU C 146 4.64 -11.24 -0.96
CA GLU C 146 3.54 -11.98 -0.36
C GLU C 146 2.21 -11.22 -0.39
N GLY C 147 2.24 -9.92 -0.16
CA GLY C 147 1.00 -9.15 -0.18
C GLY C 147 1.19 -7.79 0.45
N LEU C 148 0.07 -7.07 0.57
CA LEU C 148 0.10 -5.69 1.03
C LEU C 148 0.17 -5.67 2.55
N ARG C 149 1.24 -5.07 3.08
CA ARG C 149 1.40 -4.93 4.52
C ARG C 149 0.87 -3.58 4.98
N ILE C 150 0.12 -3.61 6.08
CA ILE C 150 -0.59 -2.45 6.60
C ILE C 150 -0.07 -2.17 8.01
N PRO C 151 0.73 -1.12 8.20
CA PRO C 151 1.04 -0.68 9.56
C PRO C 151 -0.19 -0.13 10.25
N PRO C 152 -0.11 0.19 11.54
CA PRO C 152 -1.19 0.97 12.14
C PRO C 152 -1.45 2.21 11.30
N VAL C 153 -2.60 2.29 10.64
CA VAL C 153 -2.95 3.46 9.84
C VAL C 153 -4.39 3.86 10.15
N LYS C 154 -4.64 5.16 10.24
CA LYS C 154 -6.00 5.60 10.49
C LYS C 154 -6.84 5.39 9.23
N LEU C 155 -7.96 4.67 9.36
CA LEU C 155 -8.86 4.57 8.23
C LEU C 155 -10.17 5.31 8.42
N TRP C 156 -10.51 5.64 9.65
CA TRP C 156 -11.48 6.68 9.96
C TRP C 156 -10.73 7.62 10.89
N ALA C 157 -11.00 8.92 10.77
CA ALA C 157 -10.33 9.88 11.64
C ALA C 157 -11.30 10.98 12.03
N GLN C 158 -11.69 10.99 13.29
CA GLN C 158 -12.53 12.04 13.86
C GLN C 158 -13.80 12.29 13.03
N GLY C 159 -14.47 11.19 12.67
CA GLY C 159 -15.79 11.28 12.07
C GLY C 159 -15.90 11.22 10.56
N GLN C 160 -14.85 10.82 9.85
CA GLN C 160 -14.95 10.63 8.41
C GLN C 160 -14.02 9.51 7.99
N ARG C 161 -14.33 8.89 6.86
CA ARG C 161 -13.39 7.96 6.27
C ARG C 161 -12.22 8.74 5.67
N ARG C 162 -11.00 8.34 6.03
CA ARG C 162 -9.80 8.97 5.48
C ARG C 162 -9.49 8.31 4.14
N GLU C 163 -10.32 8.67 3.15
CA GLU C 163 -10.34 7.96 1.87
C GLU C 163 -9.03 8.05 1.12
N ASP C 164 -8.22 9.08 1.40
CA ASP C 164 -6.85 9.20 0.88
C ASP C 164 -6.23 7.82 0.91
N VAL C 165 -6.44 7.14 2.03
CA VAL C 165 -5.84 5.85 2.33
C VAL C 165 -6.78 4.70 2.01
N ILE C 166 -8.09 4.89 2.25
CA ILE C 166 -9.03 3.80 2.02
C ILE C 166 -9.03 3.34 0.57
N ASN C 167 -8.87 4.26 -0.38
CA ASN C 167 -8.79 3.81 -1.77
C ASN C 167 -7.37 3.43 -2.18
N LEU C 168 -6.34 3.92 -1.47
CA LEU C 168 -5.02 3.33 -1.59
C LEU C 168 -5.06 1.85 -1.27
N LEU C 169 -5.83 1.48 -0.24
CA LEU C 169 -5.97 0.09 0.16
C LEU C 169 -7.00 -0.66 -0.68
N LEU C 170 -8.00 0.05 -1.24
CA LEU C 170 -9.03 -0.61 -2.04
C LEU C 170 -8.39 -1.27 -3.25
N THR C 171 -7.58 -0.53 -3.97
CA THR C 171 -6.72 -1.12 -4.98
C THR C 171 -5.55 -1.80 -4.27
N ASN C 172 -4.71 -2.49 -5.04
CA ASN C 172 -3.74 -3.46 -4.54
C ASN C 172 -4.41 -4.67 -3.90
N MET C 173 -5.66 -4.94 -4.25
CA MET C 173 -6.39 -6.12 -3.78
C MET C 173 -7.32 -6.58 -4.88
N ARG C 174 -7.26 -7.88 -5.20
CA ARG C 174 -7.93 -8.35 -6.42
C ARG C 174 -9.44 -8.37 -6.26
N ALA C 175 -9.94 -8.54 -5.04
CA ALA C 175 -11.36 -8.32 -4.75
C ALA C 175 -11.56 -6.90 -4.24
N ARG C 176 -12.72 -6.33 -4.59
CA ARG C 176 -13.05 -4.97 -4.16
C ARG C 176 -14.30 -4.90 -3.30
N ALA C 177 -15.44 -5.43 -3.77
CA ALA C 177 -16.72 -5.16 -3.11
C ALA C 177 -16.83 -5.89 -1.78
N TYR C 178 -16.35 -7.12 -1.70
CA TYR C 178 -16.32 -7.82 -0.43
C TYR C 178 -15.51 -7.02 0.58
N GLN C 179 -14.36 -6.49 0.17
CA GLN C 179 -13.55 -5.67 1.05
C GLN C 179 -14.33 -4.51 1.64
N GLU C 180 -15.10 -3.80 0.79
CA GLU C 180 -15.83 -2.63 1.27
C GLU C 180 -16.89 -3.04 2.27
N GLY C 181 -17.73 -4.01 1.91
CA GLY C 181 -18.76 -4.47 2.83
C GLY C 181 -18.19 -5.00 4.13
N ASP C 182 -17.04 -5.68 4.05
CA ASP C 182 -16.46 -6.30 5.24
C ASP C 182 -15.83 -5.26 6.16
N LEU C 183 -15.23 -4.21 5.59
CA LEU C 183 -14.80 -3.11 6.43
C LEU C 183 -15.99 -2.43 7.08
N ASN C 184 -17.11 -2.34 6.35
CA ASN C 184 -18.34 -1.84 6.96
C ASN C 184 -18.73 -2.70 8.15
N ALA C 185 -18.61 -4.01 8.01
CA ALA C 185 -18.98 -4.92 9.11
C ALA C 185 -18.02 -4.79 10.29
N GLN C 186 -16.72 -4.61 10.02
CA GLN C 186 -15.77 -4.38 11.11
C GLN C 186 -16.06 -3.08 11.85
N TYR C 187 -16.36 -1.99 11.14
CA TYR C 187 -16.80 -0.78 11.82
C TYR C 187 -18.07 -1.06 12.61
N GLY C 188 -18.96 -1.90 12.08
CA GLY C 188 -20.18 -2.21 12.81
C GLY C 188 -19.91 -2.85 14.16
N ALA C 189 -19.12 -3.92 14.17
CA ALA C 189 -18.79 -4.57 15.43
C ALA C 189 -18.03 -3.62 16.35
N CYS C 190 -17.08 -2.87 15.78
CA CYS C 190 -16.28 -1.95 16.56
C CYS C 190 -17.14 -0.85 17.16
N SER C 191 -18.20 -0.44 16.47
CA SER C 191 -19.11 0.59 16.93
C SER C 191 -20.05 0.07 18.01
N VAL C 192 -20.57 -1.16 17.84
CA VAL C 192 -21.48 -1.68 18.84
C VAL C 192 -20.74 -1.98 20.14
N GLY C 193 -19.48 -2.38 20.05
CA GLY C 193 -18.69 -2.49 21.27
C GLY C 193 -18.66 -1.20 22.06
N GLU C 194 -18.53 -0.07 21.36
CA GLU C 194 -18.53 1.24 22.01
C GLU C 194 -19.91 1.56 22.57
N ARG C 195 -20.95 1.31 21.78
CA ARG C 195 -22.32 1.58 22.21
C ARG C 195 -22.63 0.84 23.51
N HIS C 196 -22.36 -0.47 23.52
CA HIS C 196 -22.64 -1.32 24.66
C HIS C 196 -21.85 -0.88 25.89
N LEU C 197 -20.53 -0.74 25.73
CA LEU C 197 -19.70 -0.40 26.87
C LEU C 197 -20.03 0.98 27.40
N ILE C 198 -20.46 1.91 26.54
CA ILE C 198 -20.87 3.22 27.02
C ILE C 198 -22.16 3.15 27.83
N GLU C 199 -23.14 2.38 27.36
CA GLU C 199 -24.37 2.25 28.16
C GLU C 199 -24.03 1.71 29.54
N LEU C 200 -23.11 0.75 29.59
CA LEU C 200 -22.73 0.19 30.88
C LEU C 200 -21.94 1.19 31.74
N LEU C 201 -20.96 1.88 31.14
CA LEU C 201 -20.21 2.89 31.86
C LEU C 201 -21.14 3.96 32.44
N ASP C 202 -22.20 4.30 31.71
CA ASP C 202 -23.17 5.27 32.18
C ASP C 202 -23.97 4.72 33.35
N ARG C 203 -24.39 3.45 33.26
CA ARG C 203 -25.18 2.87 34.34
C ARG C 203 -24.36 2.69 35.60
N TYR C 204 -23.03 2.51 35.50
CA TYR C 204 -22.24 2.13 36.67
C TYR C 204 -21.22 3.17 37.10
N GLY C 205 -20.57 3.85 36.16
CA GLY C 205 -19.55 4.84 36.47
C GLY C 205 -18.16 4.26 36.54
N VAL C 206 -17.21 4.91 35.85
CA VAL C 206 -15.84 4.41 35.73
C VAL C 206 -15.17 4.23 37.08
N ASP C 207 -15.48 5.11 38.05
CA ASP C 207 -14.78 5.11 39.33
C ASP C 207 -14.86 3.75 40.04
N GLN C 208 -15.93 3.00 39.82
CA GLN C 208 -16.05 1.62 40.29
C GLN C 208 -15.86 0.59 39.18
N VAL C 209 -16.24 0.95 37.95
CA VAL C 209 -16.06 0.06 36.81
C VAL C 209 -14.62 -0.42 36.72
N ARG C 210 -13.66 0.49 36.91
CA ARG C 210 -12.27 0.08 36.76
C ARG C 210 -11.85 -0.87 37.88
N ALA C 211 -12.47 -0.77 39.06
CA ALA C 211 -12.20 -1.74 40.13
C ALA C 211 -12.72 -3.12 39.74
N CYS C 212 -13.97 -3.19 39.27
CA CYS C 212 -14.49 -4.49 38.84
C CYS C 212 -13.68 -5.07 37.70
N ILE C 213 -13.20 -4.22 36.79
CA ILE C 213 -12.40 -4.71 35.67
C ILE C 213 -11.06 -5.23 36.16
N THR C 214 -10.39 -4.49 37.05
CA THR C 214 -9.14 -4.94 37.63
C THR C 214 -9.30 -6.30 38.29
N GLU C 215 -10.35 -6.44 39.10
CA GLU C 215 -10.57 -7.71 39.80
C GLU C 215 -10.85 -8.84 38.82
N LEU C 216 -11.70 -8.59 37.82
CA LEU C 216 -12.05 -9.64 36.87
C LEU C 216 -10.83 -10.10 36.08
N LYS C 217 -10.00 -9.15 35.68
CA LYS C 217 -8.72 -9.46 35.04
C LYS C 217 -7.84 -10.31 35.95
N ASP C 218 -7.77 -9.95 37.23
CA ASP C 218 -6.92 -10.66 38.19
C ASP C 218 -7.37 -12.09 38.43
N MET C 219 -8.68 -12.34 38.41
CA MET C 219 -9.20 -13.65 38.81
C MET C 219 -8.74 -14.76 37.87
N ALA C 220 -8.74 -14.50 36.56
CA ALA C 220 -8.22 -15.49 35.62
C ALA C 220 -6.76 -15.82 35.92
N ASP C 221 -5.95 -14.79 36.17
CA ASP C 221 -4.54 -15.02 36.49
C ASP C 221 -4.40 -15.92 37.70
N ARG C 222 -5.19 -15.65 38.74
CA ARG C 222 -5.13 -16.50 39.92
C ARG C 222 -5.45 -17.94 39.59
N HIS C 223 -6.43 -18.17 38.70
CA HIS C 223 -6.70 -19.54 38.32
C HIS C 223 -5.51 -20.18 37.61
N MET C 224 -4.85 -19.43 36.71
CA MET C 224 -3.69 -19.98 36.03
C MET C 224 -2.58 -20.31 37.02
N ARG C 225 -2.44 -19.49 38.06
CA ARG C 225 -1.48 -19.81 39.12
C ARG C 225 -1.90 -21.07 39.85
N ALA C 226 -3.20 -21.27 40.04
CA ALA C 226 -3.68 -22.50 40.65
C ALA C 226 -3.36 -23.71 39.78
N LEU C 227 -3.50 -23.58 38.46
CA LEU C 227 -3.16 -24.68 37.56
C LEU C 227 -1.67 -25.02 37.62
N LEU C 228 -0.81 -24.02 37.43
CA LEU C 228 0.63 -24.32 37.40
C LEU C 228 1.14 -24.75 38.77
N ARG C 229 0.57 -24.22 39.84
CA ARG C 229 0.97 -24.61 41.19
C ARG C 229 0.69 -26.07 41.47
N ASP C 230 -0.30 -26.66 40.78
CA ASP C 230 -0.76 -28.01 41.07
C ASP C 230 -0.08 -29.07 40.21
N VAL C 231 1.02 -28.71 39.54
CA VAL C 231 1.82 -29.68 38.80
C VAL C 231 3.27 -29.54 39.25
N PRO C 232 4.06 -30.61 39.20
CA PRO C 232 5.38 -30.58 39.86
C PRO C 232 6.35 -29.61 39.23
N ASP C 233 7.21 -29.05 40.08
CA ASP C 233 8.34 -28.25 39.60
C ASP C 233 9.31 -29.11 38.82
N GLY C 234 10.00 -28.50 37.88
CA GLY C 234 11.05 -29.17 37.15
C GLY C 234 11.24 -28.57 35.78
N PHE C 235 12.08 -29.27 35.01
CA PHE C 235 12.46 -28.88 33.66
C PHE C 235 11.97 -29.94 32.68
N TYR C 236 11.18 -29.53 31.68
CA TYR C 236 10.58 -30.44 30.72
C TYR C 236 10.87 -29.95 29.31
N SER C 237 10.65 -30.83 28.33
CA SER C 237 10.89 -30.49 26.93
C SER C 237 9.97 -31.30 26.02
N GLY C 238 9.70 -30.74 24.84
CA GLY C 238 8.94 -31.44 23.81
C GLY C 238 9.49 -31.16 22.43
N THR C 239 9.22 -32.09 21.50
CA THR C 239 9.77 -31.99 20.15
C THR C 239 8.80 -32.51 19.10
N ALA C 240 8.62 -31.74 18.03
CA ALA C 240 7.78 -32.12 16.89
C ALA C 240 8.43 -31.54 15.64
N ILE C 241 8.18 -32.17 14.48
CA ILE C 241 9.09 -32.04 13.35
C ILE C 241 8.43 -31.39 12.14
N LEU C 242 9.28 -30.82 11.27
CA LEU C 242 8.96 -30.32 9.94
C LEU C 242 10.24 -30.41 9.09
N GLU C 243 10.12 -30.86 7.82
CA GLU C 243 11.42 -31.07 7.16
C GLU C 243 11.57 -30.54 5.73
N ASP C 244 10.54 -30.59 4.88
CA ASP C 244 10.75 -30.31 3.47
C ASP C 244 10.50 -28.86 3.05
N SER C 245 9.87 -28.04 3.88
CA SER C 245 9.41 -26.74 3.44
C SER C 245 10.53 -25.92 2.81
N GLY C 246 10.20 -25.15 1.76
CA GLY C 246 11.15 -24.20 1.20
C GLY C 246 12.39 -24.73 0.51
N HIS C 247 12.24 -25.34 -0.67
CA HIS C 247 13.32 -26.00 -1.40
C HIS C 247 13.92 -27.17 -0.65
N GLY C 248 13.21 -27.72 0.33
CA GLY C 248 13.70 -28.89 1.03
C GLY C 248 14.83 -28.66 2.01
N LEU C 249 15.32 -27.43 2.19
CA LEU C 249 16.45 -27.24 3.10
C LEU C 249 16.09 -27.75 4.48
N GLY C 250 16.97 -28.56 5.04
CA GLY C 250 16.69 -29.26 6.28
C GLY C 250 16.64 -28.34 7.49
N GLU C 251 15.98 -28.84 8.53
CA GLU C 251 15.94 -28.13 9.80
C GLU C 251 15.86 -29.13 10.95
N LEU C 252 16.45 -28.74 12.09
CA LEU C 252 16.17 -29.38 13.36
C LEU C 252 15.02 -28.58 13.98
N SER C 253 13.88 -29.24 14.21
CA SER C 253 12.61 -28.56 14.34
C SER C 253 12.50 -27.86 15.68
N ILE C 254 11.32 -27.29 15.97
CA ILE C 254 11.14 -26.50 17.18
C ILE C 254 11.03 -27.42 18.39
N THR C 255 12.03 -27.30 19.29
CA THR C 255 12.13 -28.08 20.51
C THR C 255 11.88 -27.14 21.68
N ALA C 256 10.74 -27.30 22.35
CA ALA C 256 10.28 -26.36 23.36
C ALA C 256 10.62 -26.85 24.77
N GLN C 257 11.50 -26.12 25.46
CA GLN C 257 11.76 -26.36 26.87
C GLN C 257 10.77 -25.55 27.71
N VAL C 258 10.05 -26.24 28.60
CA VAL C 258 9.13 -25.59 29.52
C VAL C 258 9.56 -25.91 30.94
N GLU C 259 9.75 -24.87 31.75
CA GLU C 259 10.25 -24.97 33.11
C GLU C 259 9.09 -24.60 34.02
N ILE C 260 8.56 -25.59 34.74
CA ILE C 260 7.35 -25.39 35.53
C ILE C 260 7.81 -25.23 36.98
N ARG C 261 7.65 -24.02 37.52
CA ARG C 261 8.19 -23.64 38.82
C ARG C 261 7.10 -23.01 39.69
N GLY C 262 6.44 -23.81 40.52
CA GLY C 262 5.49 -23.28 41.47
C GLY C 262 4.41 -22.41 40.87
N ASP C 263 4.50 -21.10 41.12
CA ASP C 263 3.51 -20.16 40.62
C ASP C 263 3.61 -19.89 39.13
N GLU C 264 4.79 -20.08 38.54
CA GLU C 264 5.06 -19.62 37.18
C GLU C 264 5.56 -20.75 36.29
N ALA C 265 5.43 -20.52 34.98
CA ALA C 265 6.01 -21.37 33.95
C ALA C 265 6.80 -20.49 32.99
N HIS C 266 7.98 -20.97 32.60
CA HIS C 266 8.85 -20.26 31.66
C HIS C 266 9.07 -21.14 30.44
N VAL C 267 9.00 -20.54 29.26
CA VAL C 267 8.99 -21.28 28.00
C VAL C 267 10.13 -20.76 27.14
N LEU C 268 11.08 -21.64 26.82
CA LEU C 268 12.17 -21.36 25.90
C LEU C 268 11.97 -22.22 24.65
N ILE C 269 12.43 -21.73 23.50
CA ILE C 269 11.98 -22.24 22.21
C ILE C 269 13.14 -22.78 21.36
N GLU C 270 14.20 -21.97 21.16
CA GLU C 270 15.39 -22.41 20.41
C GLU C 270 15.01 -23.08 19.08
N SER C 271 14.48 -22.27 18.17
CA SER C 271 14.03 -22.79 16.89
C SER C 271 15.13 -22.68 15.83
N PRO C 272 14.98 -23.36 14.70
CA PRO C 272 16.01 -23.28 13.64
C PRO C 272 15.95 -21.96 12.89
N PRO C 273 16.94 -21.67 12.04
CA PRO C 273 17.04 -20.33 11.43
C PRO C 273 15.95 -20.05 10.40
N GLN C 274 15.59 -18.77 10.28
CA GLN C 274 14.55 -18.34 9.35
C GLN C 274 14.91 -18.73 7.92
N VAL C 275 13.92 -18.63 7.03
CA VAL C 275 14.03 -19.26 5.72
C VAL C 275 13.52 -18.38 4.58
N PRO C 276 13.86 -18.70 3.33
CA PRO C 276 13.17 -18.10 2.16
C PRO C 276 11.91 -18.89 1.80
N TYR C 277 10.94 -18.84 2.71
CA TYR C 277 9.66 -19.50 2.52
C TYR C 277 8.64 -18.80 3.40
N PHE C 278 7.37 -18.79 2.98
CA PHE C 278 6.41 -17.94 3.67
C PHE C 278 5.99 -18.48 5.06
N ILE C 279 6.67 -19.50 5.58
CA ILE C 279 6.28 -20.06 6.87
C ILE C 279 7.03 -19.39 8.00
N ASN C 280 7.73 -18.30 7.70
CA ASN C 280 8.34 -17.52 8.77
C ASN C 280 7.27 -16.99 9.73
N SER C 281 7.64 -16.81 10.99
CA SER C 281 6.71 -16.38 12.01
C SER C 281 7.17 -15.10 12.70
N TYR C 282 6.21 -14.24 13.03
CA TYR C 282 6.47 -13.02 13.80
C TYR C 282 6.11 -13.24 15.26
N ALA C 283 6.79 -12.50 16.14
CA ALA C 283 6.70 -12.71 17.59
C ALA C 283 5.28 -12.96 18.08
N GLY C 284 4.40 -11.97 17.87
CA GLY C 284 3.03 -12.10 18.32
C GLY C 284 2.35 -13.34 17.79
N ASN C 285 2.71 -13.77 16.58
CA ASN C 285 2.11 -14.98 16.01
C ASN C 285 2.46 -16.22 16.83
N SER C 286 3.76 -16.49 17.00
CA SER C 286 4.19 -17.68 17.75
C SER C 286 3.68 -17.67 19.19
N ILE C 287 3.47 -16.47 19.75
CA ILE C 287 2.94 -16.41 21.11
C ILE C 287 1.61 -17.15 21.21
N SER C 288 0.77 -17.05 20.17
CA SER C 288 -0.46 -17.82 20.12
C SER C 288 -0.19 -19.32 20.15
N GLY C 289 0.86 -19.77 19.46
CA GLY C 289 1.22 -21.18 19.53
C GLY C 289 1.48 -21.63 20.95
N VAL C 290 2.25 -20.83 21.70
CA VAL C 290 2.55 -21.20 23.08
C VAL C 290 1.29 -21.18 23.94
N TYR C 291 0.46 -20.13 23.80
CA TYR C 291 -0.76 -20.07 24.60
C TYR C 291 -1.67 -21.26 24.30
N LEU C 292 -1.69 -21.71 23.04
CA LEU C 292 -2.42 -22.92 22.69
C LEU C 292 -1.82 -24.15 23.34
N GLY C 293 -0.49 -24.22 23.39
CA GLY C 293 0.15 -25.26 24.18
C GLY C 293 -0.42 -25.34 25.58
N LEU C 294 -0.69 -24.19 26.20
CA LEU C 294 -1.28 -24.20 27.53
C LEU C 294 -2.74 -24.67 27.48
N MET C 295 -3.54 -24.01 26.64
CA MET C 295 -4.98 -24.25 26.66
C MET C 295 -5.36 -25.67 26.23
N MET C 296 -4.49 -26.36 25.48
CA MET C 296 -4.89 -27.63 24.89
C MET C 296 -5.32 -28.65 25.95
N PHE C 297 -4.68 -28.60 27.12
CA PHE C 297 -5.04 -29.46 28.23
C PHE C 297 -5.52 -28.67 29.44
N ALA C 298 -5.29 -27.35 29.49
CA ALA C 298 -5.80 -26.58 30.61
C ALA C 298 -7.32 -26.43 30.52
N GLN C 299 -7.79 -25.77 29.46
CA GLN C 299 -9.21 -25.49 29.35
C GLN C 299 -9.62 -24.93 27.99
N VAL C 300 -10.66 -25.49 27.40
CA VAL C 300 -11.34 -24.84 26.28
C VAL C 300 -12.44 -23.87 26.73
N PRO C 301 -13.26 -24.18 27.75
CA PRO C 301 -14.60 -23.56 27.84
C PRO C 301 -14.60 -22.09 28.24
N PRO C 302 -13.93 -21.68 29.33
CA PRO C 302 -14.41 -20.49 30.06
C PRO C 302 -14.23 -19.23 29.25
N PRO C 303 -14.84 -18.12 29.66
CA PRO C 303 -14.44 -16.82 29.10
C PRO C 303 -13.03 -16.49 29.54
N TYR C 304 -12.33 -15.76 28.70
CA TYR C 304 -10.90 -15.56 28.85
C TYR C 304 -10.61 -14.07 28.99
N ASN C 305 -9.55 -13.74 29.74
CA ASN C 305 -9.01 -12.39 29.71
C ASN C 305 -7.49 -12.49 29.91
N GLU C 306 -6.85 -11.32 30.02
CA GLU C 306 -5.39 -11.27 29.95
C GLU C 306 -4.71 -11.88 31.17
N GLY C 307 -5.37 -11.92 32.33
CA GLY C 307 -4.72 -12.39 33.55
C GLY C 307 -4.03 -13.73 33.39
N LEU C 308 -4.66 -14.67 32.67
CA LEU C 308 -4.11 -16.01 32.49
C LEU C 308 -2.64 -15.96 32.06
N TYR C 309 -2.29 -14.98 31.25
CA TYR C 309 -0.96 -14.90 30.65
C TYR C 309 -0.06 -13.89 31.36
N ARG C 310 -0.25 -13.73 32.68
CA ARG C 310 0.65 -12.94 33.52
C ARG C 310 1.77 -13.77 34.14
N CYS C 311 1.57 -15.07 34.36
CA CYS C 311 2.58 -15.93 34.97
C CYS C 311 3.15 -16.93 33.98
N VAL C 312 2.85 -16.78 32.69
CA VAL C 312 3.39 -17.65 31.66
C VAL C 312 4.36 -16.80 30.86
N SER C 313 5.66 -16.92 31.17
CA SER C 313 6.66 -16.13 30.46
C SER C 313 7.20 -16.94 29.30
N VAL C 314 7.34 -16.29 28.15
CA VAL C 314 7.78 -16.96 26.92
C VAL C 314 9.00 -16.23 26.39
N ASP C 315 9.87 -16.98 25.72
CA ASP C 315 11.12 -16.47 25.16
C ASP C 315 11.33 -17.27 23.88
N LEU C 316 11.02 -16.66 22.74
CA LEU C 316 11.14 -17.33 21.46
C LEU C 316 12.56 -17.39 20.97
N GLY C 317 13.50 -16.75 21.67
CA GLY C 317 14.89 -16.81 21.29
C GLY C 317 15.31 -15.67 20.38
N PRO C 318 16.57 -15.72 19.93
CA PRO C 318 17.11 -14.60 19.16
C PRO C 318 16.38 -14.45 17.83
N SER C 319 16.36 -13.21 17.34
CA SER C 319 15.67 -12.94 16.10
C SER C 319 16.39 -13.61 14.93
N GLY C 320 15.66 -13.80 13.84
CA GLY C 320 16.18 -14.49 12.69
C GLY C 320 15.97 -15.99 12.70
N THR C 321 15.24 -16.52 13.67
CA THR C 321 14.86 -17.92 13.67
C THR C 321 13.45 -18.06 13.12
N LEU C 322 13.05 -19.31 12.84
CA LEU C 322 11.75 -19.56 12.23
C LEU C 322 10.61 -18.97 13.07
N CYS C 323 10.73 -19.03 14.40
CA CYS C 323 9.65 -18.57 15.25
C CYS C 323 9.62 -17.05 15.41
N ASN C 324 10.77 -16.39 15.25
CA ASN C 324 10.89 -14.95 15.46
C ASN C 324 11.79 -14.44 14.35
N ALA C 325 11.20 -13.88 13.29
CA ALA C 325 11.98 -13.49 12.12
C ALA C 325 12.39 -12.03 12.17
N GLN C 326 13.50 -11.73 11.48
CA GLN C 326 14.30 -10.51 11.53
C GLN C 326 14.06 -9.59 10.33
N GLU C 327 15.05 -8.74 10.02
CA GLU C 327 15.17 -7.71 8.98
C GLU C 327 14.67 -8.27 7.65
N PRO C 328 14.48 -7.43 6.58
CA PRO C 328 13.16 -7.43 5.91
C PRO C 328 12.68 -8.78 5.40
N ALA C 329 12.70 -9.76 6.30
CA ALA C 329 11.98 -11.00 6.10
C ALA C 329 11.37 -11.47 7.43
N PRO C 330 10.60 -10.63 8.14
CA PRO C 330 9.80 -11.13 9.26
C PRO C 330 8.39 -11.51 8.86
N HIS C 331 8.20 -11.58 7.55
CA HIS C 331 6.90 -11.66 6.89
C HIS C 331 6.34 -13.06 6.93
N VAL C 332 5.03 -13.13 6.79
CA VAL C 332 4.32 -14.39 6.92
C VAL C 332 3.00 -14.36 6.16
N ASN C 333 2.76 -15.39 5.37
CA ASN C 333 1.41 -15.70 4.95
C ASN C 333 0.93 -16.98 5.61
N CYS C 334 1.83 -17.69 6.29
CA CYS C 334 1.55 -18.99 6.88
C CYS C 334 1.70 -18.85 8.40
N THR C 335 0.59 -18.54 9.06
CA THR C 335 0.45 -18.73 10.49
C THR C 335 -0.27 -20.03 10.81
N THR C 336 -0.02 -21.07 10.01
CA THR C 336 -0.68 -22.36 10.20
C THR C 336 0.31 -23.46 10.59
N THR C 337 1.30 -23.75 9.76
CA THR C 337 2.28 -24.81 10.04
C THR C 337 3.05 -24.53 11.33
N PRO C 338 3.75 -23.40 11.48
CA PRO C 338 4.53 -23.20 12.70
C PRO C 338 3.64 -23.23 13.93
N MET C 339 2.38 -22.83 13.80
CA MET C 339 1.48 -22.89 14.94
C MET C 339 1.30 -24.33 15.40
N GLU C 340 1.11 -25.24 14.44
CA GLU C 340 0.92 -26.65 14.77
C GLU C 340 2.15 -27.24 15.43
N THR C 341 3.31 -27.06 14.82
CA THR C 341 4.51 -27.66 15.40
C THR C 341 4.88 -27.06 16.75
N LEU C 342 4.86 -25.73 16.87
CA LEU C 342 5.15 -25.11 18.16
C LEU C 342 4.17 -25.58 19.23
N ALA C 343 2.88 -25.65 18.89
CA ALA C 343 1.88 -26.08 19.86
C ALA C 343 2.12 -27.50 20.30
N ASP C 344 2.41 -28.40 19.34
CA ASP C 344 2.75 -29.77 19.70
C ASP C 344 3.91 -29.81 20.68
N ALA C 345 4.99 -29.08 20.38
CA ALA C 345 6.19 -29.16 21.21
C ALA C 345 5.91 -28.66 22.63
N VAL C 346 5.28 -27.48 22.73
CA VAL C 346 5.03 -26.90 24.06
C VAL C 346 4.08 -27.78 24.87
N ARG C 347 3.00 -28.25 24.24
CA ARG C 347 2.08 -29.12 24.96
C ARG C 347 2.76 -30.41 25.38
N LEU C 348 3.64 -30.96 24.54
CA LEU C 348 4.33 -32.19 24.93
C LEU C 348 5.21 -31.95 26.15
N ALA C 349 5.89 -30.80 26.18
CA ALA C 349 6.65 -30.44 27.37
C ALA C 349 5.75 -30.42 28.61
N LEU C 350 4.65 -29.67 28.52
CA LEU C 350 3.74 -29.54 29.67
C LEU C 350 3.05 -30.86 30.03
N GLU C 351 2.91 -31.78 29.08
CA GLU C 351 2.32 -33.08 29.30
C GLU C 351 3.28 -34.06 29.94
N GLN C 352 4.58 -33.89 29.76
CA GLN C 352 5.53 -34.73 30.47
C GLN C 352 5.31 -34.67 31.98
N ALA C 353 4.88 -33.52 32.50
CA ALA C 353 4.59 -33.43 33.93
C ALA C 353 3.28 -34.12 34.30
N ALA C 354 2.33 -34.21 33.37
CA ALA C 354 0.98 -34.69 33.69
C ALA C 354 0.56 -35.82 32.75
N PRO C 355 1.13 -37.02 32.92
CA PRO C 355 0.52 -38.20 32.28
C PRO C 355 -0.95 -38.29 32.61
N GLU C 356 -1.32 -37.76 33.77
CA GLU C 356 -2.70 -37.55 34.15
C GLU C 356 -3.49 -36.87 33.03
N ARG C 357 -2.86 -35.95 32.30
CA ARG C 357 -3.54 -35.07 31.36
C ARG C 357 -3.03 -35.23 29.92
N VAL C 358 -2.46 -36.39 29.59
CA VAL C 358 -1.93 -36.62 28.25
C VAL C 358 -3.07 -36.73 27.24
N THR C 359 -2.93 -36.05 26.10
CA THR C 359 -3.88 -36.07 25.00
C THR C 359 -3.19 -36.55 23.74
N ALA C 360 -3.97 -36.84 22.70
CA ALA C 360 -3.45 -37.25 21.40
C ALA C 360 -3.45 -36.09 20.41
N SER C 361 -2.53 -36.17 19.45
CA SER C 361 -2.30 -35.10 18.48
C SER C 361 -3.38 -35.07 17.40
N TRP C 362 -3.53 -33.89 16.80
CA TRP C 362 -4.45 -33.62 15.71
C TRP C 362 -3.85 -33.92 14.34
N GLY C 363 -4.65 -33.69 13.31
CA GLY C 363 -4.21 -33.93 11.96
C GLY C 363 -3.38 -32.82 11.35
N HIS C 364 -3.27 -31.66 12.02
CA HIS C 364 -2.39 -30.60 11.53
C HIS C 364 -2.77 -30.12 10.13
N ALA C 365 -3.71 -29.18 10.00
CA ALA C 365 -4.30 -28.89 8.70
C ALA C 365 -3.23 -28.45 7.70
N SER C 366 -2.56 -29.47 7.16
CA SER C 366 -1.94 -29.45 5.85
C SER C 366 -2.95 -29.08 4.78
N GLY C 367 -4.15 -29.66 4.87
CA GLY C 367 -5.00 -29.97 3.72
C GLY C 367 -5.26 -28.93 2.65
N ILE C 368 -4.45 -27.88 2.58
CA ILE C 368 -4.74 -26.69 1.79
C ILE C 368 -5.23 -27.02 0.39
N ASN C 369 -6.14 -26.16 -0.07
CA ASN C 369 -6.63 -26.14 -1.44
C ASN C 369 -7.20 -24.74 -1.54
N ILE C 370 -6.63 -23.89 -2.38
CA ILE C 370 -7.22 -22.59 -2.64
C ILE C 370 -7.51 -22.53 -4.12
N ALA C 371 -8.79 -22.56 -4.47
CA ALA C 371 -9.17 -22.90 -5.82
C ALA C 371 -10.35 -22.05 -6.26
N GLY C 372 -10.48 -21.93 -7.58
CA GLY C 372 -11.62 -21.25 -8.18
C GLY C 372 -11.21 -20.30 -9.28
N HIS C 373 -12.23 -19.81 -10.00
CA HIS C 373 -12.08 -18.73 -10.96
C HIS C 373 -13.46 -18.32 -11.46
N ASP C 374 -13.45 -17.46 -12.49
CA ASP C 374 -14.60 -16.86 -13.18
C ASP C 374 -15.60 -17.86 -13.75
N PRO C 375 -16.88 -17.79 -13.37
CA PRO C 375 -17.88 -18.66 -13.99
C PRO C 375 -18.36 -18.08 -15.31
N ARG C 376 -19.42 -18.67 -15.88
CA ARG C 376 -20.11 -18.09 -17.02
C ARG C 376 -20.79 -16.76 -16.70
N ASN C 377 -20.67 -16.27 -15.46
CA ASN C 377 -21.30 -15.02 -15.06
C ASN C 377 -20.36 -13.83 -15.23
N ASN C 378 -19.14 -14.08 -15.71
CA ASN C 378 -18.21 -13.03 -16.12
C ASN C 378 -17.84 -12.09 -14.98
N ASN C 379 -17.43 -12.68 -13.85
CA ASN C 379 -16.96 -11.97 -12.68
C ASN C 379 -16.07 -12.93 -11.92
N ASP C 380 -14.93 -12.45 -11.42
CA ASP C 380 -13.94 -13.31 -10.79
C ASP C 380 -14.26 -13.55 -9.32
N GLU C 381 -14.20 -14.81 -8.90
CA GLU C 381 -14.50 -15.22 -7.53
C GLU C 381 -13.37 -16.05 -6.92
N TYR C 382 -13.05 -15.73 -5.65
CA TYR C 382 -11.90 -16.26 -4.95
C TYR C 382 -12.27 -16.63 -3.52
N VAL C 383 -11.60 -17.68 -3.00
CA VAL C 383 -11.81 -18.15 -1.63
C VAL C 383 -10.61 -19.03 -1.28
N THR C 384 -10.36 -19.22 0.03
CA THR C 384 -9.37 -20.18 0.49
C THR C 384 -9.94 -21.58 0.71
N MET C 385 -11.10 -21.91 0.13
CA MET C 385 -11.67 -23.26 0.22
C MET C 385 -11.72 -23.75 1.66
N VAL C 386 -12.56 -23.09 2.45
CA VAL C 386 -12.71 -23.48 3.84
C VAL C 386 -13.07 -24.96 3.94
N LEU C 387 -13.97 -25.42 3.06
CA LEU C 387 -14.36 -26.83 2.98
C LEU C 387 -13.17 -27.78 2.91
N ALA C 388 -12.15 -27.43 2.12
CA ALA C 388 -11.07 -28.36 1.78
C ALA C 388 -10.26 -28.87 2.96
N SER C 389 -10.23 -28.14 4.07
CA SER C 389 -9.26 -28.45 5.12
C SER C 389 -9.90 -28.58 6.50
N VAL C 390 -11.20 -28.85 6.55
CA VAL C 390 -11.93 -28.77 7.81
C VAL C 390 -11.77 -30.04 8.63
N ILE C 391 -11.78 -31.20 7.99
CA ILE C 391 -12.03 -32.46 8.68
C ILE C 391 -10.77 -33.32 8.64
N SER C 392 -10.18 -33.55 9.82
CA SER C 392 -9.21 -34.63 10.00
C SER C 392 -9.63 -35.64 11.06
N GLY C 393 -9.81 -35.19 12.30
CA GLY C 393 -10.03 -36.06 13.45
C GLY C 393 -9.41 -35.47 14.71
N ALA C 394 -10.13 -35.51 15.84
CA ALA C 394 -9.68 -34.84 17.06
C ALA C 394 -8.78 -35.75 17.91
N GLY C 395 -7.68 -36.19 17.33
CA GLY C 395 -6.76 -37.05 18.05
C GLY C 395 -7.45 -38.19 18.79
N ALA C 396 -7.29 -38.23 20.10
CA ALA C 396 -7.91 -39.27 20.91
C ALA C 396 -7.81 -38.85 22.37
N ASN C 397 -8.84 -39.19 23.13
CA ASN C 397 -8.92 -38.84 24.53
C ASN C 397 -8.58 -40.06 25.38
N LYS C 398 -8.30 -39.81 26.66
CA LYS C 398 -8.08 -40.91 27.60
C LYS C 398 -9.22 -41.92 27.53
N ALA C 399 -10.44 -41.42 27.31
CA ALA C 399 -11.61 -42.28 27.24
C ALA C 399 -12.57 -41.80 26.15
N MET C 400 -12.04 -41.47 24.98
CA MET C 400 -12.92 -41.11 23.87
C MET C 400 -12.19 -41.32 22.56
N ASP C 401 -12.92 -41.83 21.58
CA ASP C 401 -12.41 -41.92 20.21
C ASP C 401 -12.32 -40.53 19.59
N GLY C 402 -11.36 -40.37 18.70
CA GLY C 402 -11.18 -39.12 18.01
C GLY C 402 -12.43 -38.56 17.36
N TRP C 403 -12.82 -37.38 17.78
CA TRP C 403 -13.95 -36.68 17.21
C TRP C 403 -13.48 -36.24 15.83
N PRO C 404 -14.09 -36.66 14.75
CA PRO C 404 -13.64 -36.18 13.44
C PRO C 404 -14.25 -34.83 13.11
N ALA C 405 -13.67 -34.20 12.08
CA ALA C 405 -14.27 -33.02 11.44
C ALA C 405 -14.26 -31.76 12.32
N CYS C 406 -13.09 -31.37 12.82
CA CYS C 406 -13.03 -30.26 13.78
C CYS C 406 -12.23 -29.06 13.27
N GLY C 407 -12.95 -28.12 12.67
CA GLY C 407 -12.44 -26.85 12.23
C GLY C 407 -11.04 -26.78 11.65
N PRO C 408 -10.24 -25.79 12.10
CA PRO C 408 -8.89 -25.65 11.55
C PRO C 408 -8.05 -26.90 11.69
N LEU C 409 -8.37 -27.74 12.68
CA LEU C 409 -7.66 -28.98 12.99
C LEU C 409 -6.32 -28.66 13.62
N CYS C 410 -5.91 -27.40 13.57
CA CYS C 410 -4.90 -26.89 14.48
C CYS C 410 -5.50 -26.23 15.70
N CYS C 411 -6.76 -25.81 15.63
CA CYS C 411 -7.09 -24.64 16.45
C CYS C 411 -8.53 -24.77 16.95
N PHE C 412 -8.68 -25.48 18.07
CA PHE C 412 -9.91 -25.76 18.81
C PHE C 412 -11.12 -25.89 17.87
N GLY C 413 -10.89 -26.47 16.70
CA GLY C 413 -11.92 -26.87 15.77
C GLY C 413 -13.04 -25.92 15.41
N ALA C 414 -12.97 -24.63 15.73
CA ALA C 414 -14.14 -23.78 15.52
C ALA C 414 -14.41 -23.44 14.05
N LEU C 415 -13.49 -23.79 13.14
CA LEU C 415 -13.73 -23.52 11.73
C LEU C 415 -14.89 -24.37 11.24
N MET C 416 -15.55 -23.86 10.21
CA MET C 416 -16.81 -24.40 9.72
C MET C 416 -16.67 -24.74 8.24
N SER C 417 -17.02 -25.97 7.87
CA SER C 417 -16.93 -26.33 6.47
C SER C 417 -17.99 -25.59 5.68
N GLY C 418 -17.72 -25.38 4.40
CA GLY C 418 -18.73 -24.81 3.54
C GLY C 418 -19.83 -25.80 3.28
N ASP C 419 -21.06 -25.31 3.18
CA ASP C 419 -22.10 -26.21 2.72
C ASP C 419 -21.96 -26.40 1.22
N ILE C 420 -22.37 -27.58 0.75
CA ILE C 420 -22.12 -27.97 -0.64
C ILE C 420 -22.84 -27.02 -1.60
N GLU C 421 -24.13 -26.82 -1.41
CA GLU C 421 -24.90 -26.00 -2.34
C GLU C 421 -24.35 -24.58 -2.43
N LEU C 422 -23.93 -24.01 -1.29
CA LEU C 422 -23.29 -22.70 -1.29
C LEU C 422 -22.08 -22.67 -2.21
N LEU C 423 -21.40 -23.81 -2.34
CA LEU C 423 -20.14 -23.84 -3.05
C LEU C 423 -20.32 -24.18 -4.52
N GLU C 424 -21.35 -24.97 -4.85
CA GLU C 424 -21.62 -25.19 -6.26
C GLU C 424 -22.34 -24.00 -6.88
N TYR C 425 -23.07 -23.22 -6.09
CA TYR C 425 -23.68 -22.00 -6.60
C TYR C 425 -22.69 -20.85 -6.71
N SER C 426 -22.04 -20.49 -5.59
CA SER C 426 -21.20 -19.31 -5.60
C SER C 426 -19.98 -19.46 -6.49
N TYR C 427 -19.64 -20.69 -6.89
CA TYR C 427 -18.41 -20.96 -7.59
C TYR C 427 -18.66 -21.89 -8.76
N PRO C 428 -17.89 -21.75 -9.86
CA PRO C 428 -18.12 -22.50 -11.09
C PRO C 428 -17.55 -23.92 -11.03
N VAL C 429 -17.86 -24.63 -9.94
CA VAL C 429 -17.24 -25.91 -9.67
C VAL C 429 -18.30 -26.97 -9.43
N LEU C 430 -17.85 -28.22 -9.48
CA LEU C 430 -18.52 -29.36 -8.85
C LEU C 430 -17.74 -29.73 -7.60
N ILE C 431 -18.43 -29.74 -6.46
CA ILE C 431 -17.86 -30.43 -5.31
C ILE C 431 -18.13 -31.91 -5.60
N HIS C 432 -17.13 -32.60 -6.15
CA HIS C 432 -17.45 -33.91 -6.70
C HIS C 432 -17.65 -34.93 -5.60
N ARG C 433 -16.77 -34.94 -4.60
CA ARG C 433 -16.99 -35.74 -3.40
C ARG C 433 -16.45 -35.00 -2.18
N TYR C 434 -17.17 -35.09 -1.08
CA TYR C 434 -16.68 -34.60 0.21
C TYR C 434 -16.94 -35.62 1.31
N SER C 435 -16.58 -36.87 1.06
CA SER C 435 -16.93 -37.97 1.94
C SER C 435 -15.81 -38.25 2.93
N LEU C 436 -16.07 -39.19 3.83
CA LEU C 436 -15.12 -39.54 4.89
C LEU C 436 -14.32 -40.79 4.54
N MET C 437 -13.08 -40.79 5.00
CA MET C 437 -12.06 -41.76 4.61
C MET C 437 -12.07 -42.98 5.52
N THR C 438 -11.48 -44.06 5.00
CA THR C 438 -11.21 -45.27 5.76
C THR C 438 -9.71 -45.43 5.90
N ASP C 439 -9.24 -45.76 7.10
CA ASP C 439 -7.84 -46.05 7.33
C ASP C 439 -6.94 -44.87 6.94
N SER C 440 -7.16 -43.73 7.61
CA SER C 440 -6.28 -42.59 7.44
C SER C 440 -5.70 -42.05 8.74
N GLY C 441 -6.24 -42.45 9.89
CA GLY C 441 -5.77 -41.99 11.18
C GLY C 441 -4.92 -43.01 11.91
N GLY C 442 -4.73 -42.76 13.20
CA GLY C 442 -3.82 -43.54 14.03
C GLY C 442 -4.43 -44.83 14.55
N ALA C 443 -3.70 -45.44 15.48
CA ALA C 443 -4.08 -46.71 16.08
C ALA C 443 -3.71 -46.69 17.56
N GLY C 444 -4.70 -46.89 18.42
CA GLY C 444 -4.51 -46.91 19.86
C GLY C 444 -5.74 -47.53 20.49
N GLU C 445 -5.73 -47.61 21.83
CA GLU C 445 -6.90 -48.18 22.50
C GLU C 445 -8.16 -47.41 22.19
N PHE C 446 -8.05 -46.10 21.93
CA PHE C 446 -9.13 -45.30 21.39
C PHE C 446 -8.61 -44.61 20.14
N ARG C 447 -9.16 -44.95 18.98
CA ARG C 447 -8.64 -44.42 17.73
C ARG C 447 -9.10 -42.99 17.50
N GLY C 448 -8.43 -42.33 16.55
CA GLY C 448 -8.83 -41.00 16.14
C GLY C 448 -9.92 -40.99 15.10
N GLY C 449 -10.50 -39.81 14.92
CA GLY C 449 -11.46 -39.64 13.85
C GLY C 449 -10.80 -39.78 12.50
N SER C 450 -11.58 -40.26 11.54
CA SER C 450 -11.11 -40.32 10.16
C SER C 450 -11.46 -39.05 9.43
N GLY C 451 -10.65 -38.70 8.43
CA GLY C 451 -10.76 -37.45 7.74
C GLY C 451 -11.53 -37.51 6.45
N THR C 452 -11.39 -36.46 5.64
CA THR C 452 -12.13 -36.26 4.41
C THR C 452 -11.30 -36.54 3.18
N ARG C 453 -11.99 -36.90 2.11
CA ARG C 453 -11.46 -36.88 0.75
C ARG C 453 -12.24 -35.81 -0.01
N LEU C 454 -11.61 -34.68 -0.29
CA LEU C 454 -12.27 -33.64 -1.08
C LEU C 454 -11.84 -33.76 -2.53
N GLU C 455 -12.81 -34.06 -3.38
CA GLU C 455 -12.65 -34.10 -4.83
C GLU C 455 -13.47 -32.96 -5.40
N LEU C 456 -12.80 -32.01 -6.04
CA LEU C 456 -13.36 -30.75 -6.51
C LEU C 456 -13.20 -30.69 -8.02
N GLU C 457 -14.24 -30.24 -8.71
CA GLU C 457 -14.25 -30.22 -10.16
C GLU C 457 -14.76 -28.89 -10.69
N PRO C 458 -13.95 -28.12 -11.43
CA PRO C 458 -14.45 -26.88 -12.01
C PRO C 458 -15.28 -27.13 -13.25
N LEU C 459 -16.31 -26.31 -13.42
CA LEU C 459 -17.18 -26.43 -14.58
C LEU C 459 -16.65 -25.64 -15.77
N LYS C 460 -16.05 -24.47 -15.54
CA LYS C 460 -15.36 -23.76 -16.60
C LYS C 460 -13.89 -23.54 -16.33
N HIS C 461 -13.51 -22.92 -15.20
CA HIS C 461 -12.10 -22.69 -14.91
C HIS C 461 -11.87 -22.58 -13.42
N ALA C 462 -10.71 -23.04 -12.98
CA ALA C 462 -10.34 -22.88 -11.59
C ALA C 462 -8.82 -22.96 -11.47
N MET C 463 -8.26 -22.18 -10.57
CA MET C 463 -6.84 -22.26 -10.25
C MET C 463 -6.71 -22.87 -8.87
N THR C 464 -5.54 -23.46 -8.61
CA THR C 464 -5.30 -24.27 -7.42
C THR C 464 -3.96 -23.90 -6.83
N VAL C 465 -3.98 -23.44 -5.57
CA VAL C 465 -2.81 -22.96 -4.85
C VAL C 465 -2.78 -23.69 -3.52
N VAL C 466 -1.67 -24.36 -3.25
CA VAL C 466 -1.45 -25.11 -2.02
C VAL C 466 -0.06 -24.82 -1.47
N GLY C 467 0.37 -25.64 -0.51
CA GLY C 467 1.72 -25.47 -0.01
C GLY C 467 1.91 -25.82 1.45
N PHE C 468 0.82 -26.12 2.14
CA PHE C 468 0.84 -26.27 3.60
C PHE C 468 1.47 -27.55 4.12
N GLY C 469 1.07 -27.89 5.35
CA GLY C 469 1.79 -28.83 6.19
C GLY C 469 2.07 -30.17 5.54
N GLU C 470 2.93 -30.91 6.24
CA GLU C 470 3.51 -32.19 5.84
C GLU C 470 2.48 -33.16 5.26
N GLY C 471 2.82 -33.75 4.11
CA GLY C 471 1.89 -34.59 3.40
C GLY C 471 2.36 -36.01 3.18
N ARG C 472 3.67 -36.26 3.23
CA ARG C 472 4.15 -37.64 3.21
C ARG C 472 4.46 -38.16 4.61
N GLN C 473 5.27 -37.43 5.38
CA GLN C 473 5.60 -37.79 6.76
C GLN C 473 4.56 -37.18 7.68
N LEU C 474 3.62 -37.98 8.17
CA LEU C 474 2.53 -37.49 9.01
C LEU C 474 2.87 -37.67 10.49
N PRO C 475 3.40 -36.63 11.17
CA PRO C 475 3.74 -36.72 12.60
C PRO C 475 2.58 -36.40 13.52
N THR C 476 1.43 -37.02 13.29
CA THR C 476 0.22 -36.76 14.06
C THR C 476 0.13 -37.58 15.34
N ALA C 477 1.28 -38.05 15.86
CA ALA C 477 1.32 -39.10 16.86
C ALA C 477 0.76 -38.68 18.22
N GLY C 478 0.03 -39.60 18.84
CA GLY C 478 -0.73 -39.44 20.08
C GLY C 478 -0.02 -39.99 21.30
N ALA C 479 -0.81 -40.49 22.25
CA ALA C 479 -0.39 -40.87 23.60
C ALA C 479 0.11 -42.30 23.58
N ALA C 480 1.40 -42.48 23.28
CA ALA C 480 2.05 -43.78 23.25
C ALA C 480 1.18 -44.79 22.50
N GLY C 481 0.92 -44.46 21.23
CA GLY C 481 0.04 -45.21 20.38
C GLY C 481 0.81 -46.03 19.36
N ALA C 482 0.11 -46.97 18.75
CA ALA C 482 0.69 -47.67 17.61
C ALA C 482 1.07 -46.66 16.54
N LYS C 483 2.26 -46.82 15.99
CA LYS C 483 2.74 -45.81 15.06
C LYS C 483 2.31 -46.15 13.63
N ASN C 484 1.00 -46.36 13.48
CA ASN C 484 0.42 -46.43 12.14
C ASN C 484 0.95 -47.58 11.29
N VAL C 485 0.52 -48.82 11.60
CA VAL C 485 1.14 -50.02 11.03
C VAL C 485 1.31 -49.88 9.51
N LEU C 486 0.26 -49.49 8.79
CA LEU C 486 0.40 -49.22 7.36
C LEU C 486 -0.72 -48.29 6.92
N LEU C 487 -0.36 -47.08 6.52
CA LEU C 487 -1.31 -46.03 6.19
C LEU C 487 -0.80 -45.27 4.98
N GLU C 488 -1.72 -44.57 4.32
CA GLU C 488 -1.75 -43.75 3.10
C GLU C 488 -1.37 -42.31 3.43
N PRO C 489 -0.53 -41.67 2.62
CA PRO C 489 -0.14 -40.28 2.86
C PRO C 489 -1.16 -39.31 2.27
N LYS C 490 -0.90 -38.00 2.46
CA LYS C 490 -1.69 -36.98 1.80
C LYS C 490 -1.07 -36.67 0.44
N LEU C 491 -1.92 -36.44 -0.56
CA LEU C 491 -1.47 -36.11 -1.90
C LEU C 491 -2.30 -34.97 -2.45
N GLY C 492 -1.63 -33.96 -3.01
CA GLY C 492 -2.36 -32.99 -3.82
C GLY C 492 -2.54 -33.56 -5.21
N ARG C 493 -3.72 -34.05 -5.55
CA ARG C 493 -3.90 -34.92 -6.70
C ARG C 493 -4.60 -34.17 -7.83
N LEU C 494 -4.06 -34.27 -9.05
CA LEU C 494 -4.70 -33.72 -10.24
C LEU C 494 -4.95 -34.87 -11.19
N ILE C 495 -6.22 -35.12 -11.50
CA ILE C 495 -6.63 -36.15 -12.46
C ILE C 495 -7.23 -35.51 -13.71
N HIS C 496 -6.60 -35.73 -14.85
CA HIS C 496 -7.03 -35.18 -16.12
C HIS C 496 -7.19 -36.29 -17.16
N ARG C 497 -7.80 -35.94 -18.30
CA ARG C 497 -8.07 -36.79 -19.46
C ARG C 497 -9.06 -37.91 -19.19
N HIS C 498 -9.71 -37.93 -18.03
CA HIS C 498 -10.65 -38.95 -17.57
C HIS C 498 -10.01 -40.30 -17.31
N VAL C 499 -8.82 -40.57 -17.87
CA VAL C 499 -8.07 -41.75 -17.49
C VAL C 499 -6.61 -41.44 -17.21
N ASP C 500 -5.88 -41.07 -18.27
CA ASP C 500 -4.42 -41.02 -18.26
C ASP C 500 -3.92 -39.73 -17.62
N GLY C 501 -4.13 -39.61 -16.31
CA GLY C 501 -3.69 -38.41 -15.64
C GLY C 501 -2.60 -38.67 -14.63
N GLU C 502 -3.01 -38.89 -13.37
CA GLU C 502 -2.12 -39.26 -12.28
C GLU C 502 -0.99 -38.23 -12.09
N GLU C 503 -1.38 -36.99 -11.75
CA GLU C 503 -0.40 -36.01 -11.27
C GLU C 503 -0.51 -35.89 -9.75
N ASP C 504 0.31 -36.66 -9.03
CA ASP C 504 0.33 -36.60 -7.57
C ASP C 504 1.41 -35.63 -7.10
N HIS C 505 1.01 -34.58 -6.39
CA HIS C 505 1.92 -33.55 -5.90
C HIS C 505 2.20 -33.78 -4.42
N TYR C 506 3.47 -33.73 -4.06
CA TYR C 506 3.95 -34.01 -2.71
C TYR C 506 3.46 -33.06 -1.62
N ILE C 507 4.05 -31.87 -1.47
CA ILE C 507 3.69 -31.06 -0.29
C ILE C 507 3.51 -29.58 -0.63
N GLN C 508 4.20 -29.11 -1.67
CA GLN C 508 4.22 -27.67 -1.99
C GLN C 508 3.90 -27.46 -3.46
N ASN C 509 2.63 -27.46 -3.83
CA ASN C 509 2.29 -27.30 -5.23
C ASN C 509 2.21 -25.81 -5.57
N THR C 510 2.78 -25.46 -6.72
CA THR C 510 2.66 -24.12 -7.29
C THR C 510 1.25 -23.89 -7.80
N LEU C 511 1.00 -22.68 -8.29
CA LEU C 511 -0.32 -22.38 -8.81
C LEU C 511 -0.53 -23.23 -10.07
N LEU C 512 -1.26 -24.32 -9.92
CA LEU C 512 -1.66 -25.09 -11.08
C LEU C 512 -3.07 -24.69 -11.48
N THR C 513 -3.56 -25.27 -12.57
CA THR C 513 -4.86 -24.90 -13.09
C THR C 513 -5.67 -26.14 -13.39
N ALA C 514 -6.98 -25.95 -13.46
CA ALA C 514 -7.92 -27.00 -13.79
C ALA C 514 -8.93 -26.42 -14.76
N GLN C 515 -9.07 -27.11 -15.86
CA GLN C 515 -9.86 -27.00 -17.08
C GLN C 515 -10.99 -28.02 -17.03
N PRO C 516 -12.03 -27.84 -17.85
CA PRO C 516 -13.16 -28.78 -17.84
C PRO C 516 -12.71 -30.22 -18.00
N GLY C 517 -13.18 -31.08 -17.11
CA GLY C 517 -12.82 -32.47 -17.03
C GLY C 517 -11.77 -32.80 -15.99
N GLU C 518 -10.85 -31.89 -15.69
CA GLU C 518 -9.85 -32.14 -14.66
C GLU C 518 -10.45 -32.05 -13.27
N ARG C 519 -9.83 -32.77 -12.33
CA ARG C 519 -10.28 -32.78 -10.94
C ARG C 519 -9.09 -32.55 -10.01
N VAL C 520 -9.33 -31.74 -8.97
CA VAL C 520 -8.37 -31.47 -7.91
C VAL C 520 -8.82 -32.23 -6.67
N ILE C 521 -7.93 -32.97 -6.04
CA ILE C 521 -8.27 -33.78 -4.88
C ILE C 521 -7.27 -33.51 -3.77
N ASN C 522 -7.77 -33.41 -2.54
CA ASN C 522 -6.90 -33.35 -1.38
C ASN C 522 -7.52 -34.13 -0.22
N VAL C 523 -6.67 -34.65 0.65
CA VAL C 523 -7.11 -35.34 1.85
C VAL C 523 -6.44 -34.70 3.06
N ASN C 524 -7.09 -34.83 4.21
CA ASN C 524 -6.58 -34.34 5.48
C ASN C 524 -6.11 -35.51 6.31
N PRO C 525 -4.83 -35.55 6.73
CA PRO C 525 -4.39 -36.62 7.62
C PRO C 525 -5.23 -36.64 8.89
N GLY C 526 -5.65 -37.84 9.28
CA GLY C 526 -6.58 -38.01 10.37
C GLY C 526 -5.95 -37.83 11.74
N GLY C 527 -6.78 -37.94 12.76
CA GLY C 527 -6.33 -37.72 14.12
C GLY C 527 -5.50 -38.87 14.65
N GLY C 528 -4.93 -38.64 15.84
CA GLY C 528 -4.02 -39.57 16.46
C GLY C 528 -4.71 -40.73 17.14
N GLY C 529 -3.96 -41.38 18.04
CA GLY C 529 -4.49 -42.46 18.84
C GLY C 529 -4.07 -42.29 20.29
N TYR C 530 -4.67 -43.10 21.16
CA TYR C 530 -4.40 -43.02 22.59
C TYR C 530 -4.07 -44.41 23.09
N GLY C 531 -2.82 -44.62 23.51
CA GLY C 531 -2.38 -45.88 24.08
C GLY C 531 -2.22 -46.98 23.04
N ASP C 532 -2.14 -48.21 23.53
CA ASP C 532 -1.83 -49.34 22.67
C ASP C 532 -3.12 -49.92 22.09
N PRO C 533 -3.20 -50.12 20.77
CA PRO C 533 -4.46 -50.63 20.19
C PRO C 533 -4.72 -52.10 20.44
N LEU C 534 -3.76 -52.84 21.00
CA LEU C 534 -4.02 -54.22 21.38
C LEU C 534 -5.01 -54.34 22.53
N ARG C 535 -5.39 -53.23 23.16
CA ARG C 535 -6.35 -53.22 24.26
C ARG C 535 -7.73 -52.71 23.85
N ARG C 536 -7.91 -52.29 22.60
CA ARG C 536 -9.20 -51.79 22.15
C ARG C 536 -10.21 -52.94 21.99
N PRO C 537 -11.39 -52.85 22.61
CA PRO C 537 -12.32 -53.99 22.61
C PRO C 537 -12.68 -54.49 21.21
N LEU C 538 -12.82 -55.82 21.11
CA LEU C 538 -12.99 -56.50 19.82
C LEU C 538 -14.27 -56.04 19.11
N ALA C 539 -15.40 -56.00 19.82
CA ALA C 539 -16.64 -55.54 19.21
C ALA C 539 -16.49 -54.16 18.58
N THR C 540 -15.62 -53.32 19.14
CA THR C 540 -15.40 -51.99 18.59
C THR C 540 -14.72 -52.06 17.22
N VAL C 541 -13.67 -52.88 17.10
CA VAL C 541 -13.03 -53.01 15.80
C VAL C 541 -13.98 -53.65 14.80
N LEU C 542 -14.77 -54.63 15.24
CA LEU C 542 -15.79 -55.19 14.37
C LEU C 542 -16.74 -54.11 13.87
N ALA C 543 -17.19 -53.23 14.77
CA ALA C 543 -18.08 -52.14 14.39
C ALA C 543 -17.42 -51.24 13.34
N ASP C 544 -16.17 -50.81 13.61
CA ASP C 544 -15.49 -49.94 12.64
C ASP C 544 -15.36 -50.60 11.27
N VAL C 545 -15.11 -51.91 11.25
CA VAL C 545 -15.05 -52.61 9.97
C VAL C 545 -16.41 -52.63 9.29
N ARG C 546 -17.47 -52.92 10.05
CA ARG C 546 -18.80 -53.00 9.47
C ARG C 546 -19.26 -51.64 8.96
N ASN C 547 -18.94 -50.58 9.70
CA ASN C 547 -19.36 -49.22 9.35
C ASN C 547 -18.68 -48.68 8.11
N GLY C 548 -17.60 -49.29 7.63
CA GLY C 548 -16.88 -48.73 6.51
C GLY C 548 -16.00 -47.56 6.87
N LEU C 549 -15.42 -47.59 8.07
CA LEU C 549 -14.40 -46.62 8.47
C LEU C 549 -13.03 -47.25 8.58
N VAL C 550 -12.96 -48.58 8.65
CA VAL C 550 -11.72 -49.34 8.63
C VAL C 550 -11.92 -50.53 7.71
N SER C 551 -10.96 -50.78 6.82
CA SER C 551 -11.03 -51.91 5.91
C SER C 551 -10.54 -53.20 6.59
N ILE C 552 -10.72 -54.33 5.90
CA ILE C 552 -10.38 -55.62 6.48
C ILE C 552 -8.89 -55.71 6.79
N ASP C 553 -8.04 -55.47 5.79
CA ASP C 553 -6.60 -55.44 6.04
C ASP C 553 -6.24 -54.38 7.08
N GLY C 554 -6.95 -53.27 7.08
CA GLY C 554 -6.81 -52.29 8.14
C GLY C 554 -6.93 -52.96 9.49
N ALA C 555 -8.09 -53.56 9.80
CA ALA C 555 -8.28 -54.19 11.10
C ALA C 555 -7.18 -55.21 11.37
N ARG C 556 -6.89 -56.05 10.37
CA ARG C 556 -5.89 -57.11 10.53
C ARG C 556 -4.52 -56.58 10.95
N LEU C 557 -4.11 -55.44 10.42
CA LEU C 557 -2.72 -55.01 10.60
C LEU C 557 -2.55 -53.86 11.58
N GLU C 558 -3.49 -52.91 11.62
CA GLU C 558 -3.37 -51.77 12.55
C GLU C 558 -3.80 -52.17 13.95
N TYR C 559 -4.90 -52.93 14.06
CA TYR C 559 -5.45 -53.31 15.34
C TYR C 559 -5.24 -54.79 15.65
N GLY C 560 -4.81 -55.58 14.68
CA GLY C 560 -4.61 -56.99 14.95
C GLY C 560 -5.88 -57.81 15.03
N VAL C 561 -6.91 -57.46 14.26
CA VAL C 561 -8.16 -58.20 14.23
C VAL C 561 -8.33 -58.79 12.84
N VAL C 562 -8.19 -60.11 12.74
CA VAL C 562 -8.21 -60.81 11.46
C VAL C 562 -9.64 -61.28 11.25
N ILE C 563 -10.31 -60.75 10.22
CA ILE C 563 -11.69 -61.11 9.95
C ILE C 563 -11.77 -61.78 8.59
N ASP C 564 -12.81 -62.57 8.41
CA ASP C 564 -13.10 -63.16 7.12
C ASP C 564 -14.59 -63.03 6.80
N GLY C 565 -14.89 -63.12 5.52
CA GLY C 565 -16.25 -63.38 5.11
C GLY C 565 -16.60 -64.81 5.48
N ASN C 566 -17.88 -65.15 5.37
CA ASN C 566 -18.37 -66.46 5.75
C ASN C 566 -18.07 -66.77 7.22
N GLY C 567 -18.04 -65.76 8.07
CA GLY C 567 -17.75 -65.99 9.47
C GLY C 567 -17.66 -64.70 10.25
N GLN C 568 -17.40 -64.86 11.55
CA GLN C 568 -17.43 -63.74 12.49
C GLN C 568 -16.06 -63.05 12.52
N LEU C 569 -15.07 -63.72 13.08
CA LEU C 569 -13.72 -63.16 13.12
C LEU C 569 -12.65 -64.25 13.11
N ASP C 570 -13.00 -65.50 12.79
CA ASP C 570 -12.14 -66.68 12.76
C ASP C 570 -11.74 -67.12 14.17
N GLU C 571 -11.93 -66.23 15.14
CA GLU C 571 -11.81 -66.43 16.59
C GLU C 571 -10.45 -66.94 17.06
N ALA C 572 -9.67 -67.56 16.18
CA ALA C 572 -8.44 -68.22 16.59
C ALA C 572 -7.20 -67.45 16.17
N ALA C 573 -7.12 -67.09 14.88
CA ALA C 573 -6.05 -66.23 14.41
C ALA C 573 -6.07 -64.89 15.13
N THR C 574 -7.25 -64.44 15.57
CA THR C 574 -7.35 -63.16 16.28
C THR C 574 -6.65 -63.21 17.63
N HIS C 575 -6.94 -64.23 18.45
CA HIS C 575 -6.34 -64.25 19.77
C HIS C 575 -4.88 -64.65 19.67
N ALA C 576 -4.56 -65.50 18.69
CA ALA C 576 -3.18 -65.89 18.46
C ALA C 576 -2.35 -64.70 18.00
N HIS C 577 -2.95 -63.80 17.23
CA HIS C 577 -2.23 -62.64 16.71
C HIS C 577 -2.22 -61.48 17.68
N ARG C 578 -3.06 -61.51 18.71
CA ARG C 578 -3.04 -60.39 19.64
C ARG C 578 -2.23 -60.69 20.89
N ALA C 579 -2.26 -61.93 21.40
CA ALA C 579 -1.40 -62.24 22.53
C ALA C 579 0.07 -62.16 22.15
N ALA C 580 0.41 -62.61 20.93
CA ALA C 580 1.80 -62.71 20.51
C ALA C 580 2.23 -61.52 19.65
N TYR D 6 -68.18 -25.37 25.11
CA TYR D 6 -68.39 -25.59 23.68
C TYR D 6 -67.05 -25.49 22.93
N ARG D 7 -65.97 -25.41 23.70
CA ARG D 7 -64.60 -25.41 23.20
C ARG D 7 -63.74 -26.15 24.22
N LEU D 8 -62.87 -27.06 23.74
CA LEU D 8 -61.99 -27.83 24.61
C LEU D 8 -60.55 -27.86 24.11
N GLY D 9 -59.61 -27.82 25.04
CA GLY D 9 -58.20 -27.87 24.70
C GLY D 9 -57.45 -28.83 25.61
N ILE D 10 -56.44 -29.50 25.03
CA ILE D 10 -55.54 -30.41 25.73
C ILE D 10 -54.12 -29.90 25.54
N ASP D 11 -53.43 -29.65 26.64
CA ASP D 11 -52.07 -29.11 26.61
C ASP D 11 -51.15 -30.12 27.30
N ALA D 12 -50.52 -30.98 26.51
CA ALA D 12 -49.61 -31.98 27.05
C ALA D 12 -48.27 -31.33 27.35
N GLY D 13 -47.94 -31.24 28.63
CA GLY D 13 -46.70 -30.65 29.09
C GLY D 13 -45.55 -31.61 29.22
N GLY D 14 -45.76 -32.88 28.86
CA GLY D 14 -44.73 -33.90 28.86
C GLY D 14 -44.50 -34.54 30.20
N THR D 15 -44.97 -33.91 31.28
CA THR D 15 -45.02 -34.49 32.61
C THR D 15 -46.47 -34.69 33.04
N PHE D 16 -47.25 -33.61 33.04
CA PHE D 16 -48.69 -33.60 33.23
C PHE D 16 -49.39 -33.27 31.91
N THR D 17 -50.72 -33.15 31.99
CA THR D 17 -51.52 -32.60 30.90
C THR D 17 -52.58 -31.66 31.44
N ASP D 18 -52.65 -30.45 30.87
CA ASP D 18 -53.63 -29.45 31.25
C ASP D 18 -54.88 -29.59 30.40
N PHE D 19 -56.05 -29.66 31.04
CA PHE D 19 -57.32 -29.83 30.34
C PHE D 19 -58.13 -28.55 30.50
N ILE D 20 -58.43 -27.90 29.39
CA ILE D 20 -59.01 -26.56 29.40
C ILE D 20 -60.38 -26.62 28.77
N LEU D 21 -61.39 -26.18 29.49
CA LEU D 21 -62.77 -26.22 29.01
C LEU D 21 -63.39 -24.83 29.10
N ALA D 22 -64.11 -24.46 28.05
CA ALA D 22 -64.75 -23.15 27.98
C ALA D 22 -65.96 -23.23 27.06
N ASP D 23 -66.84 -22.25 27.18
CA ASP D 23 -67.98 -22.14 26.27
C ASP D 23 -68.11 -20.70 25.80
N HIS D 24 -69.23 -20.35 25.17
CA HIS D 24 -69.35 -19.04 24.56
C HIS D 24 -69.18 -17.90 25.55
N GLN D 25 -69.29 -18.16 26.86
CA GLN D 25 -68.97 -17.13 27.84
C GLN D 25 -67.46 -16.91 27.99
N GLY D 26 -66.63 -17.83 27.52
CA GLY D 26 -65.21 -17.69 27.74
C GLY D 26 -64.71 -18.12 29.10
N ASN D 27 -65.48 -18.92 29.84
CA ASN D 27 -65.08 -19.33 31.17
C ASN D 27 -63.84 -20.20 31.11
N VAL D 28 -62.84 -19.82 31.90
CA VAL D 28 -61.52 -20.46 31.85
C VAL D 28 -61.50 -21.58 32.89
N GLN D 29 -61.94 -22.78 32.50
CA GLN D 29 -62.03 -23.89 33.44
C GLN D 29 -60.85 -24.85 33.26
N LEU D 30 -60.07 -25.05 34.32
CA LEU D 30 -58.81 -25.79 34.27
C LEU D 30 -58.88 -27.08 35.07
N PHE D 31 -58.53 -28.20 34.43
CA PHE D 31 -58.48 -29.53 35.00
C PHE D 31 -57.09 -30.13 34.79
N LYS D 32 -56.76 -31.16 35.57
CA LYS D 32 -55.41 -31.74 35.57
C LYS D 32 -55.44 -33.23 35.30
N ALA D 33 -54.37 -33.76 34.69
CA ALA D 33 -54.22 -35.21 34.48
C ALA D 33 -52.77 -35.59 34.13
N PRO D 34 -52.18 -36.58 34.83
CA PRO D 34 -50.78 -36.95 34.56
C PRO D 34 -50.57 -37.57 33.18
N SER D 35 -49.47 -37.17 32.53
CA SER D 35 -49.14 -37.61 31.17
C SER D 35 -47.83 -38.38 31.25
N THR D 36 -47.92 -39.67 31.56
CA THR D 36 -46.74 -40.51 31.59
C THR D 36 -46.08 -40.55 30.21
N PRO D 37 -44.75 -40.44 30.14
CA PRO D 37 -44.08 -40.51 28.82
C PRO D 37 -44.40 -41.77 28.04
N HIS D 38 -44.97 -42.81 28.68
CA HIS D 38 -45.15 -44.08 27.99
C HIS D 38 -46.52 -44.21 27.33
N ASP D 39 -47.50 -43.42 27.77
CA ASP D 39 -48.77 -43.27 27.06
C ASP D 39 -49.55 -42.08 27.61
N GLY D 40 -49.99 -41.18 26.72
CA GLY D 40 -50.72 -40.03 27.18
C GLY D 40 -52.23 -40.06 26.94
N THR D 41 -52.73 -41.05 26.20
CA THR D 41 -54.17 -41.09 25.95
C THR D 41 -54.98 -41.47 27.18
N LEU D 42 -54.36 -42.08 28.20
CA LEU D 42 -55.06 -42.28 29.46
C LEU D 42 -55.32 -40.94 30.14
N ALA D 43 -54.35 -40.03 30.04
CA ALA D 43 -54.51 -38.68 30.56
C ALA D 43 -55.77 -38.04 30.00
N ILE D 44 -56.12 -38.36 28.75
CA ILE D 44 -57.32 -37.80 28.12
C ILE D 44 -58.53 -38.11 28.98
N ARG D 45 -58.82 -39.39 29.20
CA ARG D 45 -60.00 -39.71 29.99
C ARG D 45 -59.80 -39.35 31.45
N ASN D 46 -58.56 -39.17 31.91
CA ASN D 46 -58.34 -38.80 33.29
C ASN D 46 -58.44 -37.29 33.52
N GLY D 47 -58.52 -36.51 32.45
CA GLY D 47 -58.90 -35.11 32.53
C GLY D 47 -60.40 -35.05 32.39
N LEU D 48 -60.93 -35.89 31.49
CA LEU D 48 -62.37 -36.02 31.38
C LEU D 48 -62.99 -36.46 32.69
N ALA D 49 -62.25 -37.21 33.51
CA ALA D 49 -62.76 -37.66 34.79
C ALA D 49 -63.02 -36.49 35.73
N GLN D 50 -62.18 -35.45 35.66
CA GLN D 50 -62.42 -34.28 36.51
C GLN D 50 -63.43 -33.34 35.87
N ILE D 51 -63.52 -33.36 34.54
CA ILE D 51 -64.59 -32.64 33.85
C ILE D 51 -65.95 -33.29 34.13
N ALA D 52 -65.95 -34.59 34.46
CA ALA D 52 -67.16 -35.26 34.91
C ALA D 52 -67.74 -34.61 36.16
N ASP D 53 -66.88 -34.07 37.03
CA ASP D 53 -67.37 -33.34 38.18
C ASP D 53 -67.89 -31.96 37.80
N ALA D 54 -67.66 -31.56 36.55
CA ALA D 54 -68.10 -30.28 35.99
C ALA D 54 -69.45 -30.35 35.30
N LEU D 55 -69.69 -31.38 34.47
CA LEU D 55 -70.89 -31.37 33.64
C LEU D 55 -72.13 -31.95 34.30
N GLY D 56 -72.01 -33.03 35.10
CA GLY D 56 -73.16 -33.74 35.63
C GLY D 56 -73.52 -34.99 34.86
N ARG D 57 -73.29 -35.00 33.55
CA ARG D 57 -73.46 -36.17 32.69
C ARG D 57 -72.08 -36.52 32.12
N THR D 58 -72.03 -37.65 31.44
CA THR D 58 -70.75 -38.23 31.03
C THR D 58 -69.91 -37.22 30.25
N PRO D 59 -68.65 -37.00 30.63
CA PRO D 59 -67.82 -36.05 29.88
C PRO D 59 -67.62 -36.45 28.44
N ALA D 60 -67.82 -37.72 28.07
CA ALA D 60 -67.88 -38.06 26.65
C ALA D 60 -69.02 -37.30 25.98
N GLU D 61 -70.12 -37.12 26.71
CA GLU D 61 -71.22 -36.32 26.18
C GLU D 61 -70.80 -34.86 26.06
N ILE D 62 -70.00 -34.37 27.02
CA ILE D 62 -69.63 -32.96 26.94
C ILE D 62 -68.63 -32.76 25.81
N ILE D 63 -67.88 -33.80 25.46
CA ILE D 63 -67.08 -33.75 24.24
C ILE D 63 -68.00 -33.66 23.03
N ALA D 64 -69.05 -34.49 23.03
CA ALA D 64 -69.99 -34.47 21.91
C ALA D 64 -70.65 -33.10 21.76
N ASP D 65 -70.90 -32.41 22.87
CA ASP D 65 -71.54 -31.11 22.79
C ASP D 65 -70.56 -29.98 22.48
N CYS D 66 -69.26 -30.25 22.55
CA CYS D 66 -68.19 -29.31 22.23
C CYS D 66 -67.72 -29.55 20.81
N ASP D 67 -67.52 -28.46 20.06
CA ASP D 67 -67.32 -28.57 18.61
C ASP D 67 -65.89 -28.88 18.17
N LEU D 68 -64.86 -28.54 18.93
CA LEU D 68 -63.49 -28.78 18.45
C LEU D 68 -62.54 -29.10 19.59
N CYS D 69 -61.79 -30.20 19.45
CA CYS D 69 -60.75 -30.60 20.41
C CYS D 69 -59.35 -30.37 19.84
N ILE D 70 -58.62 -29.44 20.44
CA ILE D 70 -57.30 -29.01 19.98
C ILE D 70 -56.27 -29.63 20.93
N ASN D 71 -55.38 -30.45 20.39
CA ASN D 71 -54.45 -31.25 21.20
C ASN D 71 -53.00 -30.84 20.93
N GLY D 72 -52.35 -30.24 21.91
CA GLY D 72 -50.92 -30.02 21.88
C GLY D 72 -50.15 -31.09 22.62
N THR D 73 -49.23 -31.75 21.91
CA THR D 73 -48.38 -32.79 22.49
C THR D 73 -47.03 -32.81 21.80
N THR D 74 -46.01 -33.30 22.51
CA THR D 74 -44.61 -33.28 22.05
C THR D 74 -43.94 -34.64 22.24
N VAL D 75 -44.62 -35.74 21.94
CA VAL D 75 -43.97 -37.05 22.08
C VAL D 75 -42.77 -37.20 21.14
N ALA D 76 -42.76 -36.48 20.01
CA ALA D 76 -41.59 -36.50 19.13
C ALA D 76 -40.37 -35.90 19.81
N LEU D 77 -40.57 -34.90 20.66
CA LEU D 77 -39.45 -34.34 21.40
C LEU D 77 -38.80 -35.39 22.28
N ASN D 78 -39.59 -36.14 23.06
CA ASN D 78 -39.04 -37.25 23.84
C ASN D 78 -38.38 -38.27 22.93
N ALA D 79 -38.94 -38.50 21.74
CA ALA D 79 -38.30 -39.42 20.80
C ALA D 79 -36.87 -39.00 20.52
N LEU D 80 -36.65 -37.70 20.27
CA LEU D 80 -35.27 -37.23 20.14
C LEU D 80 -34.49 -37.22 21.45
N ILE D 81 -35.14 -36.95 22.58
CA ILE D 81 -34.40 -36.85 23.85
C ILE D 81 -34.00 -38.23 24.32
N GLU D 82 -34.96 -39.14 24.40
CA GLU D 82 -34.75 -40.49 24.92
C GLU D 82 -33.94 -41.36 23.97
N LYS D 83 -33.48 -40.80 22.85
CA LYS D 83 -32.78 -41.53 21.78
C LYS D 83 -33.63 -42.65 21.18
N THR D 84 -34.95 -42.49 21.10
CA THR D 84 -35.82 -43.57 20.62
C THR D 84 -36.59 -43.13 19.38
N GLY D 85 -36.58 -43.98 18.36
CA GLY D 85 -37.29 -43.71 17.13
C GLY D 85 -37.34 -44.92 16.23
N VAL D 86 -37.13 -44.72 14.94
CA VAL D 86 -37.09 -45.79 13.94
C VAL D 86 -35.79 -45.69 13.17
N LYS D 87 -35.16 -46.84 12.90
CA LYS D 87 -33.87 -46.87 12.22
C LYS D 87 -34.06 -46.45 10.76
N VAL D 88 -33.47 -45.31 10.41
CA VAL D 88 -33.78 -44.60 9.17
C VAL D 88 -32.70 -44.90 8.14
N GLY D 89 -33.12 -45.35 6.96
CA GLY D 89 -32.22 -45.42 5.82
C GLY D 89 -32.27 -44.14 5.00
N LEU D 90 -31.17 -43.85 4.31
CA LEU D 90 -31.05 -42.63 3.53
C LEU D 90 -30.59 -42.95 2.11
N LEU D 91 -31.29 -42.40 1.13
CA LEU D 91 -30.81 -42.38 -0.25
C LEU D 91 -30.23 -41.00 -0.53
N CYS D 92 -28.94 -40.96 -0.84
CA CYS D 92 -28.20 -39.71 -0.94
C CYS D 92 -27.30 -39.78 -2.17
N THR D 93 -26.76 -38.63 -2.54
CA THR D 93 -25.90 -38.55 -3.72
C THR D 93 -24.48 -38.97 -3.38
N ASP D 94 -23.88 -39.77 -4.26
CA ASP D 94 -22.56 -40.33 -4.03
C ASP D 94 -21.54 -39.23 -3.72
N GLY D 95 -20.70 -39.48 -2.73
CA GLY D 95 -19.66 -38.57 -2.31
C GLY D 95 -20.01 -37.70 -1.13
N HIS D 96 -21.29 -37.61 -0.76
CA HIS D 96 -21.71 -36.78 0.35
C HIS D 96 -22.62 -37.54 1.31
N GLU D 97 -22.48 -38.87 1.34
CA GLU D 97 -23.25 -39.67 2.27
C GLU D 97 -22.94 -39.31 3.70
N ASP D 98 -21.77 -38.74 3.97
CA ASP D 98 -21.35 -38.45 5.33
C ASP D 98 -21.67 -37.03 5.76
N SER D 99 -22.46 -36.30 4.98
CA SER D 99 -22.81 -34.93 5.38
C SER D 99 -23.46 -34.92 6.76
N LEU D 100 -24.32 -35.91 7.02
CA LEU D 100 -24.97 -36.02 8.33
C LEU D 100 -23.94 -36.00 9.44
N GLU D 101 -22.88 -36.79 9.30
CA GLU D 101 -21.85 -36.87 10.32
C GLU D 101 -20.87 -35.71 10.22
N ILE D 102 -20.74 -35.11 9.03
CA ILE D 102 -19.77 -34.03 8.85
C ILE D 102 -20.16 -32.81 9.68
N ARG D 103 -21.46 -32.49 9.70
CA ARG D 103 -21.97 -31.36 10.48
C ARG D 103 -21.22 -30.08 10.14
N LEU D 104 -20.84 -29.94 8.87
CA LEU D 104 -20.25 -28.70 8.34
C LEU D 104 -18.98 -28.32 9.09
N GLY D 105 -18.26 -29.30 9.59
CA GLY D 105 -17.20 -29.00 10.54
C GLY D 105 -17.79 -28.82 11.92
N HIS D 106 -17.46 -27.72 12.57
CA HIS D 106 -17.87 -27.48 13.94
C HIS D 106 -18.70 -26.22 14.10
N LYS D 107 -19.71 -26.31 14.99
CA LYS D 107 -20.55 -25.18 15.36
C LYS D 107 -20.86 -25.13 16.86
N GLU D 108 -20.30 -26.04 17.67
CA GLU D 108 -20.79 -26.30 19.03
C GLU D 108 -19.92 -25.61 20.08
N ASP D 109 -20.22 -24.34 20.35
CA ASP D 109 -19.48 -23.61 21.40
C ASP D 109 -20.19 -22.33 21.79
N GLY D 110 -20.51 -22.19 23.07
CA GLY D 110 -21.01 -20.93 23.60
C GLY D 110 -22.07 -20.95 24.69
N HIS D 111 -22.93 -21.96 24.76
CA HIS D 111 -23.98 -21.98 25.77
C HIS D 111 -23.74 -22.97 26.91
N ARG D 112 -23.57 -24.26 26.61
CA ARG D 112 -23.33 -25.33 27.58
C ARG D 112 -21.91 -25.89 27.49
N TYR D 113 -21.45 -26.47 28.61
CA TYR D 113 -20.06 -26.89 28.72
C TYR D 113 -19.93 -28.24 29.42
N ASP D 114 -18.75 -28.83 29.25
CA ASP D 114 -18.28 -30.08 29.83
C ASP D 114 -16.79 -30.15 29.52
N ALA D 115 -16.15 -31.28 29.82
CA ALA D 115 -14.73 -31.40 29.47
C ALA D 115 -14.52 -31.84 28.02
N THR D 116 -15.09 -32.98 27.63
CA THR D 116 -14.80 -33.62 26.35
C THR D 116 -16.11 -33.95 25.62
N TYR D 117 -16.69 -32.98 24.90
CA TYR D 117 -17.91 -33.24 24.15
C TYR D 117 -17.79 -34.54 23.36
N PRO D 118 -18.63 -35.54 23.62
CA PRO D 118 -18.77 -36.68 22.69
C PRO D 118 -20.00 -36.51 21.81
N PRO D 119 -20.15 -35.38 21.09
CA PRO D 119 -21.46 -35.05 20.52
C PRO D 119 -21.75 -35.82 19.24
N ALA D 120 -22.83 -35.41 18.58
CA ALA D 120 -23.16 -35.90 17.25
C ALA D 120 -23.44 -37.40 17.29
N HIS D 121 -24.55 -37.72 17.96
CA HIS D 121 -25.13 -39.05 17.88
C HIS D 121 -26.05 -39.18 16.67
N MET D 122 -25.80 -40.24 15.90
CA MET D 122 -26.34 -40.41 14.56
C MET D 122 -27.82 -40.78 14.55
N LEU D 123 -28.50 -40.37 13.47
CA LEU D 123 -29.79 -40.94 13.11
C LEU D 123 -29.68 -42.00 12.03
N VAL D 124 -28.58 -42.05 11.28
CA VAL D 124 -28.28 -43.12 10.36
C VAL D 124 -26.90 -43.68 10.73
N PRO D 125 -26.76 -44.98 10.98
CA PRO D 125 -25.48 -45.51 11.49
C PRO D 125 -24.49 -45.98 10.44
N ARG D 126 -24.45 -45.32 9.28
CA ARG D 126 -23.53 -45.64 8.18
C ARG D 126 -23.77 -47.01 7.55
N HIS D 127 -24.62 -47.83 8.16
CA HIS D 127 -25.07 -49.03 7.49
C HIS D 127 -26.11 -48.72 6.44
N LEU D 128 -26.90 -47.65 6.67
CA LEU D 128 -28.00 -47.28 5.80
C LEU D 128 -27.86 -45.88 5.21
N ARG D 129 -26.64 -45.37 5.13
CA ARG D 129 -26.39 -44.07 4.50
C ARG D 129 -25.95 -44.33 3.06
N ARG D 130 -26.91 -44.73 2.26
CA ARG D 130 -26.63 -45.42 1.00
C ARG D 130 -26.32 -44.43 -0.13
N PRO D 131 -25.22 -44.62 -0.85
CA PRO D 131 -24.90 -43.71 -1.96
C PRO D 131 -25.70 -44.03 -3.22
N ILE D 132 -26.02 -42.96 -3.96
CA ILE D 132 -26.66 -43.03 -5.27
C ILE D 132 -25.81 -42.25 -6.27
N GLY D 133 -25.60 -42.84 -7.45
CA GLY D 133 -24.63 -42.32 -8.41
C GLY D 133 -25.06 -41.10 -9.21
N GLY D 134 -26.36 -40.88 -9.39
CA GLY D 134 -26.80 -39.75 -10.19
C GLY D 134 -26.45 -38.42 -9.52
N ARG D 135 -26.28 -37.39 -10.35
CA ARG D 135 -25.83 -36.10 -9.82
C ARG D 135 -26.27 -34.95 -10.71
N ILE D 136 -26.69 -33.86 -10.07
CA ILE D 136 -26.98 -32.59 -10.73
C ILE D 136 -26.15 -31.50 -10.04
N ILE D 137 -26.34 -30.26 -10.50
CA ILE D 137 -25.49 -29.16 -10.07
C ILE D 137 -26.31 -27.95 -9.65
N SER D 138 -25.64 -26.83 -9.39
CA SER D 138 -26.25 -25.66 -8.77
C SER D 138 -27.19 -24.89 -9.70
N ASP D 139 -27.23 -25.19 -11.00
CA ASP D 139 -28.14 -24.50 -11.91
C ASP D 139 -29.23 -25.41 -12.45
N GLY D 140 -29.28 -26.67 -12.04
CA GLY D 140 -30.26 -27.61 -12.53
C GLY D 140 -29.79 -28.50 -13.64
N SER D 141 -28.53 -28.39 -14.07
CA SER D 141 -28.01 -29.32 -15.06
C SER D 141 -27.74 -30.67 -14.40
N GLU D 142 -28.30 -31.72 -14.99
CA GLU D 142 -28.06 -33.09 -14.54
C GLU D 142 -26.72 -33.50 -15.14
N PHE D 143 -25.64 -33.20 -14.41
CA PHE D 143 -24.30 -33.57 -14.88
C PHE D 143 -24.19 -35.06 -15.16
N SER D 144 -24.95 -35.89 -14.44
CA SER D 144 -24.91 -37.30 -14.67
C SER D 144 -26.31 -37.86 -14.44
N PRO D 145 -26.77 -38.73 -15.33
CA PRO D 145 -28.18 -39.16 -15.29
C PRO D 145 -28.46 -40.06 -14.11
N LEU D 146 -29.76 -40.32 -13.89
CA LEU D 146 -30.19 -41.12 -12.77
C LEU D 146 -29.59 -42.52 -12.81
N ASP D 147 -28.97 -42.91 -11.69
CA ASP D 147 -28.40 -44.26 -11.52
C ASP D 147 -29.48 -45.12 -10.89
N GLU D 148 -30.31 -45.75 -11.74
CA GLU D 148 -31.39 -46.58 -11.22
C GLU D 148 -30.89 -47.85 -10.56
N ALA D 149 -29.73 -48.35 -10.99
CA ALA D 149 -29.18 -49.60 -10.46
C ALA D 149 -28.83 -49.49 -8.98
N ALA D 150 -28.09 -48.45 -8.60
CA ALA D 150 -27.73 -48.27 -7.19
C ALA D 150 -28.96 -48.17 -6.30
N ILE D 151 -29.99 -47.45 -6.75
CA ILE D 151 -31.21 -47.31 -5.94
C ILE D 151 -31.87 -48.68 -5.76
N HIS D 152 -31.97 -49.44 -6.85
CA HIS D 152 -32.59 -50.77 -6.80
C HIS D 152 -31.87 -51.67 -5.81
N ALA D 153 -30.53 -51.74 -5.94
CA ALA D 153 -29.73 -52.56 -5.04
C ALA D 153 -29.87 -52.09 -3.60
N ALA D 154 -29.91 -50.77 -3.40
CA ALA D 154 -30.05 -50.21 -2.05
C ALA D 154 -31.38 -50.59 -1.43
N ILE D 155 -32.44 -50.65 -2.23
CA ILE D 155 -33.74 -51.06 -1.71
C ILE D 155 -33.67 -52.50 -1.23
N ASP D 156 -33.07 -53.37 -2.06
CA ASP D 156 -32.90 -54.76 -1.63
C ASP D 156 -32.12 -54.84 -0.32
N TYR D 157 -31.02 -54.07 -0.22
CA TYR D 157 -30.21 -54.06 0.98
C TYR D 157 -30.99 -53.54 2.18
N PHE D 158 -31.86 -52.55 1.96
CA PHE D 158 -32.67 -52.02 3.04
C PHE D 158 -33.62 -53.07 3.57
N ARG D 159 -34.22 -53.87 2.68
CA ARG D 159 -34.98 -55.02 3.15
C ARG D 159 -34.11 -55.97 3.98
N GLU D 160 -32.85 -56.14 3.58
CA GLU D 160 -31.96 -56.96 4.40
C GLU D 160 -31.86 -56.41 5.82
N GLN D 161 -31.76 -55.09 5.96
CA GLN D 161 -31.45 -54.47 7.24
C GLN D 161 -32.68 -54.09 8.06
N GLN D 162 -33.88 -54.46 7.61
CA GLN D 162 -35.10 -54.19 8.38
C GLN D 162 -35.24 -52.71 8.67
N VAL D 163 -35.02 -51.89 7.64
CA VAL D 163 -35.16 -50.46 7.79
C VAL D 163 -36.58 -50.14 8.25
N GLN D 164 -36.71 -49.05 9.00
CA GLN D 164 -38.00 -48.61 9.49
C GLN D 164 -38.46 -47.31 8.87
N ALA D 165 -37.52 -46.48 8.38
CA ALA D 165 -37.87 -45.31 7.60
C ALA D 165 -36.76 -45.02 6.60
N VAL D 166 -37.14 -44.47 5.46
CA VAL D 166 -36.21 -44.11 4.40
C VAL D 166 -36.32 -42.62 4.15
N ALA D 167 -35.19 -41.92 4.25
CA ALA D 167 -35.09 -40.52 3.89
C ALA D 167 -34.34 -40.40 2.58
N ILE D 168 -34.73 -39.44 1.75
CA ILE D 168 -34.10 -39.23 0.46
C ILE D 168 -33.67 -37.77 0.38
N SER D 169 -32.40 -37.55 0.05
CA SER D 169 -31.85 -36.20 -0.07
C SER D 169 -30.79 -36.22 -1.16
N PHE D 170 -31.05 -35.52 -2.26
CA PHE D 170 -30.17 -35.49 -3.42
C PHE D 170 -29.62 -34.08 -3.62
N VAL D 171 -28.61 -33.98 -4.50
CA VAL D 171 -27.97 -32.69 -4.74
C VAL D 171 -28.96 -31.74 -5.38
N TRP D 172 -29.08 -30.54 -4.79
CA TRP D 172 -29.78 -29.40 -5.39
C TRP D 172 -31.21 -29.73 -5.81
N SER D 173 -31.82 -30.72 -5.18
CA SER D 173 -33.13 -31.18 -5.63
C SER D 173 -34.26 -30.22 -5.33
N VAL D 174 -34.04 -29.18 -4.52
CA VAL D 174 -35.13 -28.27 -4.17
C VAL D 174 -35.67 -27.51 -5.36
N ARG D 175 -34.87 -27.38 -6.41
CA ARG D 175 -35.31 -26.77 -7.66
C ARG D 175 -35.24 -27.75 -8.82
N ASN D 176 -34.78 -28.97 -8.59
CA ASN D 176 -34.76 -30.02 -9.60
C ASN D 176 -35.07 -31.35 -8.92
N PRO D 177 -36.36 -31.62 -8.68
CA PRO D 177 -36.75 -32.82 -7.93
C PRO D 177 -36.91 -34.09 -8.76
N SER D 178 -36.49 -34.12 -10.03
CA SER D 178 -36.76 -35.29 -10.87
C SER D 178 -36.07 -36.54 -10.34
N HIS D 179 -34.82 -36.41 -9.88
CA HIS D 179 -34.12 -37.57 -9.34
C HIS D 179 -34.78 -38.08 -8.07
N GLU D 180 -35.10 -37.16 -7.15
CA GLU D 180 -35.77 -37.55 -5.91
C GLU D 180 -37.15 -38.13 -6.19
N GLN D 181 -37.86 -37.58 -7.18
CA GLN D 181 -39.19 -38.11 -7.52
C GLN D 181 -39.09 -39.52 -8.08
N ARG D 182 -38.16 -39.74 -9.00
CA ARG D 182 -37.98 -41.08 -9.57
C ARG D 182 -37.55 -42.07 -8.48
N ALA D 183 -36.70 -41.63 -7.56
CA ALA D 183 -36.27 -42.50 -6.47
C ALA D 183 -37.44 -42.86 -5.57
N MET D 184 -38.26 -41.87 -5.20
CA MET D 184 -39.38 -42.17 -4.32
C MET D 184 -40.38 -43.08 -5.02
N ALA D 185 -40.62 -42.86 -6.32
CA ALA D 185 -41.53 -43.72 -7.05
C ALA D 185 -41.01 -45.15 -7.09
N MET D 186 -39.72 -45.33 -7.38
CA MET D 186 -39.17 -46.68 -7.43
C MET D 186 -39.21 -47.37 -6.07
N VAL D 187 -38.95 -46.61 -5.00
CA VAL D 187 -38.99 -47.21 -3.66
C VAL D 187 -40.42 -47.60 -3.31
N ARG D 188 -41.34 -46.62 -3.34
CA ARG D 188 -42.74 -46.90 -3.01
C ARG D 188 -43.32 -47.99 -3.89
N ALA D 189 -42.84 -48.14 -5.12
CA ALA D 189 -43.32 -49.23 -5.97
C ALA D 189 -42.60 -50.53 -5.68
N ALA D 190 -41.47 -50.48 -4.97
CA ALA D 190 -40.97 -51.70 -4.36
C ALA D 190 -41.90 -52.20 -3.26
N LEU D 191 -42.97 -51.44 -3.01
CA LEU D 191 -44.02 -51.68 -2.02
C LEU D 191 -43.52 -51.97 -0.62
N PRO D 192 -42.55 -51.24 -0.07
CA PRO D 192 -42.28 -51.42 1.35
C PRO D 192 -43.27 -50.58 2.14
N ASP D 193 -43.71 -51.12 3.27
CA ASP D 193 -44.55 -50.32 4.16
C ASP D 193 -43.66 -49.42 4.99
N VAL D 194 -42.81 -48.66 4.31
CA VAL D 194 -41.77 -47.85 4.93
C VAL D 194 -41.99 -46.44 4.42
N PHE D 195 -42.34 -45.53 5.33
CA PHE D 195 -42.64 -44.16 4.91
C PHE D 195 -41.41 -43.53 4.29
N VAL D 196 -41.62 -42.77 3.23
CA VAL D 196 -40.52 -42.21 2.46
C VAL D 196 -40.62 -40.70 2.52
N CYS D 197 -39.54 -40.06 2.96
CA CYS D 197 -39.40 -38.62 2.96
C CYS D 197 -38.45 -38.21 1.85
N SER D 198 -38.57 -36.95 1.43
CA SER D 198 -37.69 -36.40 0.42
C SER D 198 -37.52 -34.91 0.66
N GLY D 199 -36.35 -34.40 0.27
CA GLY D 199 -36.08 -32.98 0.43
C GLY D 199 -37.20 -32.10 -0.12
N HIS D 200 -37.62 -32.38 -1.35
CA HIS D 200 -38.56 -31.48 -2.02
C HIS D 200 -39.94 -31.47 -1.37
N GLU D 201 -40.23 -32.39 -0.46
CA GLU D 201 -41.52 -32.39 0.23
C GLU D 201 -41.39 -32.15 1.73
N VAL D 202 -40.20 -31.81 2.22
CA VAL D 202 -40.04 -31.48 3.63
C VAL D 202 -39.55 -30.05 3.82
N PHE D 203 -38.42 -29.71 3.18
CA PHE D 203 -37.78 -28.41 3.35
C PHE D 203 -37.18 -27.96 2.04
N PRO D 204 -38.01 -27.51 1.09
CA PRO D 204 -37.48 -27.11 -0.22
C PRO D 204 -36.76 -25.78 -0.19
N GLN D 205 -35.57 -25.74 0.43
CA GLN D 205 -34.71 -24.56 0.39
C GLN D 205 -33.25 -25.01 0.32
N ILE D 206 -32.36 -24.05 0.52
CA ILE D 206 -30.90 -24.17 0.39
C ILE D 206 -30.24 -24.98 1.51
N ARG D 207 -28.93 -25.20 1.36
CA ARG D 207 -28.05 -25.82 2.37
C ARG D 207 -28.33 -27.29 2.66
N GLU D 208 -28.00 -28.16 1.70
CA GLU D 208 -28.25 -29.61 1.77
C GLU D 208 -28.01 -30.21 3.15
N TYR D 209 -26.95 -29.85 3.87
CA TYR D 209 -26.74 -30.46 5.17
C TYR D 209 -27.97 -30.34 6.06
N THR D 210 -28.50 -29.13 6.18
CA THR D 210 -29.70 -28.91 6.98
C THR D 210 -30.91 -29.63 6.39
N ARG D 211 -31.06 -29.58 5.07
CA ARG D 211 -32.19 -30.25 4.43
C ARG D 211 -32.15 -31.75 4.67
N THR D 212 -30.97 -32.35 4.59
CA THR D 212 -30.80 -33.78 4.83
C THR D 212 -31.09 -34.12 6.27
N SER D 213 -30.58 -33.30 7.20
CA SER D 213 -30.89 -33.56 8.60
C SER D 213 -32.38 -33.50 8.85
N THR D 214 -33.06 -32.48 8.31
CA THR D 214 -34.51 -32.38 8.49
C THR D 214 -35.24 -33.55 7.85
N THR D 215 -34.84 -33.95 6.64
CA THR D 215 -35.52 -35.06 5.97
C THR D 215 -35.33 -36.35 6.77
N VAL D 216 -34.11 -36.59 7.23
CA VAL D 216 -33.82 -37.82 7.97
C VAL D 216 -34.52 -37.79 9.32
N VAL D 217 -34.61 -36.63 9.97
CA VAL D 217 -35.31 -36.51 11.24
C VAL D 217 -36.80 -36.78 11.07
N ASN D 218 -37.40 -36.20 10.03
CA ASN D 218 -38.81 -36.46 9.79
C ASN D 218 -39.04 -37.94 9.49
N ALA D 219 -38.11 -38.57 8.76
CA ALA D 219 -38.18 -40.02 8.60
C ALA D 219 -38.04 -40.71 9.95
N TYR D 220 -37.22 -40.15 10.84
CA TYR D 220 -36.99 -40.72 12.15
C TYR D 220 -38.25 -40.72 12.99
N LEU D 221 -39.13 -39.75 12.77
CA LEU D 221 -40.25 -39.52 13.67
C LEU D 221 -41.60 -39.93 13.10
N SER D 222 -41.82 -39.80 11.80
CA SER D 222 -43.12 -39.92 11.14
C SER D 222 -44.08 -41.01 11.61
N PRO D 223 -43.70 -42.32 11.64
CA PRO D 223 -44.71 -43.34 11.97
C PRO D 223 -45.09 -43.45 13.44
N VAL D 224 -44.20 -43.02 14.33
CA VAL D 224 -44.56 -42.92 15.75
C VAL D 224 -45.69 -41.91 15.93
N MET D 225 -45.51 -40.72 15.35
CA MET D 225 -46.60 -39.75 15.28
C MET D 225 -47.82 -40.35 14.59
N GLY D 226 -47.59 -41.19 13.58
CA GLY D 226 -48.69 -41.85 12.90
C GLY D 226 -49.57 -42.65 13.85
N ARG D 227 -48.96 -43.57 14.60
CA ARG D 227 -49.73 -44.39 15.53
C ARG D 227 -50.35 -43.56 16.65
N TYR D 228 -49.59 -42.60 17.19
CA TYR D 228 -50.11 -41.78 18.28
C TYR D 228 -51.35 -41.00 17.84
N ILE D 229 -51.25 -40.28 16.71
CA ILE D 229 -52.39 -39.49 16.26
C ILE D 229 -53.50 -40.40 15.74
N GLU D 230 -53.17 -41.58 15.22
CA GLU D 230 -54.22 -42.53 14.83
C GLU D 230 -55.06 -42.92 16.04
N ARG D 231 -54.40 -43.33 17.13
CA ARG D 231 -55.12 -43.67 18.35
C ARG D 231 -55.95 -42.51 18.85
N ILE D 232 -55.41 -41.28 18.80
CA ILE D 232 -56.14 -40.15 19.40
C ILE D 232 -57.34 -39.76 18.52
N ASP D 233 -57.14 -39.76 17.20
CA ASP D 233 -58.24 -39.52 16.26
C ASP D 233 -59.36 -40.53 16.44
N ALA D 234 -59.00 -41.82 16.58
CA ALA D 234 -60.02 -42.84 16.82
C ALA D 234 -60.72 -42.61 18.15
N LEU D 235 -59.95 -42.26 19.19
CA LEU D 235 -60.50 -41.97 20.50
C LEU D 235 -61.59 -40.92 20.41
N PHE D 236 -61.34 -39.85 19.66
CA PHE D 236 -62.32 -38.77 19.63
C PHE D 236 -63.46 -39.01 18.64
N GLU D 237 -63.21 -39.63 17.47
CA GLU D 237 -64.34 -39.87 16.58
C GLU D 237 -65.27 -40.95 17.13
N GLU D 238 -64.75 -41.88 17.93
CA GLU D 238 -65.63 -42.88 18.53
C GLU D 238 -66.40 -42.34 19.74
N LEU D 239 -65.87 -41.33 20.44
CA LEU D 239 -66.63 -40.76 21.56
C LEU D 239 -67.68 -39.76 21.11
N GLY D 240 -67.73 -39.41 19.83
CA GLY D 240 -68.78 -38.56 19.32
C GLY D 240 -68.38 -37.12 19.09
N ALA D 241 -67.09 -36.83 19.00
CA ALA D 241 -66.65 -35.45 18.84
C ALA D 241 -67.15 -34.90 17.52
N GLN D 242 -67.59 -33.65 17.54
CA GLN D 242 -68.24 -33.09 16.35
C GLN D 242 -67.25 -32.98 15.20
N GLN D 243 -66.13 -32.34 15.44
CA GLN D 243 -65.16 -32.19 14.37
C GLN D 243 -64.02 -33.16 14.60
N PRO D 244 -63.30 -33.56 13.55
CA PRO D 244 -62.01 -34.23 13.76
C PRO D 244 -61.11 -33.37 14.63
N THR D 245 -60.33 -34.01 15.49
CA THR D 245 -59.43 -33.26 16.37
C THR D 245 -58.32 -32.58 15.58
N ARG D 246 -57.67 -31.63 16.25
CA ARG D 246 -56.58 -30.85 15.70
C ARG D 246 -55.39 -30.90 16.63
N TYR D 247 -54.20 -30.78 16.05
CA TYR D 247 -52.94 -30.87 16.78
C TYR D 247 -52.15 -29.59 16.53
N PHE D 248 -51.61 -29.03 17.61
CA PHE D 248 -50.98 -27.72 17.55
C PHE D 248 -49.58 -27.84 16.98
N GLN D 249 -49.28 -27.08 15.94
CA GLN D 249 -48.02 -27.17 15.23
C GLN D 249 -46.98 -26.24 15.84
N SER D 250 -45.77 -26.29 15.27
CA SER D 250 -44.75 -25.31 15.57
C SER D 250 -44.92 -24.03 14.75
N ASN D 251 -45.88 -24.01 13.82
CA ASN D 251 -46.21 -22.79 13.10
C ASN D 251 -47.25 -21.96 13.83
N GLY D 252 -47.81 -22.46 14.94
CA GLY D 252 -48.91 -21.80 15.62
C GLY D 252 -50.28 -22.26 15.18
N GLY D 253 -50.36 -23.15 14.18
CA GLY D 253 -51.60 -23.58 13.61
C GLY D 253 -51.93 -25.03 13.91
N LEU D 254 -52.96 -25.53 13.21
CA LEU D 254 -53.62 -26.79 13.54
C LEU D 254 -53.40 -27.83 12.44
N ALA D 255 -52.58 -28.83 12.74
CA ALA D 255 -52.39 -29.96 11.85
C ALA D 255 -53.35 -31.09 12.22
N PRO D 256 -54.30 -31.46 11.35
CA PRO D 256 -55.02 -32.72 11.55
C PRO D 256 -54.07 -33.91 11.49
N GLY D 257 -54.61 -35.08 11.85
CA GLY D 257 -53.81 -36.30 11.82
C GLY D 257 -53.12 -36.56 10.48
N VAL D 258 -53.82 -36.29 9.38
CA VAL D 258 -53.28 -36.53 8.05
C VAL D 258 -53.31 -35.19 7.32
N VAL D 259 -52.14 -34.72 6.92
CA VAL D 259 -51.94 -33.41 6.34
C VAL D 259 -51.21 -33.56 5.01
N MET D 260 -50.86 -32.44 4.39
CA MET D 260 -50.19 -32.52 3.09
C MET D 260 -48.72 -32.85 3.23
N ARG D 261 -48.17 -32.68 4.43
CA ARG D 261 -46.83 -33.14 4.79
C ARG D 261 -46.91 -33.57 6.25
N GLU D 262 -46.72 -34.85 6.54
CA GLU D 262 -46.73 -35.26 7.95
C GLU D 262 -45.33 -35.04 8.54
N ARG D 263 -44.96 -33.77 8.55
CA ARG D 263 -43.69 -33.37 9.12
C ARG D 263 -43.84 -33.47 10.63
N ALA D 264 -43.29 -34.53 11.21
CA ALA D 264 -43.30 -34.64 12.65
C ALA D 264 -42.38 -33.61 13.27
N VAL D 265 -41.42 -33.10 12.48
CA VAL D 265 -40.53 -32.05 12.95
C VAL D 265 -41.33 -30.85 13.43
N ASN D 266 -42.53 -30.65 12.89
CA ASN D 266 -43.43 -29.60 13.37
C ASN D 266 -44.18 -30.01 14.63
N ALA D 267 -43.80 -31.14 15.23
CA ALA D 267 -44.31 -31.53 16.54
C ALA D 267 -43.23 -31.43 17.61
N ILE D 268 -42.03 -31.00 17.25
CA ILE D 268 -40.94 -30.91 18.23
C ILE D 268 -41.13 -29.64 19.05
N ASN D 269 -41.37 -29.81 20.35
CA ASN D 269 -41.47 -28.71 21.30
C ASN D 269 -42.43 -27.62 20.81
N SER D 270 -43.56 -28.05 20.26
CA SER D 270 -44.66 -27.15 19.92
C SER D 270 -45.58 -26.84 21.11
N GLY D 271 -45.31 -27.43 22.28
CA GLY D 271 -46.16 -27.27 23.44
C GLY D 271 -46.32 -25.83 23.89
N PRO D 272 -45.31 -25.27 24.55
CA PRO D 272 -45.31 -23.84 24.88
C PRO D 272 -44.82 -22.97 23.73
N ALA D 273 -45.30 -23.25 22.53
CA ALA D 273 -45.19 -22.33 21.40
C ALA D 273 -46.47 -21.54 21.16
N SER D 274 -47.53 -21.82 21.92
CA SER D 274 -48.78 -21.06 21.82
C SER D 274 -48.66 -19.67 22.40
N ALA D 275 -47.64 -19.41 23.20
CA ALA D 275 -47.45 -18.18 23.97
C ALA D 275 -47.82 -16.90 23.21
N PRO D 276 -47.42 -16.72 21.93
CA PRO D 276 -47.81 -15.48 21.23
C PRO D 276 -49.26 -15.44 20.77
N GLN D 277 -49.83 -16.57 20.35
CA GLN D 277 -51.24 -16.59 19.99
C GLN D 277 -52.12 -16.18 21.16
N ALA D 278 -51.78 -16.65 22.37
CA ALA D 278 -52.49 -16.20 23.56
C ALA D 278 -52.15 -14.74 23.90
N GLY D 279 -50.88 -14.37 23.75
CA GLY D 279 -50.48 -12.99 23.98
C GLY D 279 -51.28 -12.00 23.17
N LEU D 280 -51.61 -12.37 21.93
CA LEU D 280 -52.41 -11.50 21.07
C LEU D 280 -53.78 -11.24 21.68
N CYS D 281 -54.34 -12.22 22.38
CA CYS D 281 -55.63 -12.10 23.04
C CYS D 281 -55.57 -11.47 24.43
N VAL D 282 -54.40 -11.50 25.09
CA VAL D 282 -54.29 -10.89 26.42
C VAL D 282 -54.34 -9.37 26.35
N ALA D 283 -53.83 -8.79 25.27
CA ALA D 283 -53.56 -7.35 25.18
C ALA D 283 -54.75 -6.54 24.65
N GLN D 284 -55.77 -7.19 24.08
CA GLN D 284 -56.77 -6.44 23.30
C GLN D 284 -57.49 -5.33 24.06
N PRO D 285 -57.94 -5.50 25.32
CA PRO D 285 -58.57 -4.36 26.01
C PRO D 285 -57.65 -3.16 26.13
N PHE D 286 -56.34 -3.36 25.96
CA PHE D 286 -55.37 -2.28 26.00
C PHE D 286 -54.98 -1.78 24.60
N GLY D 287 -55.35 -2.51 23.55
CA GLY D 287 -55.08 -2.05 22.19
C GLY D 287 -53.64 -2.15 21.75
N ILE D 288 -52.88 -3.10 22.28
CA ILE D 288 -51.46 -3.27 21.97
C ILE D 288 -51.28 -4.37 20.94
N ASP D 289 -50.50 -4.08 19.90
CA ASP D 289 -50.29 -5.03 18.80
C ASP D 289 -49.17 -6.03 19.10
N ASN D 290 -48.00 -5.55 19.54
CA ASN D 290 -46.82 -6.39 19.72
C ASN D 290 -46.43 -6.48 21.18
N VAL D 291 -46.37 -7.71 21.70
CA VAL D 291 -46.12 -8.01 23.10
C VAL D 291 -45.12 -9.14 23.21
N ILE D 292 -44.56 -9.29 24.41
CA ILE D 292 -43.47 -10.23 24.68
C ILE D 292 -43.93 -11.19 25.76
N THR D 293 -43.86 -12.49 25.47
CA THR D 293 -44.21 -13.50 26.46
C THR D 293 -42.97 -13.95 27.20
N VAL D 294 -43.10 -14.10 28.54
CA VAL D 294 -41.99 -14.46 29.42
C VAL D 294 -42.32 -15.71 30.24
N ASP D 295 -43.04 -16.67 29.65
CA ASP D 295 -43.58 -17.83 30.37
C ASP D 295 -42.49 -18.62 31.08
N MET D 296 -42.72 -18.97 32.35
CA MET D 296 -41.73 -19.73 33.08
C MET D 296 -42.40 -20.66 34.09
N GLY D 297 -41.64 -21.68 34.48
CA GLY D 297 -41.95 -22.56 35.60
C GLY D 297 -40.70 -22.88 36.38
N GLY D 298 -40.70 -23.98 37.13
CA GLY D 298 -39.47 -24.45 37.73
C GLY D 298 -38.48 -25.01 36.74
N THR D 299 -38.86 -25.12 35.46
CA THR D 299 -38.01 -25.72 34.43
C THR D 299 -37.08 -24.71 33.76
N SER D 300 -37.63 -23.69 33.11
CA SER D 300 -36.80 -22.74 32.37
C SER D 300 -37.55 -21.43 32.15
N PHE D 301 -37.02 -20.60 31.24
CA PHE D 301 -37.55 -19.28 30.91
C PHE D 301 -37.77 -19.24 29.41
N ASP D 302 -39.02 -19.03 28.98
CA ASP D 302 -39.41 -19.15 27.58
C ASP D 302 -40.09 -17.87 27.10
N ILE D 303 -39.48 -17.19 26.13
CA ILE D 303 -39.87 -15.86 25.71
C ILE D 303 -40.11 -15.81 24.21
N THR D 304 -41.01 -14.93 23.78
CA THR D 304 -41.23 -14.75 22.33
C THR D 304 -41.86 -13.39 22.04
N LEU D 305 -41.64 -12.94 20.81
CA LEU D 305 -42.25 -11.73 20.25
C LEU D 305 -43.60 -12.04 19.61
N SER D 306 -44.35 -10.98 19.28
CA SER D 306 -45.62 -11.17 18.58
C SER D 306 -45.73 -10.50 17.21
N LYS D 307 -45.58 -9.17 17.13
CA LYS D 307 -46.02 -8.41 15.95
C LYS D 307 -44.95 -7.40 15.51
N GLY D 308 -45.25 -6.72 14.40
CA GLY D 308 -44.29 -5.82 13.78
C GLY D 308 -43.59 -6.57 12.67
N GLY D 309 -44.39 -6.98 11.67
CA GLY D 309 -43.96 -7.91 10.66
C GLY D 309 -44.30 -9.35 10.98
N ARG D 310 -44.78 -9.61 12.20
CA ARG D 310 -45.17 -10.96 12.62
C ARG D 310 -43.94 -11.89 12.67
N THR D 311 -42.84 -11.35 13.17
CA THR D 311 -41.60 -12.10 13.37
C THR D 311 -41.69 -13.12 14.50
N ASN D 312 -42.42 -14.20 14.26
CA ASN D 312 -42.46 -15.37 15.12
C ASN D 312 -42.18 -16.63 14.31
N PHE D 313 -41.16 -16.61 13.45
CA PHE D 313 -40.78 -17.78 12.68
C PHE D 313 -39.27 -18.00 12.85
N SER D 314 -38.73 -19.07 12.25
CA SER D 314 -37.34 -19.42 12.53
C SER D 314 -36.59 -19.90 11.29
N LYS D 315 -35.36 -20.32 11.57
CA LYS D 315 -34.33 -20.80 10.65
C LYS D 315 -33.97 -22.23 11.02
N ASP D 316 -32.78 -22.66 10.61
CA ASP D 316 -32.34 -24.01 10.95
C ASP D 316 -32.19 -24.10 12.46
N SER D 317 -33.25 -24.57 13.11
CA SER D 317 -33.28 -24.71 14.56
C SER D 317 -32.29 -25.77 15.00
N ASP D 318 -31.86 -25.67 16.26
CA ASP D 318 -30.94 -26.63 16.85
C ASP D 318 -31.70 -27.33 17.98
N PHE D 319 -32.42 -28.38 17.60
CA PHE D 319 -33.17 -29.16 18.58
C PHE D 319 -32.32 -30.33 19.02
N LEU D 320 -31.77 -30.24 20.22
CA LEU D 320 -31.13 -31.39 20.87
C LEU D 320 -30.07 -31.99 19.96
N ARG D 321 -29.20 -31.12 19.46
CA ARG D 321 -27.99 -31.40 18.73
C ARG D 321 -28.30 -31.61 17.24
N TYR D 322 -29.53 -31.38 16.78
CA TYR D 322 -29.89 -31.66 15.39
C TYR D 322 -30.39 -30.40 14.70
N ARG D 323 -29.83 -30.13 13.51
CA ARG D 323 -30.12 -28.94 12.72
C ARG D 323 -31.31 -29.22 11.82
N ILE D 324 -32.47 -28.70 12.20
CA ILE D 324 -33.73 -28.93 11.51
C ILE D 324 -34.11 -27.66 10.77
N GLY D 325 -34.42 -27.76 9.49
CA GLY D 325 -34.56 -26.53 8.73
C GLY D 325 -35.93 -25.89 8.68
N VAL D 326 -36.98 -26.65 9.00
CA VAL D 326 -38.34 -26.15 8.80
C VAL D 326 -38.59 -24.93 9.69
N PRO D 327 -39.20 -23.87 9.19
CA PRO D 327 -39.47 -22.69 10.01
C PRO D 327 -40.40 -23.00 11.19
N MET D 328 -40.06 -22.45 12.36
CA MET D 328 -40.82 -22.64 13.59
C MET D 328 -40.85 -21.33 14.37
N ILE D 329 -41.74 -21.23 15.34
CA ILE D 329 -41.76 -20.04 16.19
C ILE D 329 -40.58 -20.13 17.15
N GLN D 330 -39.77 -19.08 17.22
CA GLN D 330 -38.53 -19.12 17.98
C GLN D 330 -38.76 -18.86 19.46
N VAL D 331 -38.28 -19.78 20.29
CA VAL D 331 -38.32 -19.72 21.75
C VAL D 331 -36.89 -19.85 22.25
N GLU D 332 -36.69 -19.60 23.55
CA GLU D 332 -35.35 -19.59 24.13
C GLU D 332 -35.22 -20.55 25.29
N THR D 333 -34.32 -21.55 25.15
CA THR D 333 -33.93 -22.43 26.26
C THR D 333 -32.42 -22.49 26.42
N LEU D 334 -31.91 -21.93 27.52
CA LEU D 334 -30.49 -22.06 27.87
C LEU D 334 -30.31 -22.81 29.19
N GLY D 335 -30.94 -22.33 30.25
CA GLY D 335 -30.78 -22.85 31.60
C GLY D 335 -32.09 -22.70 32.35
N ALA D 336 -32.05 -22.78 33.67
CA ALA D 336 -33.28 -22.73 34.46
C ALA D 336 -33.76 -21.30 34.65
N GLY D 337 -35.05 -21.08 34.43
CA GLY D 337 -35.61 -19.75 34.49
C GLY D 337 -35.99 -19.33 35.89
N GLY D 338 -37.06 -19.91 36.42
CA GLY D 338 -37.55 -19.56 37.74
C GLY D 338 -36.93 -20.27 38.92
N GLY D 339 -37.00 -21.60 38.92
CA GLY D 339 -36.48 -22.42 40.01
C GLY D 339 -35.04 -22.88 39.88
N SER D 340 -34.09 -21.95 39.90
CA SER D 340 -32.67 -22.28 39.76
C SER D 340 -31.93 -22.14 41.10
N ILE D 341 -30.69 -22.70 41.10
CA ILE D 341 -29.83 -22.82 42.27
C ILE D 341 -28.92 -21.61 42.39
N ALA D 342 -28.49 -21.34 43.62
CA ALA D 342 -27.46 -20.33 43.87
C ALA D 342 -26.08 -20.95 43.65
N HIS D 343 -25.74 -21.14 42.38
CA HIS D 343 -24.41 -21.62 42.02
C HIS D 343 -23.35 -20.56 42.32
N LEU D 344 -22.18 -21.02 42.74
CA LEU D 344 -21.09 -20.08 43.04
C LEU D 344 -19.74 -20.70 42.67
N ASP D 345 -19.15 -20.24 41.57
CA ASP D 345 -17.82 -20.70 41.21
C ASP D 345 -16.82 -20.03 42.15
N ASP D 346 -15.58 -20.51 42.11
CA ASP D 346 -14.54 -19.89 42.93
C ASP D 346 -13.80 -18.78 42.19
N PHE D 347 -14.58 -17.93 41.52
CA PHE D 347 -14.08 -16.71 40.89
C PHE D 347 -14.75 -15.48 41.47
N GLY D 348 -15.49 -15.61 42.56
CA GLY D 348 -16.27 -14.48 43.01
C GLY D 348 -17.50 -14.24 42.16
N MET D 349 -17.77 -15.15 41.22
CA MET D 349 -18.88 -15.05 40.30
C MET D 349 -19.95 -15.97 40.86
N LEU D 350 -21.04 -15.41 41.34
CA LEU D 350 -22.17 -16.25 41.73
C LEU D 350 -23.00 -16.41 40.47
N GLN D 351 -22.70 -17.45 39.71
CA GLN D 351 -23.36 -17.69 38.43
C GLN D 351 -24.72 -18.34 38.66
N VAL D 352 -25.46 -17.76 39.61
CA VAL D 352 -26.76 -18.25 40.03
C VAL D 352 -27.66 -18.36 38.80
N GLY D 353 -28.26 -19.52 38.62
CA GLY D 353 -29.17 -19.73 37.53
C GLY D 353 -28.78 -20.72 36.42
N PRO D 354 -27.64 -21.45 36.52
CA PRO D 354 -27.33 -22.36 35.41
C PRO D 354 -28.12 -23.64 35.56
N ARG D 355 -28.32 -24.04 36.81
CA ARG D 355 -28.82 -25.34 37.21
C ARG D 355 -30.08 -25.15 38.04
N SER D 356 -31.02 -26.06 37.86
CA SER D 356 -32.34 -25.95 38.47
C SER D 356 -32.32 -26.42 39.92
N ALA D 357 -32.96 -25.64 40.78
CA ALA D 357 -33.26 -26.10 42.13
C ALA D 357 -33.98 -27.43 42.09
N GLY D 358 -34.75 -27.66 41.03
CA GLY D 358 -35.45 -28.91 40.80
C GLY D 358 -36.69 -29.04 41.65
N ALA D 359 -37.35 -30.18 41.48
CA ALA D 359 -38.52 -30.50 42.28
C ALA D 359 -38.23 -31.47 43.40
N ASN D 360 -37.22 -32.33 43.25
CA ASN D 360 -37.02 -33.41 44.21
C ASN D 360 -36.35 -32.94 45.50
N PRO D 361 -35.13 -32.35 45.48
CA PRO D 361 -34.64 -31.73 46.71
C PRO D 361 -35.31 -30.40 47.00
N GLY D 362 -35.78 -29.71 45.96
CA GLY D 362 -36.48 -28.47 46.15
C GLY D 362 -35.57 -27.38 46.68
N PRO D 363 -36.06 -26.15 46.68
CA PRO D 363 -35.43 -25.11 47.49
C PRO D 363 -35.31 -25.54 48.95
N VAL D 364 -34.34 -24.99 49.69
CA VAL D 364 -34.22 -25.29 51.10
C VAL D 364 -35.50 -24.95 51.86
N CYS D 365 -36.29 -24.00 51.35
CA CYS D 365 -37.57 -23.69 51.96
C CYS D 365 -38.48 -24.92 52.02
N TYR D 366 -38.44 -25.78 51.00
CA TYR D 366 -39.33 -26.93 50.99
C TYR D 366 -38.88 -28.01 51.96
N GLY D 367 -37.61 -28.01 52.36
CA GLY D 367 -37.13 -28.94 53.36
C GLY D 367 -37.02 -30.37 52.91
N LYS D 368 -37.12 -30.63 51.61
CA LYS D 368 -37.12 -31.98 51.06
C LYS D 368 -35.73 -32.50 50.78
N GLY D 369 -34.69 -31.85 51.29
CA GLY D 369 -33.32 -32.26 51.01
C GLY D 369 -32.48 -31.12 50.46
N GLY D 370 -33.06 -29.92 50.43
CA GLY D 370 -32.37 -28.78 49.87
C GLY D 370 -31.19 -28.37 50.73
N VAL D 371 -29.99 -28.33 50.15
CA VAL D 371 -28.81 -27.88 50.88
C VAL D 371 -28.44 -26.47 50.44
N GLU D 372 -28.14 -26.30 49.14
CA GLU D 372 -27.75 -25.00 48.61
C GLU D 372 -28.95 -24.09 48.41
N PRO D 373 -28.77 -22.78 48.61
CA PRO D 373 -29.86 -21.83 48.38
C PRO D 373 -30.25 -21.79 46.92
N THR D 374 -31.51 -21.41 46.68
CA THR D 374 -32.08 -21.31 45.35
C THR D 374 -32.70 -19.93 45.19
N VAL D 375 -33.24 -19.66 44.00
CA VAL D 375 -33.90 -18.38 43.74
C VAL D 375 -35.14 -18.21 44.62
N THR D 376 -35.94 -19.26 44.74
CA THR D 376 -37.09 -19.21 45.64
C THR D 376 -36.66 -18.91 47.07
N ASP D 377 -35.49 -19.39 47.47
CA ASP D 377 -35.02 -19.18 48.83
C ASP D 377 -34.75 -17.71 49.11
N ALA D 378 -34.11 -17.02 48.17
CA ALA D 378 -33.90 -15.59 48.36
C ALA D 378 -35.20 -14.82 48.27
N ASN D 379 -36.11 -15.26 47.38
CA ASN D 379 -37.42 -14.63 47.27
C ASN D 379 -38.15 -14.66 48.60
N LEU D 380 -38.17 -15.82 49.25
CA LEU D 380 -38.81 -15.93 50.56
C LEU D 380 -38.01 -15.19 51.64
N ALA D 381 -36.67 -15.26 51.58
CA ALA D 381 -35.83 -14.56 52.54
C ALA D 381 -36.09 -13.07 52.57
N LEU D 382 -36.47 -12.48 51.43
CA LEU D 382 -36.76 -11.05 51.40
C LEU D 382 -38.20 -10.73 51.75
N GLY D 383 -39.04 -11.74 52.03
CA GLY D 383 -40.42 -11.51 52.40
C GLY D 383 -41.38 -11.33 51.25
N TYR D 384 -41.08 -11.87 50.08
CA TYR D 384 -41.98 -11.79 48.93
C TYR D 384 -42.98 -12.92 48.90
N LEU D 385 -42.63 -14.04 49.53
CA LEU D 385 -43.43 -15.25 49.60
C LEU D 385 -43.72 -15.62 51.04
N ALA D 386 -44.74 -16.45 51.22
CA ALA D 386 -45.17 -16.89 52.54
C ALA D 386 -44.80 -18.35 52.70
N ASP D 387 -45.29 -18.95 53.77
CA ASP D 387 -44.88 -20.29 54.18
C ASP D 387 -46.02 -21.28 53.90
N GLY D 388 -46.04 -21.82 52.69
CA GLY D 388 -47.02 -22.83 52.34
C GLY D 388 -47.91 -22.49 51.17
N ALA D 389 -47.42 -21.69 50.22
CA ALA D 389 -48.27 -21.17 49.17
C ALA D 389 -47.57 -21.14 47.81
N LEU D 390 -46.89 -22.22 47.44
CA LEU D 390 -46.33 -22.31 46.09
C LEU D 390 -46.96 -23.41 45.26
N LEU D 391 -46.85 -24.67 45.68
CA LEU D 391 -47.35 -25.80 44.91
C LEU D 391 -48.28 -26.63 45.78
N GLY D 392 -49.19 -27.36 45.14
CA GLY D 392 -50.17 -28.13 45.88
C GLY D 392 -49.66 -29.49 46.32
N GLY D 393 -48.78 -29.50 47.30
CA GLY D 393 -48.23 -30.73 47.84
C GLY D 393 -47.63 -30.44 49.19
N SER D 394 -46.56 -31.17 49.53
CA SER D 394 -45.76 -30.82 50.70
C SER D 394 -45.06 -29.50 50.42
N ILE D 395 -45.46 -28.43 51.10
CA ILE D 395 -44.93 -27.10 50.84
C ILE D 395 -43.96 -26.68 51.94
N ARG D 396 -44.45 -26.53 53.17
CA ARG D 396 -43.63 -26.34 54.37
C ARG D 396 -42.51 -25.33 54.15
N LEU D 397 -42.87 -24.11 53.77
CA LEU D 397 -41.84 -23.16 53.35
C LEU D 397 -41.24 -22.52 54.59
N ASN D 398 -40.04 -22.96 54.96
CA ASN D 398 -39.31 -22.36 56.06
C ASN D 398 -38.50 -21.18 55.54
N ARG D 399 -38.83 -19.98 56.04
CA ARG D 399 -38.02 -18.82 55.69
C ARG D 399 -36.65 -18.93 56.32
N GLN D 400 -36.61 -19.37 57.59
CA GLN D 400 -35.35 -19.41 58.31
C GLN D 400 -34.40 -20.41 57.65
N ALA D 401 -34.93 -21.46 57.03
CA ALA D 401 -34.08 -22.35 56.24
C ALA D 401 -33.45 -21.59 55.08
N ALA D 402 -34.23 -20.73 54.41
CA ALA D 402 -33.69 -19.93 53.31
C ALA D 402 -32.62 -18.97 53.80
N ILE D 403 -32.87 -18.32 54.94
CA ILE D 403 -31.90 -17.37 55.46
C ILE D 403 -30.62 -18.08 55.89
N ASP D 404 -30.75 -19.22 56.58
CA ASP D 404 -29.56 -19.96 56.99
C ASP D 404 -28.77 -20.45 55.78
N ALA D 405 -29.46 -20.84 54.71
CA ALA D 405 -28.75 -21.32 53.53
C ALA D 405 -28.05 -20.19 52.78
N ILE D 406 -28.74 -19.07 52.59
CA ILE D 406 -28.12 -17.88 51.99
C ILE D 406 -26.94 -17.43 52.83
N ARG D 407 -27.07 -17.51 54.16
CA ARG D 407 -26.01 -17.10 55.07
C ARG D 407 -24.78 -17.97 54.89
N SER D 408 -24.90 -19.27 55.16
CA SER D 408 -23.71 -20.11 55.22
C SER D 408 -23.18 -20.56 53.85
N LYS D 409 -24.00 -20.54 52.80
CA LYS D 409 -23.54 -21.04 51.51
C LYS D 409 -23.21 -19.96 50.48
N ILE D 410 -23.77 -18.75 50.60
CA ILE D 410 -23.50 -17.66 49.67
C ILE D 410 -22.85 -16.48 50.37
N ALA D 411 -23.48 -16.01 51.46
CA ALA D 411 -22.96 -14.83 52.17
C ALA D 411 -21.58 -15.12 52.76
N GLU D 412 -21.44 -16.25 53.46
CA GLU D 412 -20.20 -16.64 54.12
C GLU D 412 -19.01 -16.68 53.16
N PRO D 413 -19.08 -17.41 52.03
CA PRO D 413 -17.91 -17.43 51.14
C PRO D 413 -17.66 -16.10 50.45
N LEU D 414 -18.70 -15.29 50.24
CA LEU D 414 -18.55 -14.03 49.54
C LEU D 414 -18.24 -12.86 50.47
N GLY D 415 -18.29 -13.06 51.79
CA GLY D 415 -18.00 -11.99 52.72
C GLY D 415 -19.01 -10.87 52.67
N ILE D 416 -20.29 -11.19 52.50
CA ILE D 416 -21.35 -10.22 52.31
C ILE D 416 -22.50 -10.51 53.27
N SER D 417 -23.27 -9.47 53.58
CA SER D 417 -24.42 -9.65 54.46
C SER D 417 -25.53 -10.43 53.74
N VAL D 418 -26.51 -10.87 54.52
CA VAL D 418 -27.63 -11.64 53.95
C VAL D 418 -28.39 -10.82 52.92
N GLU D 419 -28.50 -9.51 53.14
CA GLU D 419 -29.22 -8.66 52.20
C GLU D 419 -28.58 -8.73 50.82
N ARG D 420 -27.25 -8.61 50.78
CA ARG D 420 -26.54 -8.62 49.51
C ARG D 420 -26.76 -9.93 48.77
N ALA D 421 -26.54 -11.04 49.44
CA ALA D 421 -26.65 -12.34 48.77
C ALA D 421 -28.06 -12.61 48.27
N ALA D 422 -29.08 -12.31 49.07
CA ALA D 422 -30.45 -12.56 48.61
C ALA D 422 -30.80 -11.69 47.40
N VAL D 423 -30.56 -10.38 47.52
CA VAL D 423 -30.93 -9.50 46.42
C VAL D 423 -30.10 -9.82 45.20
N GLY D 424 -28.89 -10.34 45.39
CA GLY D 424 -27.99 -10.64 44.29
C GLY D 424 -28.38 -11.90 43.56
N ILE D 425 -28.77 -12.96 44.28
CA ILE D 425 -29.39 -14.11 43.64
C ILE D 425 -30.48 -13.63 42.69
N ILE D 426 -31.38 -12.79 43.22
CA ILE D 426 -32.50 -12.34 42.38
C ILE D 426 -31.99 -11.50 41.21
N THR D 427 -31.04 -10.60 41.48
CA THR D 427 -30.45 -9.73 40.46
C THR D 427 -29.88 -10.52 39.29
N LEU D 428 -29.05 -11.52 39.59
CA LEU D 428 -28.35 -12.24 38.55
C LEU D 428 -29.30 -13.13 37.76
N VAL D 429 -30.30 -13.70 38.42
CA VAL D 429 -31.32 -14.41 37.64
C VAL D 429 -31.99 -13.44 36.66
N ASN D 430 -32.32 -12.24 37.12
CA ASN D 430 -32.92 -11.27 36.21
C ASN D 430 -31.99 -10.89 35.07
N LEU D 431 -30.67 -10.80 35.32
CA LEU D 431 -29.77 -10.45 34.23
C LEU D 431 -29.69 -11.55 33.18
N SER D 432 -29.68 -12.81 33.62
CA SER D 432 -29.78 -13.89 32.64
C SER D 432 -31.08 -13.75 31.83
N MET D 433 -32.17 -13.40 32.50
CA MET D 433 -33.44 -13.21 31.80
C MET D 433 -33.37 -12.05 30.79
N VAL D 434 -32.74 -10.94 31.18
CA VAL D 434 -32.61 -9.79 30.29
C VAL D 434 -31.84 -10.17 29.04
N SER D 435 -30.74 -10.89 29.21
CA SER D 435 -29.98 -11.35 28.05
C SER D 435 -30.87 -12.21 27.15
N GLY D 436 -31.63 -13.11 27.75
CA GLY D 436 -32.58 -13.89 26.96
C GLY D 436 -33.54 -13.03 26.18
N ILE D 437 -34.14 -12.03 26.85
CA ILE D 437 -35.10 -11.14 26.20
C ILE D 437 -34.45 -10.47 24.99
N ARG D 438 -33.21 -9.99 25.16
CA ARG D 438 -32.47 -9.41 24.05
C ARG D 438 -32.37 -10.38 22.89
N ARG D 439 -32.11 -11.67 23.20
CA ARG D 439 -31.82 -12.66 22.15
C ARG D 439 -32.90 -12.71 21.06
N VAL D 440 -34.14 -12.39 21.38
CA VAL D 440 -35.20 -12.36 20.37
C VAL D 440 -35.69 -10.96 20.08
N SER D 441 -35.46 -9.99 20.96
CA SER D 441 -36.02 -8.66 20.72
C SER D 441 -35.13 -7.86 19.76
N ILE D 442 -33.83 -7.83 20.01
CA ILE D 442 -32.94 -7.08 19.14
C ILE D 442 -32.64 -7.86 17.86
N GLU D 443 -32.39 -9.18 17.99
CA GLU D 443 -32.08 -9.98 16.81
C GLU D 443 -33.21 -10.02 15.80
N ARG D 444 -34.43 -9.73 16.21
CA ARG D 444 -35.57 -9.69 15.30
C ARG D 444 -36.14 -8.29 15.13
N GLY D 445 -35.45 -7.28 15.67
CA GLY D 445 -36.00 -5.94 15.70
C GLY D 445 -35.16 -4.93 16.45
N TYR D 446 -35.79 -4.19 17.34
CA TYR D 446 -35.21 -3.03 17.99
C TYR D 446 -35.48 -3.08 19.48
N ASP D 447 -35.09 -2.00 20.16
CA ASP D 447 -35.09 -1.84 21.60
C ASP D 447 -36.34 -2.43 22.24
N PRO D 448 -36.19 -3.35 23.19
CA PRO D 448 -37.36 -3.91 23.88
C PRO D 448 -38.13 -2.89 24.70
N ARG D 449 -37.61 -1.65 24.82
CA ARG D 449 -38.25 -0.62 25.63
C ARG D 449 -39.70 -0.34 25.20
N ASP D 450 -40.04 -0.62 23.93
CA ASP D 450 -41.33 -0.21 23.38
C ASP D 450 -42.48 -1.20 23.59
N PHE D 451 -42.24 -2.39 24.11
CA PHE D 451 -43.25 -3.43 24.08
C PHE D 451 -43.86 -3.64 25.46
N ALA D 452 -44.97 -4.38 25.48
CA ALA D 452 -45.62 -4.79 26.72
C ALA D 452 -45.23 -6.21 27.09
N LEU D 453 -44.90 -6.41 28.37
CA LEU D 453 -44.66 -7.74 28.91
C LEU D 453 -45.96 -8.49 29.15
N ILE D 454 -45.90 -9.81 28.99
CA ILE D 454 -46.96 -10.73 29.36
C ILE D 454 -46.33 -11.88 30.15
N GLY D 455 -46.66 -11.97 31.43
CA GLY D 455 -46.26 -13.11 32.22
C GLY D 455 -47.16 -14.31 32.00
N ALA D 456 -46.65 -15.47 32.38
CA ALA D 456 -47.35 -16.73 32.16
C ALA D 456 -46.62 -17.83 32.90
N GLY D 457 -47.25 -19.00 32.94
CA GLY D 457 -46.68 -20.15 33.60
C GLY D 457 -46.95 -20.10 35.09
N GLY D 458 -45.90 -20.13 35.89
CA GLY D 458 -46.02 -20.19 37.34
C GLY D 458 -45.62 -18.88 38.00
N ALA D 459 -44.38 -18.83 38.47
CA ALA D 459 -43.70 -17.80 39.24
C ALA D 459 -43.48 -16.52 38.47
N ALA D 460 -44.01 -16.38 37.25
CA ALA D 460 -43.78 -15.17 36.46
C ALA D 460 -44.15 -13.91 37.23
N GLY D 461 -45.28 -13.91 37.93
CA GLY D 461 -45.66 -12.75 38.72
C GLY D 461 -44.63 -12.35 39.76
N MET D 462 -43.70 -13.24 40.09
CA MET D 462 -42.63 -12.96 41.03
C MET D 462 -41.45 -12.25 40.38
N HIS D 463 -41.33 -12.29 39.05
CA HIS D 463 -40.14 -11.76 38.39
C HIS D 463 -40.40 -10.91 37.16
N VAL D 464 -41.62 -10.89 36.62
CA VAL D 464 -41.90 -10.08 35.43
C VAL D 464 -41.40 -8.67 35.62
N MET D 465 -41.74 -8.07 36.76
CA MET D 465 -41.39 -6.68 37.05
C MET D 465 -39.89 -6.45 36.89
N ARG D 466 -39.07 -7.39 37.38
CA ARG D 466 -37.62 -7.28 37.24
C ARG D 466 -37.22 -6.86 35.84
N LEU D 467 -37.79 -7.51 34.81
CA LEU D 467 -37.49 -7.13 33.45
C LEU D 467 -38.03 -5.74 33.12
N ALA D 468 -39.31 -5.51 33.42
CA ALA D 468 -39.95 -4.23 33.11
C ALA D 468 -39.21 -3.07 33.76
N GLU D 469 -38.65 -3.28 34.95
CA GLU D 469 -37.90 -2.22 35.63
C GLU D 469 -36.66 -1.81 34.84
N GLU D 470 -35.98 -2.78 34.22
CA GLU D 470 -34.79 -2.51 33.44
C GLU D 470 -35.02 -2.41 31.93
N ILE D 471 -36.00 -3.14 31.39
CA ILE D 471 -36.24 -3.07 29.95
C ILE D 471 -36.77 -1.70 29.56
N GLY D 472 -37.59 -1.11 30.41
CA GLY D 472 -38.22 0.15 30.11
C GLY D 472 -39.64 0.04 29.60
N SER D 473 -40.23 -1.16 29.65
CA SER D 473 -41.60 -1.34 29.22
C SER D 473 -42.51 -0.47 30.07
N LYS D 474 -43.38 0.30 29.41
CA LYS D 474 -44.28 1.17 30.17
C LYS D 474 -45.41 0.36 30.81
N VAL D 475 -46.08 -0.48 30.04
CA VAL D 475 -47.25 -1.20 30.51
C VAL D 475 -46.84 -2.63 30.79
N VAL D 476 -47.25 -3.17 31.94
CA VAL D 476 -47.08 -4.58 32.24
C VAL D 476 -48.44 -5.23 32.32
N LEU D 477 -48.60 -6.37 31.63
CA LEU D 477 -49.81 -7.16 31.65
C LEU D 477 -49.50 -8.50 32.32
N ILE D 478 -50.21 -8.82 33.39
CA ILE D 478 -50.06 -10.12 34.04
C ILE D 478 -51.43 -10.75 34.12
N PRO D 479 -51.73 -11.77 33.31
CA PRO D 479 -53.04 -12.41 33.37
C PRO D 479 -53.39 -12.93 34.75
N LYS D 480 -54.60 -12.59 35.21
CA LYS D 480 -55.09 -13.09 36.49
C LYS D 480 -55.36 -14.58 36.44
N VAL D 481 -55.81 -15.10 35.31
CA VAL D 481 -55.89 -16.54 35.16
C VAL D 481 -54.46 -16.98 34.85
N ALA D 482 -53.71 -17.29 35.90
CA ALA D 482 -52.26 -17.40 35.76
C ALA D 482 -51.83 -18.66 35.04
N SER D 483 -52.45 -19.80 35.36
CA SER D 483 -52.07 -21.07 34.76
C SER D 483 -52.76 -21.33 33.43
N GLY D 484 -53.49 -20.35 32.90
CA GLY D 484 -54.25 -20.54 31.68
C GLY D 484 -53.49 -20.32 30.39
N LEU D 485 -52.43 -19.52 30.42
CA LEU D 485 -51.93 -18.87 29.20
C LEU D 485 -51.48 -19.88 28.15
N CYS D 486 -50.49 -20.73 28.47
CA CYS D 486 -50.00 -21.67 27.46
C CYS D 486 -51.12 -22.55 26.88
N ALA D 487 -52.28 -22.53 27.50
CA ALA D 487 -53.50 -23.19 27.06
C ALA D 487 -54.32 -22.34 26.09
N PHE D 488 -54.58 -21.08 26.47
CA PHE D 488 -55.42 -20.19 25.67
C PHE D 488 -54.97 -20.17 24.22
N GLY D 489 -53.67 -19.97 24.00
CA GLY D 489 -53.11 -19.82 22.67
C GLY D 489 -53.27 -21.04 21.78
N GLN D 490 -53.52 -22.21 22.37
CA GLN D 490 -53.81 -23.37 21.54
C GLN D 490 -55.28 -23.47 21.19
N ILE D 491 -56.16 -23.02 22.08
CA ILE D 491 -57.58 -23.00 21.78
C ILE D 491 -57.89 -21.91 20.75
N LEU D 492 -57.17 -20.79 20.80
CA LEU D 492 -57.36 -19.67 19.90
C LEU D 492 -56.53 -19.78 18.63
N SER D 493 -55.99 -20.96 18.33
CA SER D 493 -55.13 -21.15 17.16
C SER D 493 -55.96 -21.37 15.91
N ASP D 494 -55.68 -20.59 14.87
CA ASP D 494 -56.34 -20.75 13.58
C ASP D 494 -55.52 -21.70 12.72
N ILE D 495 -55.87 -21.86 11.45
CA ILE D 495 -55.14 -22.81 10.58
C ILE D 495 -53.99 -22.08 9.90
N ARG D 496 -52.80 -22.70 9.93
CA ARG D 496 -51.59 -22.08 9.39
C ARG D 496 -50.81 -23.10 8.56
N TYR D 497 -50.70 -22.82 7.26
CA TYR D 497 -49.89 -23.60 6.32
C TYR D 497 -48.78 -22.67 5.80
N ASP D 498 -47.53 -22.96 6.16
CA ASP D 498 -46.38 -22.22 5.63
C ASP D 498 -45.89 -22.94 4.39
N GLN D 499 -46.01 -22.29 3.23
CA GLN D 499 -45.74 -22.86 1.93
C GLN D 499 -44.42 -22.30 1.41
N LEU D 500 -43.54 -23.20 0.95
CA LEU D 500 -42.14 -22.86 0.71
C LEU D 500 -41.67 -23.28 -0.68
N THR D 501 -40.60 -22.61 -1.12
CA THR D 501 -39.72 -23.03 -2.20
C THR D 501 -38.50 -22.11 -2.15
N THR D 502 -37.55 -22.30 -3.08
CA THR D 502 -36.40 -21.41 -3.15
C THR D 502 -36.20 -20.92 -4.59
N LEU D 503 -35.69 -19.70 -4.72
CA LEU D 503 -35.47 -19.10 -6.04
C LEU D 503 -34.43 -17.97 -6.03
N PRO D 504 -33.16 -18.30 -6.24
CA PRO D 504 -32.14 -17.25 -6.49
C PRO D 504 -32.43 -16.44 -7.75
N MET D 505 -32.51 -15.11 -7.56
CA MET D 505 -32.78 -14.20 -8.66
C MET D 505 -32.16 -12.83 -8.35
N ARG D 506 -31.62 -12.20 -9.38
CA ARG D 506 -30.87 -10.95 -9.25
C ARG D 506 -31.79 -9.75 -9.41
N LEU D 507 -31.59 -8.75 -8.55
CA LEU D 507 -32.47 -7.58 -8.48
C LEU D 507 -31.97 -6.32 -9.18
N ASP D 508 -30.67 -6.18 -9.43
CA ASP D 508 -30.13 -4.94 -9.99
C ASP D 508 -29.66 -5.11 -11.43
N ASP D 509 -29.43 -3.96 -12.08
CA ASP D 509 -28.82 -3.85 -13.41
C ASP D 509 -29.54 -4.65 -14.49
N GLU D 510 -30.77 -5.08 -14.28
CA GLU D 510 -31.32 -6.08 -15.18
C GLU D 510 -32.82 -6.15 -15.05
N PHE D 511 -33.45 -6.67 -16.10
CA PHE D 511 -34.84 -7.03 -15.97
C PHE D 511 -34.84 -8.24 -15.06
N VAL D 512 -35.07 -8.00 -13.77
CA VAL D 512 -35.39 -9.07 -12.86
C VAL D 512 -36.51 -9.82 -13.55
N ASP D 513 -36.43 -11.14 -13.60
CA ASP D 513 -37.36 -11.83 -14.48
C ASP D 513 -38.74 -11.68 -13.85
N LEU D 514 -39.37 -10.54 -14.19
CA LEU D 514 -40.62 -10.13 -13.54
C LEU D 514 -41.67 -11.20 -13.70
N GLU D 515 -41.86 -11.66 -14.94
CA GLU D 515 -42.88 -12.65 -15.22
C GLU D 515 -42.58 -13.95 -14.47
N GLN D 516 -41.31 -14.32 -14.36
CA GLN D 516 -40.97 -15.59 -13.72
C GLN D 516 -41.22 -15.54 -12.22
N LEU D 517 -40.69 -14.50 -11.55
CA LEU D 517 -40.86 -14.39 -10.11
C LEU D 517 -42.33 -14.18 -9.76
N ASN D 518 -43.03 -13.36 -10.55
CA ASN D 518 -44.46 -13.14 -10.35
C ASN D 518 -45.23 -14.47 -10.44
N GLN D 519 -44.91 -15.25 -11.47
CA GLN D 519 -45.53 -16.56 -11.64
C GLN D 519 -45.24 -17.46 -10.44
N ALA D 520 -43.96 -17.50 -10.00
CA ALA D 520 -43.59 -18.37 -8.89
C ALA D 520 -44.35 -18.02 -7.62
N LEU D 521 -44.55 -16.72 -7.37
CA LEU D 521 -45.33 -16.34 -6.19
C LEU D 521 -46.77 -16.85 -6.30
N GLN D 522 -47.34 -16.77 -7.50
CA GLN D 522 -48.69 -17.33 -7.62
C GLN D 522 -48.69 -18.86 -7.55
N GLN D 523 -47.59 -19.49 -7.95
CA GLN D 523 -47.47 -20.95 -7.81
C GLN D 523 -47.48 -21.34 -6.34
N LEU D 524 -46.79 -20.57 -5.51
CA LEU D 524 -46.84 -20.81 -4.06
C LEU D 524 -48.24 -20.58 -3.52
N ARG D 525 -48.94 -19.56 -4.02
CA ARG D 525 -50.31 -19.33 -3.55
C ARG D 525 -51.23 -20.50 -3.86
N GLU D 526 -51.15 -21.03 -5.09
CA GLU D 526 -52.03 -22.15 -5.45
C GLU D 526 -51.68 -23.42 -4.68
N ARG D 527 -50.38 -23.70 -4.53
CA ARG D 527 -49.98 -24.87 -3.75
C ARG D 527 -50.51 -24.77 -2.33
N GLY D 528 -50.44 -23.59 -1.71
CA GLY D 528 -51.00 -23.43 -0.37
C GLY D 528 -52.51 -23.56 -0.33
N MET D 529 -53.21 -22.92 -1.27
CA MET D 529 -54.67 -22.97 -1.29
C MET D 529 -55.20 -24.39 -1.39
N THR D 530 -54.49 -25.26 -2.11
CA THR D 530 -54.94 -26.63 -2.23
C THR D 530 -54.87 -27.39 -0.89
N ASN D 531 -53.99 -26.98 0.02
CA ASN D 531 -53.85 -27.64 1.32
C ASN D 531 -55.15 -27.69 2.11
N LEU D 532 -55.94 -26.61 2.06
CA LEU D 532 -57.13 -26.46 2.88
C LEU D 532 -58.21 -27.51 2.63
N ARG D 533 -58.19 -28.16 1.46
CA ARG D 533 -59.22 -29.13 1.08
C ARG D 533 -59.53 -30.16 2.16
N ASP D 534 -58.55 -30.55 2.97
CA ASP D 534 -58.71 -31.68 3.89
C ASP D 534 -58.96 -31.28 5.35
N ASP D 535 -58.86 -29.99 5.70
CA ASP D 535 -59.15 -29.62 7.08
C ASP D 535 -60.64 -29.38 7.30
N GLY D 536 -61.30 -28.80 6.32
CA GLY D 536 -62.67 -28.33 6.48
C GLY D 536 -62.68 -26.83 6.30
N PHE D 537 -63.21 -26.38 5.16
CA PHE D 537 -63.13 -24.97 4.80
C PHE D 537 -64.28 -24.23 5.45
N GLY D 538 -63.96 -23.29 6.35
CA GLY D 538 -64.95 -22.53 7.08
C GLY D 538 -66.02 -21.97 6.17
N GLY D 539 -67.28 -22.12 6.57
CA GLY D 539 -68.37 -21.74 5.71
C GLY D 539 -68.28 -20.28 5.31
N ASP D 540 -68.04 -20.05 4.01
CA ASP D 540 -67.75 -18.71 3.49
C ASP D 540 -66.64 -18.01 4.28
N ASN D 541 -65.58 -18.76 4.60
CA ASN D 541 -64.48 -18.20 5.39
C ASN D 541 -63.38 -17.64 4.51
N ARG D 542 -63.01 -16.40 4.79
CA ARG D 542 -61.99 -15.66 4.05
C ARG D 542 -60.61 -15.87 4.68
N ILE D 543 -59.62 -16.07 3.82
CA ILE D 543 -58.24 -16.39 4.22
C ILE D 543 -57.27 -15.38 3.62
N GLU D 544 -56.03 -15.39 4.13
CA GLU D 544 -55.00 -14.41 3.82
C GLU D 544 -53.70 -15.09 3.39
N CYS D 545 -53.01 -14.50 2.41
CA CYS D 545 -51.65 -14.89 2.02
C CYS D 545 -50.73 -13.71 2.33
N GLN D 546 -49.88 -13.87 3.34
CA GLN D 546 -48.85 -12.90 3.68
C GLN D 546 -47.54 -13.41 3.14
N TYR D 547 -46.85 -12.62 2.33
CA TYR D 547 -45.69 -13.11 1.63
C TYR D 547 -44.41 -12.69 2.33
N SER D 548 -43.41 -13.58 2.28
CA SER D 548 -42.08 -13.29 2.80
C SER D 548 -41.06 -13.74 1.78
N LEU D 549 -40.16 -12.83 1.41
CA LEU D 549 -39.04 -13.15 0.54
C LEU D 549 -37.75 -13.06 1.32
N GLU D 550 -36.80 -13.93 1.01
CA GLU D 550 -35.56 -13.98 1.76
C GLU D 550 -34.45 -13.58 0.79
N ILE D 551 -33.91 -12.37 0.97
CA ILE D 551 -32.97 -11.79 0.02
C ILE D 551 -31.71 -11.35 0.76
N ARG D 552 -30.68 -11.02 0.00
CA ARG D 552 -29.37 -10.76 0.55
C ARG D 552 -28.54 -9.96 -0.44
N TYR D 553 -27.53 -9.27 0.11
CA TYR D 553 -26.52 -8.63 -0.71
C TYR D 553 -25.63 -9.69 -1.35
N LEU D 554 -25.08 -9.34 -2.51
CA LEU D 554 -24.16 -10.25 -3.19
C LEU D 554 -23.05 -10.67 -2.25
N GLY D 555 -22.71 -11.95 -2.30
CA GLY D 555 -21.60 -12.48 -1.52
C GLY D 555 -21.90 -12.81 -0.08
N GLN D 556 -23.02 -12.37 0.47
CA GLN D 556 -23.37 -12.81 1.82
C GLN D 556 -23.86 -14.26 1.80
N ILE D 557 -23.92 -14.85 3.00
CA ILE D 557 -24.44 -16.20 3.19
C ILE D 557 -25.87 -16.17 3.71
N HIS D 558 -26.14 -15.34 4.70
CA HIS D 558 -27.39 -15.33 5.44
C HIS D 558 -28.37 -14.36 4.80
N GLU D 559 -29.64 -14.77 4.69
CA GLU D 559 -30.64 -13.94 4.06
C GLU D 559 -31.20 -12.94 5.05
N CYS D 560 -32.19 -12.18 4.60
CA CYS D 560 -33.02 -11.34 5.44
C CYS D 560 -34.43 -11.37 4.87
N SER D 561 -35.42 -11.34 5.77
CA SER D 561 -36.81 -11.42 5.36
C SER D 561 -37.32 -10.05 4.92
N VAL D 562 -38.22 -10.06 3.93
CA VAL D 562 -38.87 -8.86 3.46
C VAL D 562 -40.36 -9.17 3.29
N GLU D 563 -41.19 -8.24 3.76
CA GLU D 563 -42.64 -8.35 3.69
C GLU D 563 -43.17 -8.15 2.29
N LEU D 564 -44.25 -8.84 1.96
CA LEU D 564 -44.99 -8.58 0.73
C LEU D 564 -46.47 -8.72 1.04
N SER D 565 -47.21 -7.64 0.81
CA SER D 565 -48.62 -7.56 1.18
C SER D 565 -49.54 -7.92 0.02
N CYS D 566 -49.38 -7.26 -1.12
CA CYS D 566 -50.23 -7.48 -2.27
C CYS D 566 -49.90 -8.81 -2.95
N ASP D 567 -50.90 -9.36 -3.65
CA ASP D 567 -50.76 -10.68 -4.23
C ASP D 567 -49.97 -10.67 -5.53
N ARG D 568 -49.61 -9.48 -6.03
CA ARG D 568 -48.68 -9.36 -7.16
C ARG D 568 -47.79 -8.14 -6.96
N LEU D 569 -46.64 -8.17 -7.63
CA LEU D 569 -45.57 -7.19 -7.48
C LEU D 569 -44.94 -6.98 -8.84
N ASP D 570 -44.62 -5.74 -9.19
CA ASP D 570 -43.95 -5.51 -10.47
C ASP D 570 -43.04 -4.29 -10.35
N ARG D 571 -42.63 -3.75 -11.52
CA ARG D 571 -41.56 -2.76 -11.59
C ARG D 571 -41.83 -1.57 -10.67
N SER D 572 -43.07 -1.08 -10.65
CA SER D 572 -43.41 0.04 -9.80
C SER D 572 -43.33 -0.28 -8.31
N SER D 573 -43.16 -1.55 -7.93
CA SER D 573 -43.08 -1.91 -6.53
C SER D 573 -41.97 -2.90 -6.17
N LEU D 574 -41.19 -3.38 -7.14
CA LEU D 574 -40.03 -4.21 -6.83
C LEU D 574 -38.98 -3.39 -6.08
N ALA D 575 -38.66 -2.21 -6.61
CA ALA D 575 -37.72 -1.32 -5.94
C ALA D 575 -38.18 -0.99 -4.53
N ALA D 576 -39.48 -0.87 -4.31
CA ALA D 576 -39.97 -0.60 -2.96
C ALA D 576 -39.68 -1.78 -2.02
N LEU D 577 -39.85 -3.02 -2.51
CA LEU D 577 -39.41 -4.18 -1.77
C LEU D 577 -37.93 -4.04 -1.38
N ARG D 578 -37.12 -3.64 -2.37
CA ARG D 578 -35.69 -3.49 -2.16
C ARG D 578 -35.37 -2.41 -1.12
N GLU D 579 -36.01 -1.24 -1.22
CA GLU D 579 -35.82 -0.17 -0.25
C GLU D 579 -36.20 -0.63 1.15
N SER D 580 -37.36 -1.28 1.27
CA SER D 580 -37.78 -1.86 2.54
C SER D 580 -36.72 -2.80 3.09
N PHE D 581 -36.14 -3.62 2.21
CA PHE D 581 -35.07 -4.53 2.62
C PHE D 581 -33.90 -3.74 3.22
N HIS D 582 -33.43 -2.74 2.48
CA HIS D 582 -32.29 -1.96 2.95
C HIS D 582 -32.56 -1.40 4.33
N GLN D 583 -33.70 -0.69 4.47
CA GLN D 583 -34.06 -0.06 5.73
C GLN D 583 -34.14 -1.06 6.89
N ARG D 584 -34.83 -2.18 6.69
CA ARG D 584 -34.94 -3.16 7.77
C ARG D 584 -33.58 -3.73 8.13
N HIS D 585 -32.76 -4.07 7.13
CA HIS D 585 -31.41 -4.55 7.43
C HIS D 585 -30.62 -3.53 8.23
N LYS D 586 -30.71 -2.25 7.86
CA LYS D 586 -30.14 -1.18 8.68
C LYS D 586 -30.60 -1.32 10.13
N ALA D 587 -31.92 -1.37 10.33
CA ALA D 587 -32.46 -1.43 11.69
C ALA D 587 -31.99 -2.67 12.45
N LEU D 588 -31.71 -3.77 11.73
CA LEU D 588 -31.32 -5.01 12.39
C LEU D 588 -29.83 -5.15 12.63
N PHE D 589 -28.98 -4.43 11.91
CA PHE D 589 -27.55 -4.70 12.01
C PHE D 589 -26.70 -3.50 12.41
N SER D 590 -26.86 -2.35 11.77
CA SER D 590 -26.12 -1.15 12.17
C SER D 590 -26.74 0.06 11.47
N TYR D 591 -26.14 1.23 11.67
CA TYR D 591 -26.78 2.50 11.35
C TYR D 591 -26.67 2.90 9.88
N SER D 592 -25.98 2.13 9.02
CA SER D 592 -25.91 2.46 7.59
C SER D 592 -25.46 1.27 6.75
N GLU D 593 -26.36 0.65 5.92
CA GLU D 593 -25.90 -0.51 5.15
C GLU D 593 -26.27 -0.74 3.67
N PRO D 594 -26.39 0.28 2.77
CA PRO D 594 -26.84 -0.03 1.39
C PRO D 594 -25.80 0.00 0.27
N ASN D 595 -25.53 -1.07 -0.52
CA ASN D 595 -24.92 -0.74 -1.82
C ASN D 595 -25.48 -1.44 -3.06
N SER D 596 -25.76 -2.76 -2.99
CA SER D 596 -26.21 -3.49 -4.17
C SER D 596 -26.85 -4.83 -3.80
N PRO D 597 -28.13 -4.84 -3.41
CA PRO D 597 -28.79 -6.01 -2.80
C PRO D 597 -29.21 -7.07 -3.81
N VAL D 598 -28.23 -7.66 -4.50
CA VAL D 598 -28.52 -8.37 -5.75
C VAL D 598 -29.47 -9.53 -5.50
N GLU D 599 -29.11 -10.43 -4.57
CA GLU D 599 -29.61 -11.80 -4.58
C GLU D 599 -30.92 -11.95 -3.82
N LEU D 600 -31.86 -12.68 -4.41
CA LEU D 600 -32.98 -13.31 -3.73
C LEU D 600 -32.65 -14.79 -3.59
N VAL D 601 -33.16 -15.44 -2.54
CA VAL D 601 -32.80 -16.83 -2.29
C VAL D 601 -34.01 -17.75 -2.16
N ASN D 602 -34.87 -17.46 -1.17
CA ASN D 602 -35.96 -18.36 -0.80
C ASN D 602 -37.30 -17.61 -0.85
N LEU D 603 -38.38 -18.37 -1.05
CA LEU D 603 -39.71 -17.79 -1.20
C LEU D 603 -40.73 -18.59 -0.38
N GLU D 604 -41.70 -17.89 0.20
CA GLU D 604 -42.72 -18.51 1.04
C GLU D 604 -43.95 -17.61 1.13
N CYS D 605 -45.13 -18.25 1.29
CA CYS D 605 -46.34 -17.55 1.73
C CYS D 605 -47.00 -18.37 2.84
N SER D 606 -47.57 -17.68 3.83
CA SER D 606 -48.26 -18.32 4.94
C SER D 606 -49.76 -18.15 4.76
N VAL D 607 -50.48 -19.26 4.56
CA VAL D 607 -51.93 -19.27 4.42
C VAL D 607 -52.57 -19.55 5.77
N ILE D 608 -53.49 -18.66 6.19
CA ILE D 608 -54.19 -18.79 7.46
C ILE D 608 -55.69 -18.78 7.25
N ALA D 609 -56.37 -19.72 7.89
CA ALA D 609 -57.82 -19.73 8.00
C ALA D 609 -58.20 -19.28 9.41
N ARG D 610 -58.80 -18.08 9.51
CA ARG D 610 -59.17 -17.42 10.77
C ARG D 610 -60.55 -17.90 11.24
N LEU D 611 -60.57 -18.92 12.11
CA LEU D 611 -61.83 -19.56 12.47
C LEU D 611 -62.21 -19.51 13.94
N GLN D 612 -61.28 -19.34 14.87
CA GLN D 612 -61.60 -19.58 16.28
C GLN D 612 -62.44 -18.45 16.86
N ARG D 613 -63.52 -18.83 17.55
CA ARG D 613 -64.44 -17.86 18.16
C ARG D 613 -64.96 -18.31 19.52
N PRO D 614 -64.08 -18.49 20.51
CA PRO D 614 -64.48 -18.18 21.89
C PRO D 614 -64.05 -16.76 22.23
N PRO D 615 -64.84 -16.03 23.02
CA PRO D 615 -64.48 -14.67 23.41
C PRO D 615 -63.72 -14.61 24.74
N MET D 616 -63.07 -13.46 24.95
CA MET D 616 -62.57 -13.43 26.32
C MET D 616 -63.64 -12.82 27.23
N PRO D 617 -63.77 -13.34 28.45
CA PRO D 617 -64.78 -12.84 29.38
C PRO D 617 -64.41 -11.48 29.97
N GLU D 618 -65.40 -10.88 30.65
CA GLU D 618 -65.22 -9.56 31.24
C GLU D 618 -66.04 -9.44 32.52
N LEU D 619 -65.56 -8.58 33.43
CA LEU D 619 -66.16 -8.35 34.75
C LEU D 619 -66.69 -6.91 34.84
N ALA D 620 -67.27 -6.58 35.99
CA ALA D 620 -67.73 -5.22 36.27
C ALA D 620 -67.88 -5.03 37.78
N THR D 621 -68.00 -3.77 38.19
CA THR D 621 -67.99 -3.38 39.61
C THR D 621 -68.94 -2.23 39.94
N PRO D 622 -69.67 -2.32 41.06
CA PRO D 622 -70.42 -1.17 41.57
C PRO D 622 -69.77 -0.36 42.69
N LEU D 623 -68.54 -0.66 43.11
CA LEU D 623 -67.95 0.01 44.26
C LEU D 623 -66.43 0.03 44.15
N LYS D 624 -65.81 1.05 44.77
CA LYS D 624 -64.38 1.28 44.60
C LYS D 624 -63.63 1.36 45.93
N ALA D 625 -64.22 0.84 47.01
CA ALA D 625 -63.81 1.19 48.37
C ALA D 625 -62.64 0.38 48.92
N THR D 626 -61.99 -0.46 48.14
CA THR D 626 -60.94 -1.36 48.64
C THR D 626 -61.39 -2.07 49.92
N ALA D 627 -62.43 -2.89 49.78
CA ALA D 627 -63.17 -3.32 50.97
C ALA D 627 -62.36 -4.28 51.83
N ALA D 628 -61.83 -5.36 51.24
CA ALA D 628 -61.15 -6.37 52.04
C ALA D 628 -59.76 -6.69 51.49
N ILE D 629 -59.15 -5.78 50.74
CA ILE D 629 -57.92 -6.11 50.04
C ILE D 629 -56.63 -5.97 50.85
N PRO D 630 -56.36 -4.83 51.53
CA PRO D 630 -55.04 -4.69 52.18
C PRO D 630 -54.86 -5.58 53.40
N ALA D 631 -54.58 -6.87 53.19
CA ALA D 631 -54.52 -7.87 54.26
C ALA D 631 -53.19 -7.75 55.00
N GLY D 632 -53.13 -6.78 55.91
CA GLY D 632 -51.96 -6.63 56.77
C GLY D 632 -50.75 -6.04 56.04
N HIS D 633 -49.63 -6.03 56.76
CA HIS D 633 -48.37 -5.47 56.28
C HIS D 633 -47.26 -6.48 56.54
N ARG D 634 -46.22 -6.46 55.70
CA ARG D 634 -45.10 -7.37 55.85
C ARG D 634 -43.78 -6.63 55.64
N PRO D 635 -42.75 -6.94 56.44
CA PRO D 635 -41.44 -6.30 56.23
C PRO D 635 -40.70 -6.83 55.01
N MET D 636 -40.62 -6.05 53.95
CA MET D 636 -39.87 -6.46 52.76
C MET D 636 -38.80 -5.44 52.40
N LEU D 637 -37.72 -5.98 51.84
CA LEU D 637 -36.53 -5.26 51.42
C LEU D 637 -36.36 -5.34 49.90
N PHE D 638 -36.42 -4.20 49.24
CA PHE D 638 -35.84 -4.05 47.91
C PHE D 638 -34.50 -3.37 48.12
N ASN D 639 -33.43 -3.94 47.56
CA ASN D 639 -32.10 -3.41 47.84
C ASN D 639 -31.96 -1.97 47.38
N ALA D 640 -32.77 -1.53 46.41
CA ALA D 640 -32.66 -0.18 45.90
C ALA D 640 -33.22 0.85 46.86
N GLN D 641 -33.93 0.40 47.89
CA GLN D 641 -34.47 1.25 48.95
C GLN D 641 -33.50 1.29 50.14
N ASP D 642 -33.14 0.12 50.66
CA ASP D 642 -32.22 -0.04 51.79
C ASP D 642 -32.83 0.44 53.11
N ASP D 643 -34.13 0.24 53.29
CA ASP D 643 -34.74 0.57 54.57
C ASP D 643 -35.78 -0.42 55.10
N TRP D 644 -36.03 -1.53 54.40
CA TRP D 644 -36.97 -2.58 54.87
C TRP D 644 -38.37 -2.01 55.16
N GLN D 645 -39.05 -1.59 54.10
CA GLN D 645 -40.36 -1.00 54.35
C GLN D 645 -41.34 -2.05 54.87
N ASP D 646 -42.21 -1.61 55.79
CA ASP D 646 -43.40 -2.36 56.13
C ASP D 646 -44.34 -2.17 54.96
N THR D 647 -44.27 -3.06 53.98
CA THR D 647 -45.03 -2.86 52.77
C THR D 647 -46.31 -3.67 52.80
N PRO D 648 -47.44 -3.08 52.36
CA PRO D 648 -48.71 -3.78 52.46
C PRO D 648 -48.80 -4.91 51.45
N VAL D 649 -49.63 -5.90 51.79
CA VAL D 649 -49.87 -7.05 50.94
C VAL D 649 -51.36 -7.14 50.69
N TYR D 650 -51.75 -7.22 49.42
CA TYR D 650 -53.15 -7.20 49.02
C TYR D 650 -53.52 -8.58 48.47
N ASN D 651 -54.77 -8.98 48.67
CA ASN D 651 -55.27 -10.26 48.19
C ASN D 651 -55.83 -10.08 46.78
N GLY D 652 -55.21 -10.73 45.80
CA GLY D 652 -55.53 -10.55 44.40
C GLY D 652 -56.90 -11.06 43.97
N ASP D 653 -57.57 -11.85 44.81
CA ASP D 653 -58.86 -12.43 44.47
C ASP D 653 -60.03 -11.58 44.97
N ARG D 654 -59.79 -10.62 45.86
CA ARG D 654 -60.84 -9.74 46.33
C ARG D 654 -60.79 -8.36 45.68
N ILE D 655 -59.85 -8.13 44.78
CA ILE D 655 -59.78 -6.86 44.06
C ILE D 655 -60.95 -6.82 43.09
N GLU D 656 -61.92 -5.95 43.34
CA GLU D 656 -62.95 -5.73 42.33
C GLU D 656 -62.35 -4.99 41.14
N VAL D 657 -62.95 -5.18 39.97
CA VAL D 657 -62.43 -4.57 38.75
C VAL D 657 -62.36 -3.06 38.88
N GLY D 658 -61.23 -2.50 38.45
CA GLY D 658 -60.86 -1.15 38.84
C GLY D 658 -59.81 -1.21 39.94
N GLN D 659 -60.03 -0.43 41.00
CA GLN D 659 -59.38 -0.69 42.29
C GLN D 659 -57.85 -0.64 42.18
N ILE D 660 -57.34 0.54 41.85
CA ILE D 660 -55.90 0.73 41.69
C ILE D 660 -55.20 0.52 43.04
N ILE D 661 -54.17 -0.34 43.05
CA ILE D 661 -53.46 -0.61 44.30
C ILE D 661 -52.28 0.35 44.40
N GLN D 662 -51.87 0.63 45.64
CA GLN D 662 -50.93 1.70 45.95
C GLN D 662 -49.49 1.21 46.02
N GLY D 663 -48.63 1.82 45.19
CA GLY D 663 -47.19 1.73 45.30
C GLY D 663 -46.63 0.33 45.48
N PRO D 664 -45.56 0.21 46.28
CA PRO D 664 -44.95 -1.10 46.48
C PRO D 664 -45.90 -2.01 47.25
N CYS D 665 -46.02 -3.25 46.78
CA CYS D 665 -46.94 -4.18 47.43
C CYS D 665 -46.64 -5.60 46.99
N VAL D 666 -47.35 -6.53 47.62
CA VAL D 666 -47.44 -7.91 47.16
C VAL D 666 -48.91 -8.20 46.92
N ILE D 667 -49.21 -8.76 45.75
CA ILE D 667 -50.54 -9.18 45.38
C ILE D 667 -50.52 -10.69 45.42
N GLU D 668 -51.17 -11.27 46.42
CA GLU D 668 -51.18 -12.72 46.60
C GLU D 668 -52.48 -13.30 46.07
N GLU D 669 -52.37 -14.30 45.20
CA GLU D 669 -53.51 -15.10 44.82
C GLU D 669 -53.25 -16.55 45.23
N ALA D 670 -54.33 -17.33 45.27
CA ALA D 670 -54.20 -18.76 45.50
C ALA D 670 -53.30 -19.43 44.48
N THR D 671 -53.15 -18.84 43.29
CA THR D 671 -52.34 -19.43 42.24
C THR D 671 -50.89 -18.95 42.29
N THR D 672 -50.68 -17.64 42.38
CA THR D 672 -49.33 -17.09 42.22
C THR D 672 -49.18 -15.83 43.08
N ASN D 673 -48.04 -15.16 42.93
CA ASN D 673 -47.65 -14.01 43.73
C ASN D 673 -47.09 -12.95 42.79
N ILE D 674 -47.64 -11.74 42.88
CA ILE D 674 -47.28 -10.64 41.99
C ILE D 674 -46.55 -9.61 42.84
N LEU D 675 -45.32 -9.28 42.46
CA LEU D 675 -44.57 -8.26 43.16
C LEU D 675 -44.82 -6.88 42.56
N VAL D 676 -44.70 -5.86 43.40
CA VAL D 676 -44.81 -4.47 42.94
C VAL D 676 -43.72 -3.62 43.59
N PRO D 677 -42.65 -3.30 42.88
CA PRO D 677 -41.60 -2.47 43.45
C PRO D 677 -42.10 -1.07 43.70
N PRO D 678 -41.45 -0.31 44.59
CA PRO D 678 -41.87 1.08 44.80
C PRO D 678 -41.81 1.86 43.49
N GLY D 679 -42.74 2.80 43.34
CA GLY D 679 -42.86 3.54 42.11
C GLY D 679 -43.85 2.97 41.12
N TRP D 680 -44.45 1.83 41.44
CA TRP D 680 -45.40 1.14 40.57
C TRP D 680 -46.80 1.11 41.17
N ARG D 681 -47.79 1.00 40.29
CA ARG D 681 -49.20 1.01 40.65
C ARG D 681 -49.94 -0.04 39.80
N VAL D 682 -50.87 -0.78 40.42
CA VAL D 682 -51.47 -1.96 39.81
C VAL D 682 -52.99 -1.94 39.96
N SER D 683 -53.71 -2.34 38.90
CA SER D 683 -55.15 -2.53 39.00
C SER D 683 -55.60 -3.67 38.08
N LEU D 684 -56.83 -4.15 38.31
CA LEU D 684 -57.37 -5.36 37.68
C LEU D 684 -58.40 -5.03 36.58
N ASP D 685 -58.01 -5.28 35.33
CA ASP D 685 -58.86 -5.00 34.17
C ASP D 685 -60.02 -6.01 34.06
N PRO D 686 -61.15 -5.60 33.47
CA PRO D 686 -62.29 -6.53 33.31
C PRO D 686 -61.95 -7.84 32.62
N SER D 687 -60.95 -7.86 31.73
CA SER D 687 -60.60 -9.08 31.01
C SER D 687 -59.74 -10.03 31.83
N ALA D 688 -59.69 -9.84 33.15
CA ALA D 688 -58.92 -10.68 34.07
C ALA D 688 -57.42 -10.61 33.77
N THR D 689 -56.92 -9.38 33.62
CA THR D 689 -55.50 -9.11 33.47
C THR D 689 -55.13 -7.93 34.34
N TYR D 690 -54.06 -8.05 35.10
CA TYR D 690 -53.57 -6.95 35.91
C TYR D 690 -52.72 -6.01 35.06
N GLU D 691 -53.10 -4.73 35.04
CA GLU D 691 -52.36 -3.67 34.37
C GLU D 691 -51.49 -2.97 35.40
N LEU D 692 -50.18 -2.95 35.15
CA LEU D 692 -49.19 -2.40 36.05
C LEU D 692 -48.47 -1.25 35.34
N THR D 693 -48.46 -0.08 35.97
CA THR D 693 -47.93 1.16 35.40
C THR D 693 -47.16 1.91 36.49
N PRO D 694 -45.98 2.45 36.17
CA PRO D 694 -45.19 3.15 37.18
C PRO D 694 -45.80 4.51 37.53
N GLY D 695 -46.82 4.52 38.39
CA GLY D 695 -47.54 5.75 38.66
C GLY D 695 -46.91 6.72 39.63
N HIS D 696 -45.75 6.42 40.22
CA HIS D 696 -45.09 7.38 41.09
C HIS D 696 -43.99 8.14 40.36
#